data_5JDX
#
_entry.id   5JDX
#
loop_
_entity.id
_entity.type
_entity.pdbx_description
1 polymer 'Putative peptidyl carrier protein'
2 non-polymer "4'-PHOSPHOPANTETHEINE"
#
_entity_poly.entity_id   1
_entity_poly.type   'polypeptide(L)'
_entity_poly.pdbx_seq_one_letter_code
;MLESKLINHIATQFLDGEKDGLDSQTPLFELNIVDSAAIFDLVDFLRQESKVSIGMQEIHPANFATVQSMVALVQRLKAH
PEQGGAALE
;
_entity_poly.pdbx_strand_id   A
#
loop_
_chem_comp.id
_chem_comp.type
_chem_comp.name
_chem_comp.formula
PNS non-polymer 4'-PHOSPHOPANTETHEINE 'C11 H23 N2 O7 P S'
#
# COMPACT_ATOMS: atom_id res chain seq x y z
N MET A 1 -6.43 -9.12 9.46
CA MET A 1 -7.09 -7.86 9.90
C MET A 1 -6.17 -6.65 9.70
N LEU A 2 -4.88 -6.89 9.49
CA LEU A 2 -3.86 -5.84 9.24
C LEU A 2 -4.17 -5.11 7.92
N GLU A 3 -4.78 -5.86 7.01
CA GLU A 3 -5.16 -5.44 5.67
C GLU A 3 -6.31 -4.40 5.72
N SER A 4 -7.19 -4.54 6.73
CA SER A 4 -8.29 -3.58 6.95
C SER A 4 -7.79 -2.36 7.76
N LYS A 5 -6.62 -2.48 8.43
CA LYS A 5 -6.02 -1.39 9.21
C LYS A 5 -5.42 -0.30 8.30
N LEU A 6 -4.84 -0.72 7.15
CA LEU A 6 -4.32 0.22 6.13
C LEU A 6 -5.50 0.92 5.40
N ILE A 7 -6.65 0.21 5.31
CA ILE A 7 -7.88 0.75 4.72
C ILE A 7 -8.43 1.89 5.58
N ASN A 8 -8.80 1.57 6.83
CA ASN A 8 -9.50 2.51 7.74
C ASN A 8 -8.63 3.74 8.06
N HIS A 9 -7.30 3.56 7.91
CA HIS A 9 -6.31 4.65 8.06
C HIS A 9 -6.68 5.82 7.11
N ILE A 10 -6.65 5.57 5.78
CA ILE A 10 -6.95 6.63 4.78
C ILE A 10 -8.45 6.78 4.52
N ALA A 11 -9.26 5.73 4.79
CA ALA A 11 -10.74 5.80 4.77
C ALA A 11 -11.28 6.97 5.63
N THR A 12 -10.47 7.43 6.60
CA THR A 12 -10.78 8.60 7.44
C THR A 12 -10.73 9.90 6.60
N GLN A 13 -9.58 10.11 5.93
CA GLN A 13 -9.31 11.35 5.15
C GLN A 13 -9.97 11.31 3.77
N PHE A 14 -10.30 10.09 3.31
CA PHE A 14 -10.81 9.85 1.95
C PHE A 14 -12.33 9.66 1.97
N LEU A 15 -12.87 9.02 3.01
CA LEU A 15 -14.29 8.61 3.04
C LEU A 15 -15.01 9.10 4.32
N ASP A 16 -14.40 10.09 5.03
CA ASP A 16 -15.01 10.69 6.26
C ASP A 16 -15.03 9.67 7.43
N GLY A 17 -14.17 8.65 7.36
CA GLY A 17 -14.12 7.59 8.37
C GLY A 17 -15.03 6.41 8.08
N GLU A 18 -15.71 6.43 6.91
CA GLU A 18 -16.64 5.37 6.48
C GLU A 18 -15.87 4.39 5.58
N LYS A 19 -16.24 3.10 5.59
CA LYS A 19 -15.72 2.12 4.63
C LYS A 19 -16.79 1.79 3.59
N ASP A 20 -16.59 2.24 2.36
CA ASP A 20 -17.50 1.94 1.24
C ASP A 20 -16.79 2.20 -0.10
N GLY A 21 -16.59 1.13 -0.89
CA GLY A 21 -15.83 1.17 -2.14
C GLY A 21 -14.34 0.90 -1.93
N LEU A 22 -13.92 0.98 -0.66
CA LEU A 22 -12.53 0.84 -0.25
C LEU A 22 -12.43 -0.24 0.82
N ASP A 23 -11.83 -1.36 0.43
CA ASP A 23 -11.41 -2.42 1.35
C ASP A 23 -10.35 -3.29 0.63
N SER A 24 -9.78 -4.26 1.35
CA SER A 24 -8.58 -4.99 0.91
C SER A 24 -8.83 -5.78 -0.40
N GLN A 25 -9.95 -6.52 -0.46
CA GLN A 25 -10.28 -7.38 -1.61
C GLN A 25 -11.14 -6.63 -2.64
N THR A 26 -11.54 -5.41 -2.28
CA THR A 26 -12.29 -4.53 -3.16
C THR A 26 -11.35 -3.95 -4.24
N PRO A 27 -11.76 -3.95 -5.56
CA PRO A 27 -10.91 -3.45 -6.65
C PRO A 27 -10.72 -1.93 -6.56
N LEU A 28 -9.56 -1.52 -6.02
CA LEU A 28 -9.22 -0.11 -5.79
C LEU A 28 -9.09 0.64 -7.13
N PHE A 29 -8.73 -0.10 -8.19
CA PHE A 29 -8.58 0.42 -9.56
C PHE A 29 -9.93 0.60 -10.26
N GLU A 30 -10.76 -0.46 -10.27
CA GLU A 30 -12.05 -0.46 -11.00
C GLU A 30 -13.02 0.59 -10.44
N LEU A 31 -12.93 0.83 -9.12
CA LEU A 31 -13.77 1.81 -8.42
C LEU A 31 -13.03 3.15 -8.26
N ASN A 32 -11.69 3.12 -8.44
CA ASN A 32 -10.80 4.32 -8.50
C ASN A 32 -10.87 5.15 -7.18
N ILE A 33 -11.14 4.45 -6.06
CA ILE A 33 -11.42 5.10 -4.77
C ILE A 33 -10.16 5.74 -4.18
N VAL A 34 -9.09 4.95 -4.09
CA VAL A 34 -7.81 5.42 -3.54
C VAL A 34 -7.02 6.16 -4.64
N ASP A 35 -6.47 7.31 -4.27
CA ASP A 35 -5.56 8.07 -5.14
C ASP A 35 -4.14 7.57 -4.97
N SER A 36 -3.28 7.95 -5.93
CA SER A 36 -1.86 7.60 -5.89
C SER A 36 -1.16 8.29 -4.69
N ALA A 37 -1.75 9.42 -4.25
CA ALA A 37 -1.31 10.19 -3.07
C ALA A 37 -1.31 9.34 -1.78
N ALA A 38 -2.39 8.55 -1.58
CA ALA A 38 -2.54 7.68 -0.39
C ALA A 38 -1.72 6.41 -0.51
N ILE A 39 -1.27 6.07 -1.75
CA ILE A 39 -0.37 4.92 -1.98
C ILE A 39 0.92 5.10 -1.18
N PHE A 40 1.42 6.35 -1.13
CA PHE A 40 2.62 6.72 -0.34
C PHE A 40 2.43 6.39 1.16
N ASP A 41 1.19 6.49 1.64
CA ASP A 41 0.82 6.17 3.04
C ASP A 41 0.74 4.64 3.22
N LEU A 42 0.03 3.95 2.30
CA LEU A 42 -0.15 2.48 2.30
C LEU A 42 1.21 1.76 2.25
N VAL A 43 2.15 2.41 1.55
CA VAL A 43 3.57 2.01 1.49
C VAL A 43 4.16 1.94 2.88
N ASP A 44 4.11 3.09 3.60
CA ASP A 44 4.79 3.23 4.91
C ASP A 44 4.31 2.17 5.87
N PHE A 45 3.02 1.86 5.77
CA PHE A 45 2.37 0.86 6.60
C PHE A 45 3.00 -0.54 6.34
N LEU A 46 3.02 -0.96 5.06
CA LEU A 46 3.50 -2.30 4.63
C LEU A 46 5.00 -2.50 4.91
N ARG A 47 5.82 -1.52 4.49
CA ARG A 47 7.29 -1.59 4.63
C ARG A 47 7.69 -1.59 6.13
N GLN A 48 6.91 -0.87 6.96
CA GLN A 48 7.16 -0.76 8.40
C GLN A 48 6.94 -2.09 9.10
N GLU A 49 5.76 -2.71 8.83
CA GLU A 49 5.37 -4.00 9.43
C GLU A 49 6.31 -5.12 8.97
N SER A 50 6.62 -5.12 7.66
CA SER A 50 7.48 -6.14 7.04
C SER A 50 9.00 -5.83 7.25
N LYS A 51 9.30 -4.67 7.91
CA LYS A 51 10.66 -4.27 8.32
C LYS A 51 11.62 -4.07 7.13
N VAL A 52 11.03 -3.78 5.96
CA VAL A 52 11.75 -3.58 4.68
C VAL A 52 11.64 -2.13 4.21
N SER A 53 12.48 -1.78 3.23
CA SER A 53 12.40 -0.51 2.48
C SER A 53 11.91 -0.77 1.04
N ILE A 54 11.21 0.21 0.47
CA ILE A 54 10.82 0.23 -0.96
C ILE A 54 11.18 1.62 -1.54
N GLY A 55 11.54 1.67 -2.84
CA GLY A 55 11.86 2.93 -3.51
C GLY A 55 10.62 3.63 -4.06
N MET A 56 10.68 4.98 -4.15
CA MET A 56 9.60 5.83 -4.72
C MET A 56 9.28 5.44 -6.19
N GLN A 57 10.33 4.93 -6.87
CA GLN A 57 10.26 4.39 -8.24
C GLN A 57 9.28 3.19 -8.36
N GLU A 58 9.19 2.40 -7.28
CA GLU A 58 8.35 1.19 -7.21
C GLU A 58 6.97 1.54 -6.60
N ILE A 59 6.93 2.65 -5.83
CA ILE A 59 5.69 3.21 -5.24
C ILE A 59 4.81 3.82 -6.35
N HIS A 60 3.95 2.99 -6.93
CA HIS A 60 2.87 3.44 -7.81
C HIS A 60 1.63 2.55 -7.59
N PRO A 61 0.38 3.09 -7.82
CA PRO A 61 -0.89 2.37 -7.51
C PRO A 61 -1.08 1.06 -8.33
N ALA A 62 -0.38 0.93 -9.48
CA ALA A 62 -0.44 -0.30 -10.32
C ALA A 62 -0.05 -1.55 -9.52
N ASN A 63 0.88 -1.39 -8.57
CA ASN A 63 1.36 -2.46 -7.68
C ASN A 63 0.50 -2.57 -6.42
N PHE A 64 -0.25 -1.51 -6.10
CA PHE A 64 -1.15 -1.43 -4.92
C PHE A 64 -2.62 -1.50 -5.38
N ALA A 65 -2.85 -2.10 -6.57
CA ALA A 65 -4.19 -2.19 -7.23
C ALA A 65 -5.24 -2.87 -6.33
N THR A 66 -4.78 -3.88 -5.55
CA THR A 66 -5.60 -4.61 -4.56
C THR A 66 -4.65 -5.11 -3.44
N VAL A 67 -5.23 -5.78 -2.40
CA VAL A 67 -4.43 -6.37 -1.30
C VAL A 67 -3.47 -7.45 -1.83
N GLN A 68 -3.97 -8.28 -2.76
CA GLN A 68 -3.22 -9.42 -3.31
C GLN A 68 -2.06 -8.94 -4.20
N SER A 69 -2.23 -7.75 -4.82
CA SER A 69 -1.20 -7.09 -5.64
C SER A 69 -0.07 -6.54 -4.73
N MET A 70 -0.48 -5.76 -3.70
CA MET A 70 0.44 -4.98 -2.85
C MET A 70 1.20 -5.89 -1.87
N VAL A 71 0.56 -7.00 -1.45
CA VAL A 71 1.16 -8.01 -0.53
C VAL A 71 2.33 -8.70 -1.25
N ALA A 72 2.10 -9.01 -2.54
CA ALA A 72 3.00 -9.80 -3.38
C ALA A 72 4.18 -8.94 -3.88
N LEU A 73 3.91 -7.63 -3.97
CA LEU A 73 4.90 -6.59 -4.27
C LEU A 73 5.95 -6.52 -3.15
N VAL A 74 5.49 -6.64 -1.89
CA VAL A 74 6.40 -6.67 -0.74
C VAL A 74 7.17 -8.00 -0.74
N GLN A 75 6.47 -9.11 -1.03
CA GLN A 75 7.05 -10.48 -1.00
C GLN A 75 8.25 -10.66 -1.97
N ARG A 76 8.25 -9.93 -3.10
CA ARG A 76 9.36 -9.99 -4.08
C ARG A 76 10.63 -9.30 -3.53
N LEU A 77 10.48 -8.13 -2.88
CA LEU A 77 11.61 -7.33 -2.36
C LEU A 77 12.14 -7.89 -1.02
N LYS A 78 11.34 -8.78 -0.38
CA LYS A 78 11.71 -9.46 0.89
C LYS A 78 13.03 -10.25 0.76
N ALA A 79 13.22 -10.88 -0.42
CA ALA A 79 14.41 -11.69 -0.72
C ALA A 79 15.65 -10.80 -1.04
N HIS A 80 15.42 -9.48 -1.17
CA HIS A 80 16.50 -8.51 -1.42
C HIS A 80 17.03 -7.94 -0.08
N PRO A 81 18.37 -7.69 0.04
CA PRO A 81 18.98 -7.09 1.25
C PRO A 81 18.67 -5.59 1.38
N GLU A 82 18.97 -4.85 0.30
CA GLU A 82 18.87 -3.40 0.22
C GLU A 82 18.53 -3.00 -1.23
N GLN A 83 17.49 -2.17 -1.38
CA GLN A 83 16.97 -1.76 -2.70
C GLN A 83 16.03 -0.55 -2.55
N GLY A 84 15.97 0.28 -3.60
CA GLY A 84 15.12 1.47 -3.65
C GLY A 84 15.92 2.76 -3.54
N GLY A 85 17.03 2.70 -2.78
CA GLY A 85 17.91 3.85 -2.56
C GLY A 85 18.82 4.14 -3.75
N ALA A 86 18.23 4.70 -4.80
CA ALA A 86 18.95 5.14 -6.02
C ALA A 86 18.89 6.68 -6.07
N ALA A 87 20.09 7.32 -6.01
CA ALA A 87 20.25 8.80 -5.97
C ALA A 87 19.59 9.43 -4.70
N LEU A 88 19.41 8.60 -3.67
CA LEU A 88 18.73 8.99 -2.40
C LEU A 88 19.61 8.61 -1.20
N GLU A 89 19.56 9.44 -0.16
CA GLU A 89 20.19 9.17 1.15
C GLU A 89 19.13 8.52 2.07
P24 PNS B . 0.40 9.91 -7.99
O25 PNS B . 0.27 9.66 -9.45
O26 PNS B . 0.60 11.33 -7.60
O27 PNS B . 1.57 9.03 -7.36
C28 PNS B . 2.00 9.26 -6.02
C29 PNS B . 3.52 9.32 -5.90
C30 PNS B . 4.10 7.97 -6.32
C31 PNS B . 3.89 9.61 -4.45
C32 PNS B . 4.04 10.43 -6.83
O33 PNS B . 3.42 11.69 -6.47
C34 PNS B . 5.58 10.59 -6.78
O35 PNS B . 6.31 9.94 -7.53
N36 PNS B . 6.04 11.49 -5.89
C37 PNS B . 7.46 11.80 -5.66
C38 PNS B . 7.67 12.75 -4.49
C39 PNS B . 7.15 12.21 -3.16
O40 PNS B . 7.87 11.48 -2.46
N41 PNS B . 5.90 12.54 -2.82
C42 PNS B . 5.22 12.11 -1.58
C43 PNS B . 3.71 12.28 -1.65
S44 PNS B . 3.28 14.02 -1.92
H282 PNS B . 1.62 8.46 -5.39
H281 PNS B . 1.56 10.19 -5.68
H303 PNS B . 3.82 7.74 -7.35
H302 PNS B . 5.18 7.99 -6.26
H301 PNS B . 3.72 7.18 -5.67
H313 PNS B . 4.97 9.64 -4.34
H312 PNS B . 3.51 8.81 -3.81
H311 PNS B . 3.47 10.56 -4.13
H32 PNS B . 3.75 10.20 -7.86
H33 PNS B . 2.48 11.67 -6.70
H36 PNS B . 5.39 11.98 -5.35
H372 PNS B . 7.99 10.87 -5.47
H371 PNS B . 7.87 12.24 -6.56
H382 PNS B . 8.74 12.95 -4.39
H381 PNS B . 7.16 13.68 -4.71
H41 PNS B . 5.39 13.12 -3.43
H422 PNS B . 5.60 12.70 -0.75
H421 PNS B . 5.45 11.06 -1.40
H431 PNS B . 3.31 11.70 -2.47
H432 PNS B . 3.26 11.96 -0.72
H44 PNS B . 3.85 14.40 -3.06
N MET A 1 -6.81 -6.70 13.88
CA MET A 1 -6.85 -6.82 12.42
C MET A 1 -6.09 -5.63 11.80
N LEU A 2 -4.97 -5.94 11.10
CA LEU A 2 -4.15 -4.91 10.43
C LEU A 2 -4.77 -4.52 9.06
N GLU A 3 -5.63 -5.41 8.53
CA GLU A 3 -6.39 -5.16 7.30
C GLU A 3 -7.34 -3.97 7.48
N SER A 4 -8.20 -4.07 8.50
CA SER A 4 -9.17 -3.01 8.87
C SER A 4 -8.45 -1.71 9.22
N LYS A 5 -7.25 -1.85 9.79
CA LYS A 5 -6.41 -0.73 10.23
C LYS A 5 -5.92 0.11 9.02
N LEU A 6 -5.39 -0.57 7.96
CA LEU A 6 -4.84 0.12 6.76
C LEU A 6 -5.97 0.75 5.93
N ILE A 7 -7.15 0.07 5.88
CA ILE A 7 -8.32 0.61 5.18
C ILE A 7 -8.81 1.86 5.91
N ASN A 8 -9.19 1.68 7.20
CA ASN A 8 -9.79 2.75 8.04
C ASN A 8 -8.89 3.99 8.11
N HIS A 9 -7.56 3.76 8.02
CA HIS A 9 -6.55 4.84 8.07
C HIS A 9 -6.83 5.93 7.01
N ILE A 10 -6.77 5.55 5.72
CA ILE A 10 -7.04 6.50 4.62
C ILE A 10 -8.55 6.67 4.40
N ALA A 11 -9.36 5.67 4.81
CA ALA A 11 -10.82 5.75 4.78
C ALA A 11 -11.31 6.95 5.59
N THR A 12 -10.48 7.39 6.57
CA THR A 12 -10.76 8.57 7.40
C THR A 12 -10.82 9.84 6.53
N GLN A 13 -9.81 10.00 5.66
CA GLN A 13 -9.63 11.21 4.84
C GLN A 13 -10.36 11.07 3.48
N PHE A 14 -10.54 9.83 3.02
CA PHE A 14 -11.05 9.52 1.68
C PHE A 14 -12.55 9.23 1.71
N LEU A 15 -13.03 8.56 2.76
CA LEU A 15 -14.42 8.02 2.81
C LEU A 15 -15.17 8.54 4.05
N ASP A 16 -14.68 9.67 4.63
CA ASP A 16 -15.33 10.35 5.79
C ASP A 16 -15.19 9.52 7.10
N GLY A 17 -14.29 8.53 7.10
CA GLY A 17 -14.11 7.61 8.23
C GLY A 17 -14.76 6.25 8.01
N GLU A 18 -15.61 6.13 6.98
CA GLU A 18 -16.44 4.94 6.72
C GLU A 18 -15.73 3.99 5.74
N LYS A 19 -16.03 2.69 5.80
CA LYS A 19 -15.59 1.74 4.76
C LYS A 19 -16.73 1.58 3.76
N ASP A 20 -16.55 2.09 2.56
CA ASP A 20 -17.55 1.98 1.50
C ASP A 20 -16.87 2.22 0.13
N GLY A 21 -16.84 1.15 -0.70
CA GLY A 21 -16.16 1.16 -2.00
C GLY A 21 -14.68 0.76 -1.89
N LEU A 22 -14.13 0.84 -0.67
CA LEU A 22 -12.69 0.58 -0.40
C LEU A 22 -12.57 -0.44 0.74
N ASP A 23 -12.09 -1.62 0.35
CA ASP A 23 -11.52 -2.63 1.25
C ASP A 23 -10.22 -3.13 0.61
N SER A 24 -9.43 -3.88 1.38
CA SER A 24 -8.15 -4.42 0.93
C SER A 24 -8.33 -5.36 -0.29
N GLN A 25 -9.37 -6.22 -0.23
CA GLN A 25 -9.66 -7.23 -1.27
C GLN A 25 -10.43 -6.63 -2.45
N THR A 26 -11.01 -5.43 -2.23
CA THR A 26 -11.77 -4.69 -3.24
C THR A 26 -10.81 -4.10 -4.30
N PRO A 27 -11.16 -4.18 -5.64
CA PRO A 27 -10.33 -3.61 -6.71
C PRO A 27 -10.29 -2.08 -6.63
N LEU A 28 -9.23 -1.58 -6.00
CA LEU A 28 -9.09 -0.16 -5.63
C LEU A 28 -9.13 0.78 -6.86
N PHE A 29 -8.25 0.53 -7.85
CA PHE A 29 -8.11 1.40 -9.03
C PHE A 29 -9.03 1.00 -10.19
N GLU A 30 -9.59 -0.23 -10.18
CA GLU A 30 -10.66 -0.61 -11.12
C GLU A 30 -11.93 0.19 -10.81
N LEU A 31 -12.20 0.38 -9.50
CA LEU A 31 -13.31 1.24 -9.03
C LEU A 31 -12.81 2.70 -8.84
N ASN A 32 -11.47 2.86 -8.87
CA ASN A 32 -10.77 4.18 -8.88
C ASN A 32 -11.02 4.96 -7.57
N ILE A 33 -11.21 4.21 -6.46
CA ILE A 33 -11.52 4.78 -5.14
C ILE A 33 -10.31 5.49 -4.51
N VAL A 34 -9.19 4.76 -4.36
CA VAL A 34 -7.97 5.32 -3.73
C VAL A 34 -7.12 6.05 -4.79
N ASP A 35 -6.29 7.01 -4.36
CA ASP A 35 -5.52 7.89 -5.26
C ASP A 35 -4.00 7.62 -5.14
N SER A 36 -3.30 8.14 -6.15
CA SER A 36 -1.82 8.16 -6.28
C SER A 36 -1.14 8.77 -5.02
N ALA A 37 -1.72 9.87 -4.50
CA ALA A 37 -1.16 10.62 -3.34
C ALA A 37 -1.24 9.80 -2.03
N ALA A 38 -2.26 8.90 -1.94
CA ALA A 38 -2.49 8.07 -0.75
C ALA A 38 -1.54 6.86 -0.71
N ILE A 39 -1.00 6.47 -1.88
CA ILE A 39 -0.11 5.32 -2.02
C ILE A 39 1.17 5.50 -1.15
N PHE A 40 1.65 6.76 -1.07
CA PHE A 40 2.82 7.13 -0.24
C PHE A 40 2.57 6.85 1.27
N ASP A 41 1.31 6.83 1.69
CA ASP A 41 0.93 6.49 3.07
C ASP A 41 0.86 4.95 3.24
N LEU A 42 0.26 4.27 2.24
CA LEU A 42 0.08 2.79 2.24
C LEU A 42 1.44 2.06 2.32
N VAL A 43 2.47 2.63 1.66
CA VAL A 43 3.82 2.05 1.65
C VAL A 43 4.47 2.14 3.02
N ASP A 44 4.16 3.22 3.78
CA ASP A 44 4.70 3.41 5.13
C ASP A 44 4.18 2.31 6.04
N PHE A 45 2.89 1.97 5.85
CA PHE A 45 2.24 0.93 6.62
C PHE A 45 2.91 -0.43 6.34
N LEU A 46 3.00 -0.80 5.04
CA LEU A 46 3.53 -2.12 4.62
C LEU A 46 5.02 -2.29 4.93
N ARG A 47 5.79 -1.19 4.79
CA ARG A 47 7.25 -1.21 5.00
C ARG A 47 7.56 -1.39 6.50
N GLN A 48 6.66 -0.83 7.33
CA GLN A 48 6.71 -0.95 8.79
C GLN A 48 6.37 -2.41 9.19
N GLU A 49 5.24 -2.91 8.65
CA GLU A 49 4.68 -4.24 8.98
C GLU A 49 5.57 -5.39 8.51
N SER A 50 6.29 -5.18 7.41
CA SER A 50 7.19 -6.19 6.81
C SER A 50 8.67 -5.91 7.11
N LYS A 51 8.93 -4.88 7.96
CA LYS A 51 10.27 -4.58 8.53
C LYS A 51 11.35 -4.34 7.45
N VAL A 52 10.91 -3.78 6.32
CA VAL A 52 11.76 -3.57 5.13
C VAL A 52 11.39 -2.22 4.51
N SER A 53 12.39 -1.48 4.05
CA SER A 53 12.16 -0.21 3.35
C SER A 53 11.93 -0.50 1.84
N ILE A 54 10.79 -0.06 1.32
CA ILE A 54 10.44 -0.18 -0.10
C ILE A 54 11.17 0.91 -0.93
N GLY A 55 11.57 0.55 -2.16
CA GLY A 55 12.13 1.53 -3.09
C GLY A 55 11.03 2.38 -3.72
N MET A 56 11.30 3.70 -3.88
CA MET A 56 10.30 4.69 -4.30
C MET A 56 9.85 4.48 -5.78
N GLN A 57 10.62 3.69 -6.53
CA GLN A 57 10.30 3.33 -7.92
C GLN A 57 9.14 2.29 -7.97
N GLU A 58 9.09 1.40 -6.96
CA GLU A 58 8.09 0.31 -6.87
C GLU A 58 6.73 0.86 -6.44
N ILE A 59 6.78 2.02 -5.78
CA ILE A 59 5.63 2.73 -5.25
C ILE A 59 4.81 3.38 -6.39
N HIS A 60 3.88 2.61 -6.98
CA HIS A 60 2.86 3.18 -7.89
C HIS A 60 1.51 2.47 -7.69
N PRO A 61 0.37 3.21 -7.88
CA PRO A 61 -1.01 2.66 -7.99
C PRO A 61 -1.17 1.26 -8.61
N ALA A 62 -0.47 1.01 -9.74
CA ALA A 62 -0.54 -0.26 -10.49
C ALA A 62 -0.20 -1.47 -9.60
N ASN A 63 0.80 -1.27 -8.73
CA ASN A 63 1.30 -2.31 -7.80
C ASN A 63 0.40 -2.40 -6.55
N PHE A 64 -0.27 -1.30 -6.21
CA PHE A 64 -1.15 -1.19 -5.01
C PHE A 64 -2.63 -1.22 -5.41
N ALA A 65 -2.91 -1.81 -6.59
CA ALA A 65 -4.27 -1.97 -7.14
C ALA A 65 -5.20 -2.80 -6.23
N THR A 66 -4.61 -3.76 -5.51
CA THR A 66 -5.30 -4.56 -4.47
C THR A 66 -4.30 -4.89 -3.37
N VAL A 67 -4.79 -5.43 -2.24
CA VAL A 67 -3.92 -5.92 -1.15
C VAL A 67 -3.07 -7.10 -1.64
N GLN A 68 -3.66 -7.90 -2.54
CA GLN A 68 -2.99 -9.05 -3.15
C GLN A 68 -1.74 -8.60 -3.92
N SER A 69 -1.95 -7.59 -4.80
CA SER A 69 -0.89 -7.02 -5.64
C SER A 69 0.22 -6.37 -4.79
N MET A 70 -0.18 -5.62 -3.74
CA MET A 70 0.74 -4.79 -2.94
C MET A 70 1.57 -5.66 -1.96
N VAL A 71 0.93 -6.72 -1.38
CA VAL A 71 1.62 -7.65 -0.46
C VAL A 71 2.62 -8.51 -1.25
N ALA A 72 2.19 -8.97 -2.44
CA ALA A 72 3.02 -9.78 -3.33
C ALA A 72 4.26 -9.01 -3.79
N LEU A 73 4.08 -7.69 -4.01
CA LEU A 73 5.15 -6.75 -4.37
C LEU A 73 6.19 -6.69 -3.24
N VAL A 74 5.70 -6.65 -1.99
CA VAL A 74 6.57 -6.65 -0.81
C VAL A 74 7.41 -7.95 -0.78
N GLN A 75 6.77 -9.09 -1.09
CA GLN A 75 7.46 -10.41 -1.11
C GLN A 75 8.61 -10.45 -2.16
N ARG A 76 8.47 -9.63 -3.23
CA ARG A 76 9.50 -9.47 -4.29
C ARG A 76 10.76 -8.79 -3.69
N LEU A 77 10.56 -7.61 -3.07
CA LEU A 77 11.67 -6.79 -2.52
C LEU A 77 12.24 -7.40 -1.21
N LYS A 78 11.52 -8.37 -0.63
CA LYS A 78 12.02 -9.19 0.49
C LYS A 78 13.11 -10.16 -0.01
N ALA A 79 12.89 -10.70 -1.22
CA ALA A 79 13.83 -11.63 -1.86
C ALA A 79 15.04 -10.89 -2.46
N HIS A 80 14.82 -9.63 -2.87
CA HIS A 80 15.87 -8.76 -3.44
C HIS A 80 16.52 -7.91 -2.33
N PRO A 81 17.87 -7.61 -2.41
CA PRO A 81 18.56 -6.67 -1.47
C PRO A 81 17.92 -5.26 -1.50
N GLU A 82 17.50 -4.84 -2.71
CA GLU A 82 16.73 -3.61 -2.94
C GLU A 82 15.93 -3.77 -4.24
N GLN A 83 14.91 -2.93 -4.41
CA GLN A 83 14.20 -2.75 -5.69
C GLN A 83 13.94 -1.26 -5.91
N GLY A 84 14.67 -0.66 -6.88
CA GLY A 84 14.44 0.73 -7.28
C GLY A 84 14.85 1.75 -6.21
N GLY A 85 15.92 1.45 -5.47
CA GLY A 85 16.47 2.36 -4.46
C GLY A 85 16.48 1.73 -3.07
N ALA A 86 17.69 1.42 -2.55
CA ALA A 86 17.91 1.06 -1.14
C ALA A 86 17.65 2.31 -0.28
N ALA A 87 16.39 2.47 0.15
CA ALA A 87 15.87 3.71 0.75
C ALA A 87 16.05 3.71 2.28
N LEU A 88 17.09 4.38 2.77
CA LEU A 88 17.25 4.67 4.20
C LEU A 88 16.66 6.07 4.47
N GLU A 89 15.98 6.22 5.61
CA GLU A 89 15.24 7.44 5.97
C GLU A 89 16.11 8.31 6.93
P24 PNS B . 1.07 8.64 -8.06
O25 PNS B . 0.60 7.44 -8.79
O26 PNS B . 2.03 9.49 -8.78
O27 PNS B . 1.70 8.23 -6.66
C28 PNS B . 2.56 9.16 -6.04
C29 PNS B . 3.90 8.50 -5.67
C30 PNS B . 4.55 7.85 -6.89
C31 PNS B . 3.60 7.44 -4.60
C32 PNS B . 4.81 9.58 -5.06
O33 PNS B . 4.28 10.06 -3.82
C34 PNS B . 6.24 9.09 -4.77
O35 PNS B . 6.49 8.36 -3.80
N36 PNS B . 7.15 9.54 -5.64
C37 PNS B . 8.61 9.31 -5.66
C38 PNS B . 9.30 9.65 -4.32
C39 PNS B . 9.01 11.07 -3.85
O40 PNS B . 9.79 11.99 -4.07
N41 PNS B . 7.85 11.22 -3.16
C42 PNS B . 7.32 12.48 -2.59
C43 PNS B . 6.36 12.22 -1.43
S44 PNS B . 5.76 13.79 -0.76
H282 PNS B . 2.06 9.53 -5.15
H281 PNS B . 2.72 9.99 -6.71
H303 PNS B . 3.89 7.09 -7.29
H302 PNS B . 4.72 8.59 -7.66
H301 PNS B . 5.50 7.39 -6.61
H313 PNS B . 4.53 6.98 -4.30
H312 PNS B . 2.94 6.68 -5.00
H311 PNS B . 3.14 7.89 -3.72
H32 PNS B . 4.87 10.43 -5.73
H33 PNS B . 4.36 9.36 -3.17
H36 PNS B . 6.82 10.11 -6.36
H372 PNS B . 8.79 8.26 -5.89
H371 PNS B . 9.05 9.92 -6.43
H382 PNS B . 8.94 8.96 -3.56
H381 PNS B . 10.36 9.53 -4.42
H41 PNS B . 7.31 10.42 -3.01
H422 PNS B . 6.78 12.99 -3.38
H421 PNS B . 8.14 13.10 -2.26
H431 PNS B . 5.51 11.64 -1.78
H432 PNS B . 6.88 11.68 -0.64
H44 PNS B . 6.80 14.48 -0.36
N MET A 1 -6.31 -8.98 9.68
CA MET A 1 -5.70 -8.01 10.63
C MET A 1 -5.16 -6.80 9.87
N LEU A 2 -4.28 -7.08 8.90
CA LEU A 2 -3.59 -6.07 8.07
C LEU A 2 -4.60 -5.19 7.30
N GLU A 3 -5.68 -5.85 6.85
CA GLU A 3 -6.65 -5.32 5.88
C GLU A 3 -7.42 -4.12 6.45
N SER A 4 -8.08 -4.32 7.60
CA SER A 4 -8.97 -3.30 8.19
C SER A 4 -8.21 -2.03 8.58
N LYS A 5 -6.95 -2.20 9.03
CA LYS A 5 -6.13 -1.07 9.52
C LYS A 5 -5.41 -0.31 8.38
N LEU A 6 -5.18 -0.97 7.19
CA LEU A 6 -4.59 -0.28 6.02
C LEU A 6 -5.62 0.62 5.35
N ILE A 7 -6.90 0.15 5.34
CA ILE A 7 -8.03 0.91 4.82
C ILE A 7 -8.36 2.04 5.80
N ASN A 8 -8.65 1.67 7.07
CA ASN A 8 -9.05 2.61 8.15
C ASN A 8 -8.17 3.88 8.19
N HIS A 9 -6.86 3.69 7.92
CA HIS A 9 -5.85 4.78 7.97
C HIS A 9 -6.29 5.98 7.09
N ILE A 10 -6.36 5.78 5.76
CA ILE A 10 -6.76 6.84 4.82
C ILE A 10 -8.29 6.98 4.71
N ALA A 11 -9.04 5.88 4.93
CA ALA A 11 -10.52 5.87 4.89
C ALA A 11 -11.12 6.89 5.88
N THR A 12 -10.34 7.26 6.92
CA THR A 12 -10.74 8.30 7.88
C THR A 12 -10.82 9.68 7.16
N GLN A 13 -9.80 9.98 6.34
CA GLN A 13 -9.67 11.30 5.64
C GLN A 13 -10.27 11.24 4.22
N PHE A 14 -10.53 10.01 3.73
CA PHE A 14 -11.01 9.76 2.35
C PHE A 14 -12.52 9.46 2.32
N LEU A 15 -13.03 8.76 3.34
CA LEU A 15 -14.42 8.21 3.33
C LEU A 15 -15.21 8.58 4.60
N ASP A 16 -14.62 9.46 5.46
CA ASP A 16 -15.24 9.90 6.74
C ASP A 16 -15.23 8.76 7.79
N GLY A 17 -14.22 7.88 7.69
CA GLY A 17 -14.06 6.74 8.60
C GLY A 17 -14.98 5.57 8.30
N GLU A 18 -15.52 5.53 7.09
CA GLU A 18 -16.43 4.45 6.64
C GLU A 18 -15.66 3.54 5.66
N LYS A 19 -16.01 2.24 5.62
CA LYS A 19 -15.52 1.33 4.57
C LYS A 19 -16.65 1.11 3.56
N ASP A 20 -16.54 1.77 2.42
CA ASP A 20 -17.52 1.66 1.33
C ASP A 20 -16.88 2.15 0.03
N GLY A 21 -16.74 1.23 -0.93
CA GLY A 21 -16.05 1.48 -2.20
C GLY A 21 -14.55 1.19 -2.10
N LEU A 22 -13.99 1.39 -0.91
CA LEU A 22 -12.56 1.19 -0.62
C LEU A 22 -12.42 0.11 0.45
N ASP A 23 -11.91 -1.04 0.04
CA ASP A 23 -11.56 -2.15 0.93
C ASP A 23 -10.38 -2.90 0.31
N SER A 24 -9.62 -3.59 1.16
CA SER A 24 -8.39 -4.29 0.77
C SER A 24 -8.65 -5.31 -0.35
N GLN A 25 -9.76 -6.07 -0.24
CA GLN A 25 -10.14 -7.10 -1.23
C GLN A 25 -10.98 -6.49 -2.37
N THR A 26 -11.53 -5.29 -2.14
CA THR A 26 -12.17 -4.50 -3.18
C THR A 26 -11.09 -3.98 -4.18
N PRO A 27 -11.36 -4.03 -5.53
CA PRO A 27 -10.42 -3.52 -6.54
C PRO A 27 -10.26 -2.00 -6.44
N LEU A 28 -9.06 -1.54 -5.98
CA LEU A 28 -8.78 -0.12 -5.81
C LEU A 28 -8.59 0.53 -7.19
N PHE A 29 -8.23 -0.31 -8.17
CA PHE A 29 -7.94 0.11 -9.55
C PHE A 29 -9.22 0.27 -10.36
N GLU A 30 -10.03 -0.81 -10.36
CA GLU A 30 -11.26 -0.91 -11.17
C GLU A 30 -12.29 0.16 -10.76
N LEU A 31 -12.30 0.52 -9.47
CA LEU A 31 -13.22 1.55 -8.95
C LEU A 31 -12.52 2.92 -8.86
N ASN A 32 -11.16 2.91 -8.85
CA ASN A 32 -10.30 4.12 -8.90
C ASN A 32 -10.55 5.04 -7.67
N ILE A 33 -10.84 4.41 -6.51
CA ILE A 33 -11.25 5.14 -5.28
C ILE A 33 -10.07 5.91 -4.66
N VAL A 34 -8.97 5.18 -4.42
CA VAL A 34 -7.78 5.74 -3.78
C VAL A 34 -6.91 6.48 -4.83
N ASP A 35 -6.37 7.66 -4.44
CA ASP A 35 -5.50 8.47 -5.31
C ASP A 35 -4.06 7.94 -5.26
N SER A 36 -3.27 8.35 -6.26
CA SER A 36 -1.92 7.85 -6.48
C SER A 36 -0.92 8.49 -5.46
N ALA A 37 -1.31 9.64 -4.88
CA ALA A 37 -0.53 10.29 -3.79
C ALA A 37 -0.76 9.57 -2.44
N ALA A 38 -1.94 8.92 -2.30
CA ALA A 38 -2.30 8.13 -1.10
C ALA A 38 -1.58 6.77 -1.10
N ILE A 39 -1.05 6.37 -2.29
CA ILE A 39 -0.17 5.19 -2.42
C ILE A 39 1.05 5.36 -1.51
N PHE A 40 1.63 6.59 -1.53
CA PHE A 40 2.82 6.95 -0.74
C PHE A 40 2.54 6.89 0.79
N ASP A 41 1.24 7.00 1.17
CA ASP A 41 0.80 6.83 2.57
C ASP A 41 0.70 5.33 2.92
N LEU A 42 0.08 4.55 2.02
CA LEU A 42 -0.05 3.08 2.15
C LEU A 42 1.34 2.39 2.17
N VAL A 43 2.32 3.08 1.57
CA VAL A 43 3.76 2.72 1.61
C VAL A 43 4.27 2.72 3.05
N ASP A 44 4.04 3.86 3.75
CA ASP A 44 4.44 4.03 5.16
C ASP A 44 3.89 2.90 6.02
N PHE A 45 2.65 2.52 5.70
CA PHE A 45 1.96 1.46 6.40
C PHE A 45 2.66 0.10 6.19
N LEU A 46 2.78 -0.33 4.91
CA LEU A 46 3.31 -1.68 4.54
C LEU A 46 4.75 -1.90 5.06
N ARG A 47 5.59 -0.85 4.95
CA ARG A 47 7.00 -0.92 5.39
C ARG A 47 7.07 -0.97 6.94
N GLN A 48 6.10 -0.34 7.61
CA GLN A 48 5.96 -0.36 9.09
C GLN A 48 5.62 -1.80 9.55
N GLU A 49 4.62 -2.40 8.91
CA GLU A 49 4.05 -3.71 9.27
C GLU A 49 5.05 -4.84 9.04
N SER A 50 5.60 -4.87 7.81
CA SER A 50 6.59 -5.90 7.39
C SER A 50 7.98 -5.60 8.02
N LYS A 51 8.13 -4.43 8.69
CA LYS A 51 9.37 -3.99 9.36
C LYS A 51 10.52 -3.80 8.35
N VAL A 52 10.15 -3.50 7.10
CA VAL A 52 11.07 -3.37 5.97
C VAL A 52 11.14 -1.90 5.50
N SER A 53 12.03 -1.66 4.54
CA SER A 53 12.05 -0.44 3.72
C SER A 53 11.57 -0.78 2.29
N ILE A 54 10.96 0.21 1.62
CA ILE A 54 10.51 0.10 0.22
C ILE A 54 11.03 1.31 -0.58
N GLY A 55 11.44 1.07 -1.83
CA GLY A 55 11.93 2.14 -2.70
C GLY A 55 10.81 2.85 -3.43
N MET A 56 11.10 4.11 -3.83
CA MET A 56 10.21 4.93 -4.67
C MET A 56 9.82 4.19 -5.98
N GLN A 57 10.75 3.33 -6.44
CA GLN A 57 10.61 2.54 -7.66
C GLN A 57 9.48 1.49 -7.51
N GLU A 58 9.38 0.93 -6.29
CA GLU A 58 8.39 -0.11 -5.95
C GLU A 58 7.04 0.53 -5.58
N ILE A 59 7.09 1.81 -5.16
CA ILE A 59 5.89 2.63 -4.92
C ILE A 59 5.18 2.86 -6.26
N HIS A 60 4.20 1.99 -6.55
CA HIS A 60 3.41 2.02 -7.78
C HIS A 60 1.95 1.69 -7.47
N PRO A 61 0.94 2.39 -8.09
CA PRO A 61 -0.49 2.08 -7.84
C PRO A 61 -0.86 0.72 -8.45
N ALA A 62 -0.12 0.31 -9.51
CA ALA A 62 -0.27 -1.00 -10.16
C ALA A 62 0.03 -2.13 -9.17
N ASN A 63 1.00 -1.87 -8.28
CA ASN A 63 1.43 -2.81 -7.23
C ASN A 63 0.49 -2.72 -6.01
N PHE A 64 -0.11 -1.53 -5.80
CA PHE A 64 -1.07 -1.30 -4.71
C PHE A 64 -2.53 -1.42 -5.23
N ALA A 65 -2.71 -2.12 -6.38
CA ALA A 65 -4.02 -2.28 -7.06
C ALA A 65 -5.05 -3.01 -6.17
N THR A 66 -4.54 -3.96 -5.36
CA THR A 66 -5.32 -4.76 -4.39
C THR A 66 -4.43 -5.09 -3.17
N VAL A 67 -5.04 -5.71 -2.12
CA VAL A 67 -4.29 -6.19 -0.94
C VAL A 67 -3.32 -7.32 -1.34
N GLN A 68 -3.79 -8.22 -2.21
CA GLN A 68 -3.03 -9.37 -2.67
C GLN A 68 -1.82 -8.91 -3.50
N SER A 69 -2.04 -7.87 -4.34
CA SER A 69 -0.98 -7.30 -5.19
C SER A 69 0.08 -6.57 -4.34
N MET A 70 -0.37 -5.85 -3.27
CA MET A 70 0.53 -4.98 -2.46
C MET A 70 1.35 -5.80 -1.45
N VAL A 71 0.77 -6.90 -0.94
CA VAL A 71 1.50 -7.88 -0.11
C VAL A 71 2.55 -8.59 -0.98
N ALA A 72 2.12 -8.99 -2.20
CA ALA A 72 2.97 -9.70 -3.16
C ALA A 72 4.13 -8.81 -3.65
N LEU A 73 3.85 -7.48 -3.75
CA LEU A 73 4.84 -6.43 -4.10
C LEU A 73 5.98 -6.44 -3.09
N VAL A 74 5.62 -6.52 -1.79
CA VAL A 74 6.59 -6.62 -0.69
C VAL A 74 7.45 -7.88 -0.89
N GLN A 75 6.78 -9.03 -1.13
CA GLN A 75 7.45 -10.35 -1.33
C GLN A 75 8.48 -10.30 -2.51
N ARG A 76 8.27 -9.40 -3.49
CA ARG A 76 9.18 -9.21 -4.63
C ARG A 76 10.47 -8.49 -4.17
N LEU A 77 10.29 -7.30 -3.52
CA LEU A 77 11.43 -6.45 -3.07
C LEU A 77 12.26 -7.12 -1.95
N LYS A 78 11.61 -8.07 -1.23
CA LYS A 78 12.28 -8.94 -0.23
C LYS A 78 13.32 -9.84 -0.92
N ALA A 79 12.92 -10.43 -2.06
CA ALA A 79 13.76 -11.37 -2.84
C ALA A 79 14.90 -10.61 -3.56
N HIS A 80 14.72 -9.28 -3.73
CA HIS A 80 15.70 -8.41 -4.40
C HIS A 80 16.86 -8.05 -3.45
N PRO A 81 18.11 -7.83 -3.99
CA PRO A 81 19.27 -7.42 -3.17
C PRO A 81 19.13 -5.97 -2.59
N GLU A 82 19.13 -4.95 -3.47
CA GLU A 82 19.02 -3.53 -3.06
C GLU A 82 17.96 -2.79 -3.90
N GLN A 83 17.05 -2.09 -3.21
CA GLN A 83 15.97 -1.28 -3.83
C GLN A 83 16.24 0.22 -3.62
N GLY A 84 17.54 0.57 -3.53
CA GLY A 84 17.97 1.94 -3.26
C GLY A 84 17.59 2.90 -4.39
N GLY A 85 18.25 2.74 -5.55
CA GLY A 85 18.08 3.65 -6.69
C GLY A 85 18.38 5.10 -6.34
N ALA A 86 17.45 6.01 -6.71
CA ALA A 86 17.44 7.43 -6.27
C ALA A 86 18.68 8.25 -6.72
N ALA A 87 19.49 7.67 -7.64
CA ALA A 87 20.70 8.34 -8.16
C ALA A 87 20.35 9.27 -9.33
N LEU A 88 21.22 10.25 -9.59
CA LEU A 88 21.10 11.18 -10.74
C LEU A 88 21.34 10.37 -12.01
N GLU A 89 20.26 10.02 -12.71
CA GLU A 89 20.31 9.22 -13.94
C GLU A 89 20.16 10.17 -15.13
P24 PNS B . 0.44 9.39 -9.20
O25 PNS B . 0.12 8.42 -10.28
O26 PNS B . 0.57 10.80 -9.60
O27 PNS B . 1.77 8.90 -8.41
C28 PNS B . 1.88 7.52 -8.04
C29 PNS B . 3.17 7.14 -7.32
C30 PNS B . 3.04 5.66 -6.90
C31 PNS B . 3.33 7.99 -6.06
C32 PNS B . 4.43 7.29 -8.20
O33 PNS B . 4.26 6.50 -9.40
C34 PNS B . 4.76 8.74 -8.62
O35 PNS B . 4.28 9.24 -9.64
N36 PNS B . 5.63 9.41 -7.82
C37 PNS B . 6.08 10.79 -8.03
C38 PNS B . 7.21 11.22 -7.05
C39 PNS B . 6.83 11.15 -5.56
O40 PNS B . 7.66 10.78 -4.73
N41 PNS B . 5.58 11.52 -5.22
C42 PNS B . 5.06 11.50 -3.85
C43 PNS B . 3.54 11.38 -3.84
S44 PNS B . 2.82 12.79 -4.70
H282 PNS B . 1.79 6.93 -8.94
H281 PNS B . 1.04 7.30 -7.39
H303 PNS B . 2.93 5.04 -7.78
H302 PNS B . 3.94 5.34 -6.40
H301 PNS B . 2.20 5.52 -6.24
H313 PNS B . 3.39 9.04 -6.32
H312 PNS B . 4.25 7.72 -5.54
H311 PNS B . 2.49 7.84 -5.39
H32 PNS B . 5.29 6.89 -7.66
H33 PNS B . 3.54 6.89 -9.91
H36 PNS B . 6.00 8.93 -7.05
H372 PNS B . 6.43 10.90 -9.04
H371 PNS B . 5.23 11.46 -7.89
H382 PNS B . 8.06 10.59 -7.22
H381 PNS B . 7.48 12.25 -7.28
H41 PNS B . 4.98 11.82 -5.92
H422 PNS B . 5.35 12.42 -3.36
H421 PNS B . 5.49 10.66 -3.30
H431 PNS B . 3.25 10.46 -4.35
H432 PNS B . 3.18 11.37 -2.82
H44 PNS B . 1.49 12.62 -4.73
N MET A 1 -8.19 -7.67 13.09
CA MET A 1 -7.98 -6.24 12.80
C MET A 1 -6.50 -6.00 12.43
N LEU A 2 -6.27 -5.71 11.15
CA LEU A 2 -4.98 -5.28 10.60
C LEU A 2 -5.23 -4.56 9.27
N GLU A 3 -6.11 -5.18 8.47
CA GLU A 3 -6.58 -4.62 7.19
C GLU A 3 -7.50 -3.43 7.42
N SER A 4 -8.38 -3.58 8.43
CA SER A 4 -9.27 -2.50 8.89
C SER A 4 -8.47 -1.25 9.29
N LYS A 5 -7.24 -1.48 9.79
CA LYS A 5 -6.36 -0.42 10.30
C LYS A 5 -5.80 0.42 9.12
N LEU A 6 -5.23 -0.26 8.09
CA LEU A 6 -4.59 0.43 6.94
C LEU A 6 -5.63 1.17 6.08
N ILE A 7 -6.84 0.60 5.98
CA ILE A 7 -7.97 1.22 5.26
C ILE A 7 -8.43 2.48 6.02
N ASN A 8 -8.76 2.29 7.32
CA ASN A 8 -9.39 3.34 8.17
C ASN A 8 -8.52 4.61 8.28
N HIS A 9 -7.19 4.44 8.15
CA HIS A 9 -6.22 5.54 8.27
C HIS A 9 -6.54 6.68 7.28
N ILE A 10 -6.47 6.37 5.97
CA ILE A 10 -6.78 7.33 4.92
C ILE A 10 -8.29 7.41 4.67
N ALA A 11 -9.06 6.37 5.04
CA ALA A 11 -10.55 6.37 4.95
C ALA A 11 -11.18 7.60 5.64
N THR A 12 -10.41 8.21 6.59
CA THR A 12 -10.80 9.46 7.28
C THR A 12 -11.05 10.59 6.25
N GLN A 13 -10.08 10.75 5.34
CA GLN A 13 -10.08 11.81 4.31
C GLN A 13 -10.68 11.29 2.98
N PHE A 14 -10.55 9.98 2.74
CA PHE A 14 -10.92 9.33 1.46
C PHE A 14 -12.41 8.97 1.43
N LEU A 15 -12.98 8.56 2.57
CA LEU A 15 -14.33 7.96 2.63
C LEU A 15 -15.25 8.65 3.67
N ASP A 16 -14.82 9.81 4.22
CA ASP A 16 -15.60 10.59 5.25
C ASP A 16 -15.54 9.89 6.64
N GLY A 17 -14.44 9.16 6.89
CA GLY A 17 -14.26 8.42 8.16
C GLY A 17 -15.02 7.11 8.24
N GLU A 18 -15.63 6.71 7.11
CA GLU A 18 -16.46 5.51 7.00
C GLU A 18 -15.69 4.43 6.20
N LYS A 19 -15.96 3.16 6.47
CA LYS A 19 -15.44 2.04 5.66
C LYS A 19 -16.50 1.66 4.63
N ASP A 20 -16.28 2.07 3.38
CA ASP A 20 -17.28 1.88 2.31
C ASP A 20 -16.60 1.88 0.94
N GLY A 21 -16.68 0.71 0.27
CA GLY A 21 -16.17 0.52 -1.09
C GLY A 21 -14.70 0.16 -1.10
N LEU A 22 -13.94 0.68 -0.13
CA LEU A 22 -12.51 0.42 0.01
C LEU A 22 -12.32 -0.76 0.98
N ASP A 23 -11.93 -1.91 0.42
CA ASP A 23 -11.60 -3.12 1.20
C ASP A 23 -10.43 -3.86 0.55
N SER A 24 -9.82 -4.80 1.31
CA SER A 24 -8.69 -5.62 0.85
C SER A 24 -9.05 -6.50 -0.37
N GLN A 25 -10.29 -7.03 -0.33
CA GLN A 25 -10.82 -7.92 -1.40
C GLN A 25 -11.36 -7.10 -2.60
N THR A 26 -11.58 -5.80 -2.38
CA THR A 26 -12.07 -4.91 -3.43
C THR A 26 -10.98 -4.64 -4.51
N PRO A 27 -11.36 -4.64 -5.82
CA PRO A 27 -10.48 -4.12 -6.87
C PRO A 27 -10.39 -2.58 -6.79
N LEU A 28 -9.20 -2.06 -6.45
CA LEU A 28 -9.01 -0.63 -6.25
C LEU A 28 -8.94 0.09 -7.60
N PHE A 29 -8.24 -0.53 -8.57
CA PHE A 29 -8.03 0.04 -9.92
C PHE A 29 -9.29 -0.07 -10.81
N GLU A 30 -9.98 -1.22 -10.75
CA GLU A 30 -11.19 -1.46 -11.60
C GLU A 30 -12.28 -0.42 -11.28
N LEU A 31 -12.42 -0.10 -9.99
CA LEU A 31 -13.39 0.90 -9.51
C LEU A 31 -12.75 2.31 -9.45
N ASN A 32 -11.41 2.36 -9.51
CA ASN A 32 -10.61 3.62 -9.50
C ASN A 32 -10.80 4.40 -8.17
N ILE A 33 -10.92 3.65 -7.05
CA ILE A 33 -11.22 4.20 -5.72
C ILE A 33 -10.09 5.09 -5.19
N VAL A 34 -8.88 4.52 -5.13
CA VAL A 34 -7.72 5.16 -4.44
C VAL A 34 -6.83 5.89 -5.43
N ASP A 35 -6.25 7.02 -5.01
CA ASP A 35 -5.29 7.81 -5.82
C ASP A 35 -3.85 7.51 -5.38
N SER A 36 -2.91 8.00 -6.20
CA SER A 36 -1.47 7.72 -6.04
C SER A 36 -0.90 8.42 -4.78
N ALA A 37 -1.53 9.54 -4.40
CA ALA A 37 -1.14 10.34 -3.21
C ALA A 37 -1.24 9.54 -1.89
N ALA A 38 -2.22 8.61 -1.82
CA ALA A 38 -2.47 7.81 -0.59
C ALA A 38 -1.51 6.61 -0.51
N ILE A 39 -0.96 6.21 -1.67
CA ILE A 39 -0.13 5.00 -1.81
C ILE A 39 1.07 5.03 -0.87
N PHE A 40 1.74 6.20 -0.80
CA PHE A 40 2.93 6.42 0.06
C PHE A 40 2.63 6.08 1.56
N ASP A 41 1.38 6.33 1.97
CA ASP A 41 0.92 6.07 3.35
C ASP A 41 0.71 4.55 3.57
N LEU A 42 0.05 3.89 2.60
CA LEU A 42 -0.19 2.43 2.61
C LEU A 42 1.16 1.65 2.57
N VAL A 43 2.15 2.25 1.89
CA VAL A 43 3.53 1.76 1.84
C VAL A 43 4.13 1.66 3.23
N ASP A 44 4.05 2.79 3.98
CA ASP A 44 4.62 2.94 5.32
C ASP A 44 4.12 1.83 6.24
N PHE A 45 2.84 1.49 6.08
CA PHE A 45 2.18 0.47 6.86
C PHE A 45 2.79 -0.92 6.57
N LEU A 46 2.94 -1.26 5.27
CA LEU A 46 3.41 -2.60 4.82
C LEU A 46 4.89 -2.82 5.11
N ARG A 47 5.73 -1.78 4.92
CA ARG A 47 7.18 -1.86 5.18
C ARG A 47 7.44 -1.90 6.70
N GLN A 48 6.52 -1.30 7.48
CA GLN A 48 6.50 -1.42 8.94
C GLN A 48 6.23 -2.89 9.33
N GLU A 49 5.12 -3.43 8.77
CA GLU A 49 4.64 -4.81 9.04
C GLU A 49 5.71 -5.86 8.70
N SER A 50 6.31 -5.69 7.52
CA SER A 50 7.27 -6.63 6.95
C SER A 50 8.73 -6.34 7.41
N LYS A 51 8.91 -5.24 8.19
CA LYS A 51 10.22 -4.88 8.81
C LYS A 51 11.33 -4.64 7.75
N VAL A 52 10.96 -3.89 6.70
CA VAL A 52 11.83 -3.65 5.52
C VAL A 52 11.76 -2.16 5.10
N SER A 53 12.76 -1.73 4.32
CA SER A 53 12.73 -0.44 3.61
C SER A 53 12.44 -0.68 2.11
N ILE A 54 11.78 0.29 1.48
CA ILE A 54 11.39 0.22 0.05
C ILE A 54 11.81 1.51 -0.68
N GLY A 55 12.16 1.39 -1.96
CA GLY A 55 12.44 2.54 -2.82
C GLY A 55 11.16 3.22 -3.28
N MET A 56 11.19 4.55 -3.42
CA MET A 56 10.00 5.35 -3.84
C MET A 56 9.63 5.09 -5.32
N GLN A 57 10.50 4.36 -6.02
CA GLN A 57 10.30 3.92 -7.40
C GLN A 57 9.31 2.73 -7.47
N GLU A 58 9.30 1.91 -6.41
CA GLU A 58 8.39 0.75 -6.29
C GLU A 58 7.04 1.20 -5.70
N ILE A 59 7.02 2.40 -5.10
CA ILE A 59 5.81 3.05 -4.62
C ILE A 59 4.99 3.59 -5.82
N HIS A 60 4.09 2.74 -6.33
CA HIS A 60 3.17 3.10 -7.42
C HIS A 60 1.81 2.44 -7.16
N PRO A 61 0.66 3.10 -7.50
CA PRO A 61 -0.68 2.51 -7.34
C PRO A 61 -0.92 1.32 -8.30
N ALA A 62 -0.08 1.22 -9.35
CA ALA A 62 -0.04 0.05 -10.23
C ALA A 62 0.30 -1.22 -9.42
N ASN A 63 1.26 -1.08 -8.50
CA ASN A 63 1.73 -2.16 -7.61
C ASN A 63 0.71 -2.39 -6.47
N PHE A 64 -0.02 -1.32 -6.15
CA PHE A 64 -1.05 -1.30 -5.08
C PHE A 64 -2.47 -1.34 -5.71
N ALA A 65 -2.58 -1.93 -6.92
CA ALA A 65 -3.84 -2.02 -7.71
C ALA A 65 -4.96 -2.76 -6.93
N THR A 66 -4.53 -3.66 -6.04
CA THR A 66 -5.34 -4.31 -5.01
C THR A 66 -4.45 -4.55 -3.79
N VAL A 67 -5.04 -4.99 -2.67
CA VAL A 67 -4.26 -5.38 -1.49
C VAL A 67 -3.57 -6.75 -1.71
N GLN A 68 -4.16 -7.57 -2.60
CA GLN A 68 -3.53 -8.82 -3.08
C GLN A 68 -2.24 -8.52 -3.88
N SER A 69 -2.31 -7.47 -4.74
CA SER A 69 -1.15 -7.00 -5.54
C SER A 69 -0.03 -6.45 -4.64
N MET A 70 -0.44 -5.61 -3.66
CA MET A 70 0.49 -4.81 -2.86
C MET A 70 1.26 -5.69 -1.85
N VAL A 71 0.60 -6.74 -1.31
CA VAL A 71 1.24 -7.68 -0.36
C VAL A 71 2.30 -8.54 -1.09
N ALA A 72 1.97 -8.91 -2.35
CA ALA A 72 2.83 -9.72 -3.22
C ALA A 72 4.07 -8.93 -3.62
N LEU A 73 3.88 -7.61 -3.86
CA LEU A 73 4.95 -6.65 -4.18
C LEU A 73 5.99 -6.63 -3.06
N VAL A 74 5.51 -6.64 -1.80
CA VAL A 74 6.39 -6.62 -0.63
C VAL A 74 7.28 -7.88 -0.60
N GLN A 75 6.74 -9.02 -1.04
CA GLN A 75 7.49 -10.27 -1.15
C GLN A 75 8.52 -10.22 -2.31
N ARG A 76 8.28 -9.34 -3.31
CA ARG A 76 9.17 -9.15 -4.47
C ARG A 76 10.36 -8.24 -4.12
N LEU A 77 10.11 -7.18 -3.31
CA LEU A 77 11.17 -6.25 -2.84
C LEU A 77 12.07 -6.92 -1.79
N LYS A 78 11.55 -8.00 -1.17
CA LYS A 78 12.33 -8.90 -0.30
C LYS A 78 13.36 -9.67 -1.13
N ALA A 79 12.89 -10.19 -2.28
CA ALA A 79 13.74 -10.93 -3.25
C ALA A 79 14.71 -9.96 -3.96
N HIS A 80 14.39 -8.65 -3.89
CA HIS A 80 15.22 -7.58 -4.44
C HIS A 80 16.28 -7.17 -3.38
N PRO A 81 17.61 -7.48 -3.61
CA PRO A 81 18.67 -7.32 -2.58
C PRO A 81 18.99 -5.85 -2.20
N GLU A 82 18.54 -4.89 -3.03
CA GLU A 82 18.73 -3.45 -2.77
C GLU A 82 17.79 -2.96 -1.68
N GLN A 83 16.52 -3.41 -1.74
CA GLN A 83 15.45 -2.92 -0.85
C GLN A 83 15.37 -3.77 0.42
N GLY A 84 15.33 -5.10 0.23
CA GLY A 84 15.25 -6.06 1.33
C GLY A 84 16.63 -6.43 1.89
N GLY A 85 17.63 -5.57 1.66
CA GLY A 85 18.99 -5.81 2.12
C GLY A 85 19.19 -5.50 3.60
N ALA A 86 18.72 -4.32 4.03
CA ALA A 86 18.81 -3.87 5.45
C ALA A 86 17.74 -2.81 5.76
N ALA A 87 17.58 -2.52 7.08
CA ALA A 87 16.65 -1.50 7.60
C ALA A 87 17.19 -0.96 8.94
N LEU A 88 17.06 0.37 9.16
CA LEU A 88 17.56 1.02 10.39
C LEU A 88 16.71 2.25 10.76
N GLU A 89 16.84 2.68 12.03
CA GLU A 89 16.20 3.89 12.56
C GLU A 89 17.31 4.92 12.90
P24 PNS B . 1.77 8.13 -8.22
O25 PNS B . 2.57 7.01 -8.76
O26 PNS B . 1.24 9.09 -9.22
O27 PNS B . 2.58 8.93 -7.09
C28 PNS B . 2.75 8.37 -5.79
C29 PNS B . 4.12 8.72 -5.19
C30 PNS B . 4.11 8.19 -3.74
C31 PNS B . 4.27 10.24 -5.16
C32 PNS B . 5.25 8.09 -6.01
O33 PNS B . 5.18 8.56 -7.38
C34 PNS B . 6.69 8.39 -5.47
O35 PNS B . 6.98 8.26 -4.27
N36 PNS B . 7.62 8.76 -6.36
C37 PNS B . 9.02 9.08 -6.04
C38 PNS B . 9.47 10.45 -6.56
C39 PNS B . 8.67 11.66 -6.05
O40 PNS B . 8.71 12.73 -6.68
N41 PNS B . 7.97 11.52 -4.91
C42 PNS B . 7.15 12.59 -4.31
C43 PNS B . 6.54 12.19 -2.96
S44 PNS B . 5.56 13.55 -2.28
H282 PNS B . 2.65 7.29 -5.86
H281 PNS B . 1.96 8.76 -5.16
H303 PNS B . 3.95 7.11 -3.76
H302 PNS B . 5.06 8.38 -3.27
H301 PNS B . 3.31 8.65 -3.17
H313 PNS B . 5.24 10.50 -4.75
H312 PNS B . 3.50 10.69 -4.55
H311 PNS B . 4.22 10.63 -6.18
H32 PNS B . 5.12 7.01 -6.02
H33 PNS B . 4.39 8.20 -7.79
H36 PNS B . 7.35 8.80 -7.31
H372 PNS B . 9.16 9.06 -4.95
H371 PNS B . 9.64 8.33 -6.48
H382 PNS B . 10.51 10.60 -6.27
H381 PNS B . 9.41 10.45 -7.64
H41 PNS B . 8.00 10.67 -4.44
H422 PNS B . 6.35 12.85 -4.99
H421 PNS B . 7.78 13.47 -4.16
H431 PNS B . 5.90 11.34 -3.09
H432 PNS B . 7.34 11.96 -2.26
H44 PNS B . 5.08 13.15 -1.10
N MET A 1 -7.91 -7.73 13.19
CA MET A 1 -8.12 -7.17 11.84
C MET A 1 -7.12 -6.02 11.63
N LEU A 2 -5.98 -6.36 11.03
CA LEU A 2 -4.83 -5.46 10.89
C LEU A 2 -4.89 -4.70 9.54
N GLU A 3 -5.38 -5.40 8.50
CA GLU A 3 -5.55 -4.82 7.15
C GLU A 3 -6.67 -3.75 7.13
N SER A 4 -7.61 -3.89 8.09
CA SER A 4 -8.71 -2.93 8.29
C SER A 4 -8.17 -1.55 8.74
N LYS A 5 -6.95 -1.54 9.32
CA LYS A 5 -6.32 -0.33 9.85
C LYS A 5 -5.72 0.54 8.72
N LEU A 6 -5.08 -0.11 7.70
CA LEU A 6 -4.50 0.63 6.54
C LEU A 6 -5.60 1.32 5.73
N ILE A 7 -6.77 0.64 5.68
CA ILE A 7 -7.97 1.18 5.04
C ILE A 7 -8.46 2.40 5.83
N ASN A 8 -8.80 2.14 7.12
CA ASN A 8 -9.37 3.14 8.06
C ASN A 8 -8.51 4.43 8.15
N HIS A 9 -7.19 4.25 7.97
CA HIS A 9 -6.18 5.31 8.08
C HIS A 9 -6.51 6.47 7.11
N ILE A 10 -6.50 6.19 5.79
CA ILE A 10 -6.85 7.21 4.79
C ILE A 10 -8.36 7.31 4.61
N ALA A 11 -9.12 6.23 4.96
CA ALA A 11 -10.60 6.24 4.93
C ALA A 11 -11.17 7.42 5.75
N THR A 12 -10.37 7.94 6.70
CA THR A 12 -10.70 9.13 7.49
C THR A 12 -10.83 10.37 6.56
N GLN A 13 -9.84 10.55 5.66
CA GLN A 13 -9.72 11.75 4.79
C GLN A 13 -10.33 11.48 3.39
N PHE A 14 -10.58 10.19 3.09
CA PHE A 14 -11.02 9.73 1.76
C PHE A 14 -12.51 9.31 1.77
N LEU A 15 -12.99 8.76 2.90
CA LEU A 15 -14.33 8.10 2.96
C LEU A 15 -15.17 8.55 4.18
N ASP A 16 -14.88 9.73 4.77
CA ASP A 16 -15.65 10.28 5.94
C ASP A 16 -15.44 9.41 7.22
N GLY A 17 -14.30 8.69 7.27
CA GLY A 17 -13.99 7.79 8.39
C GLY A 17 -14.57 6.38 8.23
N GLU A 18 -15.34 6.15 7.14
CA GLU A 18 -16.07 4.89 6.90
C GLU A 18 -15.22 3.95 6.02
N LYS A 19 -15.38 2.64 6.19
CA LYS A 19 -14.75 1.64 5.29
C LYS A 19 -15.82 1.06 4.35
N ASP A 20 -15.79 1.50 3.09
CA ASP A 20 -16.73 1.04 2.04
C ASP A 20 -16.19 1.46 0.67
N GLY A 21 -16.09 0.48 -0.25
CA GLY A 21 -15.56 0.70 -1.62
C GLY A 21 -14.03 0.62 -1.66
N LEU A 22 -13.41 1.01 -0.55
CA LEU A 22 -11.98 0.82 -0.31
C LEU A 22 -11.85 -0.34 0.68
N ASP A 23 -11.37 -1.48 0.18
CA ASP A 23 -11.16 -2.69 1.00
C ASP A 23 -9.88 -3.37 0.54
N SER A 24 -9.48 -4.41 1.27
CA SER A 24 -8.31 -5.21 0.92
C SER A 24 -8.60 -6.05 -0.34
N GLN A 25 -9.78 -6.71 -0.36
CA GLN A 25 -10.20 -7.62 -1.46
C GLN A 25 -10.82 -6.85 -2.65
N THR A 26 -11.15 -5.57 -2.45
CA THR A 26 -11.80 -4.73 -3.47
C THR A 26 -10.78 -4.24 -4.52
N PRO A 27 -11.17 -4.21 -5.85
CA PRO A 27 -10.35 -3.60 -6.89
C PRO A 27 -10.31 -2.07 -6.74
N LEU A 28 -9.20 -1.59 -6.16
CA LEU A 28 -9.01 -0.15 -5.87
C LEU A 28 -8.86 0.64 -7.18
N PHE A 29 -8.42 -0.06 -8.24
CA PHE A 29 -8.19 0.53 -9.57
C PHE A 29 -9.48 0.63 -10.39
N GLU A 30 -10.23 -0.49 -10.46
CA GLU A 30 -11.43 -0.59 -11.33
C GLU A 30 -12.52 0.38 -10.86
N LEU A 31 -12.54 0.62 -9.54
CA LEU A 31 -13.50 1.55 -8.91
C LEU A 31 -12.87 2.94 -8.72
N ASN A 32 -11.52 2.99 -8.70
CA ASN A 32 -10.72 4.25 -8.61
C ASN A 32 -11.03 5.01 -7.29
N ILE A 33 -11.17 4.25 -6.20
CA ILE A 33 -11.54 4.79 -4.87
C ILE A 33 -10.37 5.55 -4.24
N VAL A 34 -9.18 4.94 -4.30
CA VAL A 34 -7.93 5.54 -3.79
C VAL A 34 -7.14 6.17 -4.95
N ASP A 35 -6.59 7.37 -4.71
CA ASP A 35 -5.67 8.05 -5.65
C ASP A 35 -4.22 7.64 -5.36
N SER A 36 -3.34 7.93 -6.32
CA SER A 36 -1.91 7.55 -6.28
C SER A 36 -1.15 8.32 -5.18
N ALA A 37 -1.69 9.49 -4.79
CA ALA A 37 -1.13 10.35 -3.72
C ALA A 37 -1.13 9.62 -2.37
N ALA A 38 -2.21 8.85 -2.10
CA ALA A 38 -2.39 8.12 -0.83
C ALA A 38 -1.54 6.85 -0.77
N ILE A 39 -1.03 6.38 -1.93
CA ILE A 39 -0.17 5.18 -2.02
C ILE A 39 1.11 5.35 -1.19
N PHE A 40 1.64 6.60 -1.14
CA PHE A 40 2.83 6.94 -0.34
C PHE A 40 2.58 6.69 1.17
N ASP A 41 1.31 6.78 1.60
CA ASP A 41 0.90 6.48 2.99
C ASP A 41 0.65 4.96 3.17
N LEU A 42 -0.10 4.37 2.22
CA LEU A 42 -0.52 2.95 2.25
C LEU A 42 0.70 2.00 2.28
N VAL A 43 1.75 2.41 1.56
CA VAL A 43 2.99 1.65 1.45
C VAL A 43 3.72 1.64 2.81
N ASP A 44 3.77 2.83 3.48
CA ASP A 44 4.44 3.01 4.79
C ASP A 44 3.97 1.96 5.79
N PHE A 45 2.66 1.70 5.76
CA PHE A 45 2.01 0.80 6.67
C PHE A 45 2.55 -0.65 6.49
N LEU A 46 2.69 -1.08 5.22
CA LEU A 46 3.23 -2.42 4.87
C LEU A 46 4.69 -2.58 5.32
N ARG A 47 5.45 -1.46 5.30
CA ARG A 47 6.87 -1.42 5.74
C ARG A 47 6.97 -1.46 7.27
N GLN A 48 5.94 -0.91 7.91
CA GLN A 48 5.78 -0.88 9.38
C GLN A 48 5.43 -2.28 9.92
N GLU A 49 4.66 -3.04 9.12
CA GLU A 49 4.26 -4.42 9.45
C GLU A 49 5.43 -5.40 9.21
N SER A 50 5.93 -5.38 7.96
CA SER A 50 6.86 -6.40 7.44
C SER A 50 8.35 -6.04 7.75
N LYS A 51 8.56 -4.89 8.42
CA LYS A 51 9.87 -4.43 8.94
C LYS A 51 10.91 -4.32 7.80
N VAL A 52 10.45 -3.82 6.64
CA VAL A 52 11.27 -3.72 5.41
C VAL A 52 11.21 -2.27 4.88
N SER A 53 12.16 -1.90 4.02
CA SER A 53 12.13 -0.63 3.27
C SER A 53 11.78 -0.89 1.78
N ILE A 54 11.28 0.15 1.11
CA ILE A 54 10.94 0.11 -0.33
C ILE A 54 11.57 1.33 -1.04
N GLY A 55 11.86 1.19 -2.33
CA GLY A 55 12.27 2.33 -3.15
C GLY A 55 11.07 3.14 -3.65
N MET A 56 11.31 4.42 -3.95
CA MET A 56 10.26 5.41 -4.28
C MET A 56 9.59 5.09 -5.64
N GLN A 57 10.37 4.50 -6.56
CA GLN A 57 9.90 4.14 -7.91
C GLN A 57 9.01 2.88 -7.87
N GLU A 58 9.22 2.06 -6.83
CA GLU A 58 8.48 0.81 -6.60
C GLU A 58 7.15 1.09 -5.89
N ILE A 59 7.08 2.25 -5.20
CA ILE A 59 5.82 2.80 -4.68
C ILE A 59 4.98 3.23 -5.89
N HIS A 60 4.07 2.34 -6.32
CA HIS A 60 3.20 2.58 -7.48
C HIS A 60 1.79 2.05 -7.17
N PRO A 61 0.71 2.81 -7.56
CA PRO A 61 -0.69 2.32 -7.43
C PRO A 61 -0.93 1.09 -8.33
N ALA A 62 -0.09 0.96 -9.39
CA ALA A 62 -0.06 -0.22 -10.28
C ALA A 62 0.17 -1.52 -9.49
N ASN A 63 1.02 -1.41 -8.45
CA ASN A 63 1.35 -2.51 -7.54
C ASN A 63 0.35 -2.57 -6.37
N PHE A 64 -0.36 -1.46 -6.11
CA PHE A 64 -1.37 -1.37 -5.02
C PHE A 64 -2.81 -1.39 -5.57
N ALA A 65 -2.98 -2.00 -6.77
CA ALA A 65 -4.29 -2.12 -7.45
C ALA A 65 -5.30 -2.93 -6.61
N THR A 66 -4.78 -3.93 -5.88
CA THR A 66 -5.54 -4.76 -4.89
C THR A 66 -4.57 -5.19 -3.78
N VAL A 67 -5.08 -5.91 -2.76
CA VAL A 67 -4.20 -6.55 -1.75
C VAL A 67 -3.33 -7.62 -2.41
N GLN A 68 -3.87 -8.31 -3.43
CA GLN A 68 -3.16 -9.40 -4.13
C GLN A 68 -1.87 -8.89 -4.74
N SER A 69 -1.99 -7.76 -5.43
CA SER A 69 -0.86 -7.10 -6.10
C SER A 69 0.17 -6.58 -5.06
N MET A 70 -0.33 -5.91 -3.99
CA MET A 70 0.52 -5.16 -3.04
C MET A 70 1.20 -6.09 -2.03
N VAL A 71 0.54 -7.22 -1.69
CA VAL A 71 1.05 -8.20 -0.70
C VAL A 71 2.24 -8.95 -1.32
N ALA A 72 2.08 -9.22 -2.61
CA ALA A 72 3.00 -10.01 -3.41
C ALA A 72 4.22 -9.15 -3.82
N LEU A 73 3.96 -7.83 -3.99
CA LEU A 73 5.00 -6.83 -4.24
C LEU A 73 6.02 -6.85 -3.10
N VAL A 74 5.49 -6.82 -1.85
CA VAL A 74 6.32 -6.86 -0.63
C VAL A 74 7.22 -8.11 -0.64
N GLN A 75 6.63 -9.27 -0.95
CA GLN A 75 7.33 -10.58 -0.90
C GLN A 75 8.41 -10.68 -1.99
N ARG A 76 8.22 -9.94 -3.10
CA ARG A 76 9.19 -9.87 -4.20
C ARG A 76 10.41 -9.04 -3.78
N LEU A 77 10.16 -7.77 -3.36
CA LEU A 77 11.23 -6.81 -3.00
C LEU A 77 12.02 -7.26 -1.74
N LYS A 78 11.38 -8.11 -0.90
CA LYS A 78 12.04 -8.77 0.26
C LYS A 78 13.32 -9.51 -0.18
N ALA A 79 13.21 -10.21 -1.31
CA ALA A 79 14.31 -11.00 -1.88
C ALA A 79 15.35 -10.10 -2.59
N HIS A 80 14.93 -8.87 -2.99
CA HIS A 80 15.83 -7.90 -3.64
C HIS A 80 16.80 -7.34 -2.59
N PRO A 81 18.13 -7.62 -2.71
CA PRO A 81 19.16 -7.17 -1.73
C PRO A 81 19.42 -5.65 -1.80
N GLU A 82 18.90 -5.01 -2.86
CA GLU A 82 19.00 -3.56 -3.11
C GLU A 82 18.29 -2.76 -2.00
N GLN A 83 17.00 -3.10 -1.77
CA GLN A 83 16.09 -2.30 -0.92
C GLN A 83 15.41 -3.17 0.16
N GLY A 84 15.43 -4.49 -0.05
CA GLY A 84 14.78 -5.44 0.85
C GLY A 84 15.75 -6.08 1.82
N GLY A 85 15.39 -7.29 2.30
CA GLY A 85 16.13 -7.96 3.36
C GLY A 85 15.98 -7.22 4.68
N ALA A 86 16.93 -6.33 4.98
CA ALA A 86 16.92 -5.48 6.19
C ALA A 86 17.85 -4.27 6.00
N ALA A 87 17.95 -3.43 7.04
CA ALA A 87 18.86 -2.28 7.08
C ALA A 87 19.44 -2.16 8.49
N LEU A 88 20.73 -2.50 8.66
CA LEU A 88 21.43 -2.44 9.94
C LEU A 88 21.73 -0.97 10.31
N GLU A 89 20.88 -0.42 11.20
CA GLU A 89 20.98 0.95 11.69
C GLU A 89 22.14 1.06 12.70
P24 PNS B . 0.46 9.31 -8.77
O25 PNS B . 0.17 8.79 -10.14
O26 PNS B . 0.84 10.75 -8.68
O27 PNS B . 1.57 8.41 -8.05
C28 PNS B . 2.15 8.83 -6.82
C29 PNS B . 3.65 8.52 -6.80
C30 PNS B . 3.83 7.00 -6.91
C31 PNS B . 4.25 9.01 -5.47
C32 PNS B . 4.34 9.21 -7.98
O33 PNS B . 4.10 10.64 -7.93
C34 PNS B . 5.87 8.97 -8.04
O35 PNS B . 6.33 7.94 -8.56
N36 PNS B . 6.68 9.92 -7.50
C37 PNS B . 8.15 9.86 -7.47
C38 PNS B . 8.85 11.24 -7.51
C39 PNS B . 8.55 12.21 -6.35
O40 PNS B . 8.60 13.44 -6.52
N41 PNS B . 8.28 11.67 -5.14
C42 PNS B . 7.99 12.46 -3.92
C43 PNS B . 7.49 11.58 -2.76
S44 PNS B . 5.95 10.77 -3.21
H282 PNS B . 1.66 8.30 -6.02
H281 PNS B . 1.97 9.88 -6.71
H303 PNS B . 3.39 6.64 -7.84
H302 PNS B . 4.88 6.75 -6.90
H301 PNS B . 3.34 6.51 -6.07
H313 PNS B . 5.30 8.79 -5.43
H312 PNS B . 3.75 8.51 -4.65
H311 PNS B . 4.10 10.08 -5.39
H32 PNS B . 3.91 8.84 -8.90
H33 PNS B . 3.18 10.82 -8.09
H36 PNS B . 6.24 10.72 -7.11
H372 PNS B . 8.44 9.36 -6.55
H371 PNS B . 8.51 9.27 -8.30
H382 PNS B . 9.92 11.08 -7.53
H381 PNS B . 8.55 11.74 -8.43
H41 PNS B . 8.26 10.70 -5.05
H422 PNS B . 7.24 13.20 -4.14
H421 PNS B . 8.90 12.97 -3.61
H431 PNS B . 8.23 10.82 -2.53
H432 PNS B . 7.32 12.20 -1.89
H44 PNS B . 5.05 11.70 -3.46
N MET A 1 -6.26 -6.45 13.87
CA MET A 1 -6.76 -5.74 12.67
C MET A 1 -5.57 -5.24 11.85
N LEU A 2 -5.33 -5.86 10.69
CA LEU A 2 -4.31 -5.42 9.73
C LEU A 2 -5.02 -4.81 8.51
N GLU A 3 -5.98 -5.59 7.96
CA GLU A 3 -6.77 -5.20 6.77
C GLU A 3 -7.76 -4.09 7.14
N SER A 4 -8.47 -4.29 8.27
CA SER A 4 -9.42 -3.30 8.81
C SER A 4 -8.71 -1.98 9.17
N LYS A 5 -7.42 -2.08 9.53
CA LYS A 5 -6.61 -0.93 9.98
C LYS A 5 -6.12 -0.10 8.76
N LEU A 6 -5.67 -0.77 7.67
CA LEU A 6 -5.18 -0.07 6.45
C LEU A 6 -6.33 0.68 5.75
N ILE A 7 -7.56 0.11 5.85
CA ILE A 7 -8.79 0.76 5.37
C ILE A 7 -9.10 1.97 6.27
N ASN A 8 -9.30 1.71 7.58
CA ASN A 8 -9.78 2.71 8.58
C ASN A 8 -8.87 3.95 8.66
N HIS A 9 -7.59 3.76 8.31
CA HIS A 9 -6.57 4.81 8.34
C HIS A 9 -6.95 5.97 7.38
N ILE A 10 -6.96 5.66 6.06
CA ILE A 10 -7.24 6.65 5.01
C ILE A 10 -8.75 6.86 4.79
N ALA A 11 -9.59 5.87 5.20
CA ALA A 11 -11.07 5.95 5.12
C ALA A 11 -11.62 7.26 5.72
N THR A 12 -10.89 7.83 6.69
CA THR A 12 -11.27 9.09 7.35
C THR A 12 -11.20 10.28 6.36
N GLN A 13 -10.10 10.33 5.59
CA GLN A 13 -9.79 11.45 4.67
C GLN A 13 -10.27 11.15 3.24
N PHE A 14 -10.60 9.88 2.96
CA PHE A 14 -10.94 9.41 1.59
C PHE A 14 -12.42 9.02 1.47
N LEU A 15 -13.07 8.66 2.57
CA LEU A 15 -14.46 8.13 2.54
C LEU A 15 -15.37 8.84 3.56
N ASP A 16 -14.90 10.00 4.10
CA ASP A 16 -15.65 10.81 5.10
C ASP A 16 -15.68 10.11 6.50
N GLY A 17 -14.80 9.11 6.68
CA GLY A 17 -14.80 8.28 7.89
C GLY A 17 -15.54 6.96 7.71
N GLU A 18 -16.24 6.77 6.57
CA GLU A 18 -17.07 5.57 6.33
C GLU A 18 -16.16 4.41 5.88
N LYS A 19 -16.46 3.20 6.35
CA LYS A 19 -15.83 1.97 5.81
C LYS A 19 -16.88 1.20 5.00
N ASP A 20 -16.80 1.40 3.68
CA ASP A 20 -17.68 0.77 2.69
C ASP A 20 -17.18 1.19 1.31
N GLY A 21 -17.19 0.24 0.36
CA GLY A 21 -16.72 0.50 -1.01
C GLY A 21 -15.21 0.33 -1.15
N LEU A 22 -14.47 0.61 -0.07
CA LEU A 22 -13.02 0.45 0.00
C LEU A 22 -12.72 -0.69 0.98
N ASP A 23 -12.27 -1.82 0.45
CA ASP A 23 -11.81 -2.97 1.23
C ASP A 23 -10.49 -3.48 0.64
N SER A 24 -9.77 -4.31 1.42
CA SER A 24 -8.53 -4.95 1.01
C SER A 24 -8.74 -5.80 -0.28
N GLN A 25 -9.82 -6.60 -0.29
CA GLN A 25 -10.13 -7.53 -1.39
C GLN A 25 -10.70 -6.79 -2.63
N THR A 26 -11.10 -5.54 -2.43
CA THR A 26 -11.69 -4.70 -3.46
C THR A 26 -10.61 -4.18 -4.45
N PRO A 27 -10.91 -4.12 -5.79
CA PRO A 27 -10.03 -3.48 -6.79
C PRO A 27 -10.01 -1.95 -6.61
N LEU A 28 -8.89 -1.43 -6.09
CA LEU A 28 -8.72 0.00 -5.79
C LEU A 28 -8.61 0.82 -7.10
N PHE A 29 -8.13 0.17 -8.17
CA PHE A 29 -7.90 0.79 -9.49
C PHE A 29 -9.15 0.78 -10.36
N GLU A 30 -9.81 -0.39 -10.43
CA GLU A 30 -10.97 -0.60 -11.29
C GLU A 30 -12.17 0.24 -10.83
N LEU A 31 -12.18 0.59 -9.53
CA LEU A 31 -13.20 1.49 -8.95
C LEU A 31 -12.62 2.90 -8.71
N ASN A 32 -11.27 3.04 -8.82
CA ASN A 32 -10.54 4.33 -8.79
C ASN A 32 -10.70 5.04 -7.41
N ILE A 33 -10.80 4.22 -6.35
CA ILE A 33 -11.06 4.73 -4.98
C ILE A 33 -9.86 5.54 -4.46
N VAL A 34 -8.66 4.91 -4.47
CA VAL A 34 -7.44 5.49 -3.88
C VAL A 34 -6.65 6.29 -4.96
N ASP A 35 -6.09 7.44 -4.56
CA ASP A 35 -5.23 8.27 -5.42
C ASP A 35 -3.77 7.88 -5.19
N SER A 36 -2.89 8.34 -6.08
CA SER A 36 -1.45 8.00 -6.06
C SER A 36 -0.72 8.71 -4.88
N ALA A 37 -1.34 9.80 -4.39
CA ALA A 37 -0.84 10.59 -3.23
C ALA A 37 -0.92 9.77 -1.93
N ALA A 38 -1.97 8.94 -1.82
CA ALA A 38 -2.21 8.09 -0.64
C ALA A 38 -1.30 6.85 -0.67
N ILE A 39 -0.73 6.51 -1.85
CA ILE A 39 0.19 5.37 -1.98
C ILE A 39 1.44 5.58 -1.10
N PHE A 40 1.88 6.85 -0.97
CA PHE A 40 2.99 7.26 -0.06
C PHE A 40 2.69 6.88 1.41
N ASP A 41 1.40 6.76 1.75
CA ASP A 41 0.93 6.31 3.07
C ASP A 41 0.82 4.77 3.14
N LEU A 42 0.26 4.14 2.08
CA LEU A 42 0.08 2.67 1.98
C LEU A 42 1.44 1.92 2.01
N VAL A 43 2.50 2.57 1.47
CA VAL A 43 3.86 2.02 1.46
C VAL A 43 4.48 2.07 2.86
N ASP A 44 4.11 3.11 3.64
CA ASP A 44 4.57 3.27 5.03
C ASP A 44 4.06 2.12 5.87
N PHE A 45 2.78 1.79 5.62
CA PHE A 45 2.07 0.75 6.35
C PHE A 45 2.77 -0.62 6.16
N LEU A 46 3.09 -0.97 4.90
CA LEU A 46 3.68 -2.28 4.55
C LEU A 46 5.19 -2.37 4.87
N ARG A 47 5.92 -1.24 4.73
CA ARG A 47 7.38 -1.22 5.03
C ARG A 47 7.60 -1.38 6.55
N GLN A 48 6.61 -0.88 7.31
CA GLN A 48 6.51 -1.02 8.77
C GLN A 48 6.31 -2.50 9.15
N GLU A 49 5.30 -3.12 8.52
CA GLU A 49 4.89 -4.50 8.80
C GLU A 49 5.92 -5.54 8.32
N SER A 50 6.71 -5.15 7.32
CA SER A 50 7.79 -6.01 6.76
C SER A 50 9.19 -5.58 7.20
N LYS A 51 9.28 -4.48 7.98
CA LYS A 51 10.53 -3.99 8.61
C LYS A 51 11.64 -3.71 7.57
N VAL A 52 11.20 -3.28 6.38
CA VAL A 52 12.05 -2.99 5.22
C VAL A 52 11.85 -1.50 4.86
N SER A 53 12.79 -0.92 4.11
CA SER A 53 12.64 0.43 3.54
C SER A 53 12.33 0.29 2.04
N ILE A 54 11.13 0.75 1.63
CA ILE A 54 10.68 0.67 0.24
C ILE A 54 11.11 1.94 -0.52
N GLY A 55 11.47 1.80 -1.80
CA GLY A 55 11.85 2.94 -2.65
C GLY A 55 10.78 3.25 -3.67
N MET A 56 10.84 4.46 -4.28
CA MET A 56 9.85 4.92 -5.30
C MET A 56 9.89 4.08 -6.60
N GLN A 57 10.96 3.28 -6.76
CA GLN A 57 11.08 2.26 -7.81
C GLN A 57 10.02 1.15 -7.62
N GLU A 58 9.63 0.92 -6.36
CA GLU A 58 8.64 -0.11 -5.95
C GLU A 58 7.27 0.53 -5.62
N ILE A 59 7.30 1.82 -5.20
CA ILE A 59 6.10 2.58 -4.86
C ILE A 59 5.32 2.93 -6.14
N HIS A 60 4.38 2.06 -6.51
CA HIS A 60 3.54 2.24 -7.69
C HIS A 60 2.09 1.97 -7.29
N PRO A 61 1.13 2.83 -7.72
CA PRO A 61 -0.30 2.60 -7.47
C PRO A 61 -0.84 1.36 -8.22
N ALA A 62 -0.22 1.02 -9.37
CA ALA A 62 -0.53 -0.22 -10.12
C ALA A 62 -0.10 -1.47 -9.34
N ASN A 63 0.94 -1.31 -8.49
CA ASN A 63 1.42 -2.37 -7.58
C ASN A 63 0.54 -2.42 -6.32
N PHE A 64 -0.14 -1.29 -6.00
CA PHE A 64 -1.08 -1.17 -4.87
C PHE A 64 -2.54 -1.13 -5.40
N ALA A 65 -2.75 -1.67 -6.62
CA ALA A 65 -4.07 -1.70 -7.30
C ALA A 65 -5.10 -2.57 -6.54
N THR A 66 -4.59 -3.56 -5.78
CA THR A 66 -5.39 -4.44 -4.88
C THR A 66 -4.50 -4.77 -3.65
N VAL A 67 -5.07 -5.43 -2.60
CA VAL A 67 -4.24 -5.90 -1.47
C VAL A 67 -3.40 -7.11 -1.90
N GLN A 68 -3.94 -7.89 -2.86
CA GLN A 68 -3.25 -9.05 -3.45
C GLN A 68 -1.94 -8.62 -4.12
N SER A 69 -2.04 -7.58 -4.97
CA SER A 69 -0.90 -7.05 -5.72
C SER A 69 0.15 -6.43 -4.78
N MET A 70 -0.33 -5.69 -3.74
CA MET A 70 0.55 -4.92 -2.84
C MET A 70 1.25 -5.83 -1.83
N VAL A 71 0.53 -6.88 -1.34
CA VAL A 71 1.07 -7.81 -0.32
C VAL A 71 2.20 -8.64 -0.96
N ALA A 72 1.97 -9.04 -2.22
CA ALA A 72 2.84 -9.95 -2.97
C ALA A 72 4.01 -9.18 -3.58
N LEU A 73 3.79 -7.87 -3.88
CA LEU A 73 4.83 -6.94 -4.35
C LEU A 73 5.96 -6.91 -3.33
N VAL A 74 5.57 -6.76 -2.04
CA VAL A 74 6.50 -6.72 -0.92
C VAL A 74 7.31 -8.02 -0.88
N GLN A 75 6.61 -9.17 -0.91
CA GLN A 75 7.24 -10.51 -0.80
C GLN A 75 8.27 -10.76 -1.94
N ARG A 76 8.08 -10.07 -3.09
CA ARG A 76 8.96 -10.19 -4.26
C ARG A 76 10.19 -9.28 -4.13
N LEU A 77 9.98 -8.03 -3.65
CA LEU A 77 11.11 -7.08 -3.44
C LEU A 77 11.99 -7.53 -2.26
N LYS A 78 11.38 -8.27 -1.28
CA LYS A 78 12.09 -8.85 -0.12
C LYS A 78 13.25 -9.77 -0.56
N ALA A 79 13.02 -10.46 -1.71
CA ALA A 79 14.00 -11.39 -2.30
C ALA A 79 15.19 -10.63 -2.93
N HIS A 80 15.00 -9.33 -3.23
CA HIS A 80 16.04 -8.47 -3.83
C HIS A 80 17.03 -7.96 -2.77
N PRO A 81 18.35 -7.80 -3.14
CA PRO A 81 19.39 -7.30 -2.20
C PRO A 81 19.27 -5.78 -1.93
N GLU A 82 18.58 -5.06 -2.85
CA GLU A 82 18.28 -3.62 -2.70
C GLU A 82 17.33 -3.40 -1.51
N GLN A 83 16.40 -4.35 -1.35
CA GLN A 83 15.37 -4.32 -0.30
C GLN A 83 15.70 -5.37 0.77
N GLY A 84 17.00 -5.69 0.91
CA GLY A 84 17.48 -6.64 1.92
C GLY A 84 17.32 -6.09 3.33
N GLY A 85 16.78 -6.93 4.24
CA GLY A 85 16.59 -6.55 5.63
C GLY A 85 17.91 -6.37 6.35
N ALA A 86 18.39 -5.11 6.38
CA ALA A 86 19.73 -4.74 6.90
C ALA A 86 19.96 -5.28 8.31
N ALA A 87 18.99 -5.04 9.20
CA ALA A 87 19.02 -5.56 10.57
C ALA A 87 17.61 -5.55 11.16
N LEU A 88 17.09 -6.74 11.51
CA LEU A 88 15.90 -6.88 12.35
C LEU A 88 16.37 -6.77 13.81
N GLU A 89 16.63 -5.52 14.22
CA GLU A 89 17.22 -5.20 15.52
C GLU A 89 16.11 -5.04 16.59
P24 PNS B . 0.81 10.25 -8.21
O25 PNS B . 1.03 9.39 -9.39
O26 PNS B . 0.66 11.70 -8.49
O27 PNS B . 1.98 10.01 -7.13
C28 PNS B . 2.69 8.75 -7.08
C29 PNS B . 4.05 8.88 -6.40
C30 PNS B . 4.71 7.50 -6.38
C31 PNS B . 3.85 9.37 -4.97
C32 PNS B . 4.94 9.87 -7.17
O33 PNS B . 4.34 11.18 -7.21
C34 PNS B . 6.37 10.05 -6.56
O35 PNS B . 7.28 9.26 -6.85
N36 PNS B . 6.54 11.10 -5.74
C37 PNS B . 7.82 11.47 -5.06
C38 PNS B . 7.70 11.54 -3.53
C39 PNS B . 6.66 12.53 -3.04
O40 PNS B . 6.97 13.69 -2.75
N41 PNS B . 5.40 12.06 -2.93
C42 PNS B . 4.24 12.85 -2.47
C43 PNS B . 3.03 11.97 -2.23
S44 PNS B . 1.63 12.98 -1.71
H282 PNS B . 2.82 8.40 -8.10
H281 PNS B . 2.07 8.04 -6.54
H303 PNS B . 5.68 7.56 -5.89
H302 PNS B . 4.10 6.79 -5.83
H301 PNS B . 4.85 7.14 -7.39
H313 PNS B . 3.37 10.34 -4.97
H312 PNS B . 4.81 9.47 -4.47
H311 PNS B . 3.24 8.67 -4.40
H32 PNS B . 5.05 9.52 -8.19
H33 PNS B . 3.51 11.14 -7.69
H36 PNS B . 5.78 11.69 -5.59
H372 PNS B . 8.59 10.75 -5.33
H371 PNS B . 8.12 12.45 -5.43
H382 PNS B . 7.44 10.55 -3.17
H381 PNS B . 8.66 11.81 -3.11
H41 PNS B . 5.24 11.13 -3.16
H422 PNS B . 4.01 13.58 -3.23
H421 PNS B . 4.50 13.35 -1.55
H431 PNS B . 2.76 11.45 -3.14
H432 PNS B . 3.23 11.25 -1.45
H44 PNS B . 1.98 13.63 -0.60
N MET A 1 -6.59 -9.27 11.86
CA MET A 1 -6.73 -8.32 10.73
C MET A 1 -5.78 -7.14 10.93
N LEU A 2 -5.21 -6.63 9.82
CA LEU A 2 -4.13 -5.62 9.84
C LEU A 2 -4.29 -4.68 8.65
N GLU A 3 -4.52 -5.29 7.48
CA GLU A 3 -4.79 -4.59 6.21
C GLU A 3 -6.15 -3.86 6.24
N SER A 4 -7.04 -4.30 7.14
CA SER A 4 -8.30 -3.60 7.44
C SER A 4 -8.05 -2.19 8.01
N LYS A 5 -6.90 -2.03 8.71
CA LYS A 5 -6.53 -0.76 9.37
C LYS A 5 -5.93 0.24 8.37
N LEU A 6 -5.15 -0.23 7.35
CA LEU A 6 -4.57 0.68 6.32
C LEU A 6 -5.70 1.29 5.47
N ILE A 7 -6.81 0.54 5.34
CA ILE A 7 -8.07 1.05 4.76
C ILE A 7 -8.58 2.21 5.62
N ASN A 8 -8.93 1.89 6.89
CA ASN A 8 -9.57 2.82 7.84
C ASN A 8 -8.71 4.09 8.07
N HIS A 9 -7.39 3.92 7.89
CA HIS A 9 -6.39 4.99 8.03
C HIS A 9 -6.73 6.16 7.10
N ILE A 10 -6.67 5.90 5.77
CA ILE A 10 -6.93 6.95 4.76
C ILE A 10 -8.42 7.13 4.51
N ALA A 11 -9.25 6.09 4.79
CA ALA A 11 -10.72 6.18 4.78
C ALA A 11 -11.23 7.36 5.65
N THR A 12 -10.39 7.80 6.62
CA THR A 12 -10.66 8.97 7.48
C THR A 12 -10.66 10.28 6.64
N GLN A 13 -9.63 10.44 5.80
CA GLN A 13 -9.42 11.66 4.96
C GLN A 13 -10.02 11.50 3.55
N PHE A 14 -10.38 10.26 3.18
CA PHE A 14 -10.88 9.91 1.84
C PHE A 14 -12.39 9.68 1.83
N LEU A 15 -12.94 9.11 2.91
CA LEU A 15 -14.35 8.61 2.92
C LEU A 15 -15.12 9.13 4.15
N ASP A 16 -14.61 10.19 4.82
CA ASP A 16 -15.27 10.81 6.01
C ASP A 16 -15.21 9.85 7.23
N GLY A 17 -14.23 8.94 7.22
CA GLY A 17 -14.08 7.92 8.26
C GLY A 17 -14.75 6.60 7.91
N GLU A 18 -15.62 6.61 6.88
CA GLU A 18 -16.48 5.46 6.56
C GLU A 18 -15.68 4.43 5.76
N LYS A 19 -15.94 3.14 6.01
CA LYS A 19 -15.41 2.04 5.20
C LYS A 19 -16.54 1.48 4.34
N ASP A 20 -16.56 1.88 3.07
CA ASP A 20 -17.61 1.51 2.12
C ASP A 20 -17.08 1.76 0.71
N GLY A 21 -16.96 0.67 -0.09
CA GLY A 21 -16.43 0.75 -1.46
C GLY A 21 -14.91 0.61 -1.50
N LEU A 22 -14.26 0.87 -0.34
CA LEU A 22 -12.81 0.74 -0.16
C LEU A 22 -12.54 -0.42 0.80
N ASP A 23 -12.00 -1.49 0.24
CA ASP A 23 -11.54 -2.66 1.00
C ASP A 23 -10.29 -3.26 0.33
N SER A 24 -9.53 -4.06 1.08
CA SER A 24 -8.32 -4.72 0.61
C SER A 24 -8.61 -5.63 -0.61
N GLN A 25 -9.69 -6.44 -0.52
CA GLN A 25 -10.06 -7.39 -1.59
C GLN A 25 -10.72 -6.66 -2.77
N THR A 26 -11.18 -5.43 -2.51
CA THR A 26 -11.88 -4.61 -3.49
C THR A 26 -10.90 -4.06 -4.57
N PRO A 27 -11.30 -4.06 -5.88
CA PRO A 27 -10.47 -3.50 -6.97
C PRO A 27 -10.39 -1.96 -6.86
N LEU A 28 -9.25 -1.49 -6.36
CA LEU A 28 -9.03 -0.06 -6.06
C LEU A 28 -8.97 0.79 -7.36
N PHE A 29 -8.46 0.20 -8.46
CA PHE A 29 -8.37 0.87 -9.78
C PHE A 29 -9.69 0.84 -10.54
N GLU A 30 -10.40 -0.30 -10.45
CA GLU A 30 -11.68 -0.48 -11.17
C GLU A 30 -12.71 0.52 -10.67
N LEU A 31 -12.79 0.65 -9.34
CA LEU A 31 -13.76 1.55 -8.68
C LEU A 31 -13.15 2.96 -8.48
N ASN A 32 -11.80 3.05 -8.63
CA ASN A 32 -11.04 4.32 -8.58
C ASN A 32 -11.18 5.03 -7.22
N ILE A 33 -11.34 4.24 -6.14
CA ILE A 33 -11.64 4.77 -4.80
C ILE A 33 -10.43 5.49 -4.22
N VAL A 34 -9.28 4.80 -4.17
CA VAL A 34 -8.04 5.37 -3.61
C VAL A 34 -7.28 6.15 -4.70
N ASP A 35 -6.80 7.35 -4.33
CA ASP A 35 -5.93 8.18 -5.17
C ASP A 35 -4.47 7.75 -4.99
N SER A 36 -3.64 8.15 -5.94
CA SER A 36 -2.25 7.73 -6.05
C SER A 36 -1.37 8.31 -4.90
N ALA A 37 -1.89 9.39 -4.26
CA ALA A 37 -1.22 10.04 -3.12
C ALA A 37 -1.18 9.11 -1.90
N ALA A 38 -2.36 8.49 -1.60
CA ALA A 38 -2.54 7.61 -0.42
C ALA A 38 -1.71 6.31 -0.56
N ILE A 39 -1.24 6.01 -1.79
CA ILE A 39 -0.28 4.90 -2.04
C ILE A 39 0.93 5.05 -1.12
N PHE A 40 1.50 6.27 -1.06
CA PHE A 40 2.69 6.60 -0.23
C PHE A 40 2.42 6.36 1.27
N ASP A 41 1.14 6.44 1.69
CA ASP A 41 0.71 6.15 3.07
C ASP A 41 0.68 4.63 3.33
N LEU A 42 -0.07 3.92 2.45
CA LEU A 42 -0.24 2.44 2.50
C LEU A 42 1.13 1.72 2.34
N VAL A 43 2.05 2.42 1.65
CA VAL A 43 3.45 2.01 1.51
C VAL A 43 4.07 1.82 2.90
N ASP A 44 4.14 2.90 3.69
CA ASP A 44 4.87 2.93 4.96
C ASP A 44 4.21 2.05 6.03
N PHE A 45 2.90 1.80 5.88
CA PHE A 45 2.17 0.85 6.71
C PHE A 45 2.74 -0.58 6.49
N LEU A 46 2.94 -0.93 5.20
CA LEU A 46 3.53 -2.23 4.79
C LEU A 46 5.03 -2.32 5.14
N ARG A 47 5.76 -1.18 5.06
CA ARG A 47 7.23 -1.16 5.35
C ARG A 47 7.48 -1.46 6.83
N GLN A 48 6.61 -0.86 7.65
CA GLN A 48 6.59 -0.95 9.11
C GLN A 48 6.51 -2.41 9.58
N GLU A 49 5.52 -3.12 9.01
CA GLU A 49 5.17 -4.49 9.40
C GLU A 49 6.14 -5.51 8.80
N SER A 50 6.44 -5.35 7.50
CA SER A 50 7.27 -6.29 6.73
C SER A 50 8.78 -6.04 6.96
N LYS A 51 9.11 -4.96 7.73
CA LYS A 51 10.48 -4.66 8.22
C LYS A 51 11.46 -4.37 7.07
N VAL A 52 10.94 -3.72 6.01
CA VAL A 52 11.70 -3.43 4.78
C VAL A 52 11.50 -1.96 4.37
N SER A 53 12.59 -1.29 3.98
CA SER A 53 12.59 0.11 3.54
C SER A 53 12.28 0.19 2.03
N ILE A 54 11.82 1.36 1.55
CA ILE A 54 11.30 1.50 0.17
C ILE A 54 11.91 2.71 -0.56
N GLY A 55 11.99 2.59 -1.89
CA GLY A 55 12.24 3.72 -2.80
C GLY A 55 11.03 3.98 -3.69
N MET A 56 11.00 5.14 -4.38
CA MET A 56 9.90 5.50 -5.34
C MET A 56 9.77 4.50 -6.52
N GLN A 57 10.79 3.62 -6.68
CA GLN A 57 10.78 2.55 -7.70
C GLN A 57 9.66 1.53 -7.40
N GLU A 58 9.49 1.20 -6.11
CA GLU A 58 8.50 0.20 -5.64
C GLU A 58 7.14 0.86 -5.39
N ILE A 59 7.17 2.19 -5.09
CA ILE A 59 5.95 2.98 -4.83
C ILE A 59 5.22 3.18 -6.19
N HIS A 60 4.33 2.24 -6.49
CA HIS A 60 3.51 2.23 -7.70
C HIS A 60 2.10 1.77 -7.34
N PRO A 61 1.04 2.55 -7.73
CA PRO A 61 -0.36 2.11 -7.53
C PRO A 61 -0.68 0.87 -8.38
N ALA A 62 0.12 0.63 -9.45
CA ALA A 62 0.08 -0.61 -10.26
C ALA A 62 0.29 -1.85 -9.38
N ASN A 63 1.26 -1.73 -8.46
CA ASN A 63 1.65 -2.80 -7.53
C ASN A 63 0.75 -2.83 -6.28
N PHE A 64 0.22 -1.66 -5.89
CA PHE A 64 -0.69 -1.50 -4.74
C PHE A 64 -2.18 -1.46 -5.22
N ALA A 65 -2.45 -2.05 -6.42
CA ALA A 65 -3.78 -2.01 -7.09
C ALA A 65 -4.87 -2.74 -6.30
N THR A 66 -4.48 -3.82 -5.62
CA THR A 66 -5.36 -4.65 -4.76
C THR A 66 -4.52 -5.22 -3.60
N VAL A 67 -5.16 -5.94 -2.65
CA VAL A 67 -4.44 -6.63 -1.56
C VAL A 67 -3.54 -7.73 -2.11
N GLN A 68 -4.05 -8.51 -3.09
CA GLN A 68 -3.33 -9.65 -3.68
C GLN A 68 -2.13 -9.15 -4.49
N SER A 69 -2.25 -7.95 -5.09
CA SER A 69 -1.17 -7.28 -5.81
C SER A 69 -0.08 -6.82 -4.82
N MET A 70 -0.49 -6.09 -3.76
CA MET A 70 0.43 -5.40 -2.85
C MET A 70 1.16 -6.38 -1.90
N VAL A 71 0.45 -7.45 -1.46
CA VAL A 71 1.04 -8.46 -0.54
C VAL A 71 2.12 -9.29 -1.28
N ALA A 72 1.85 -9.59 -2.55
CA ALA A 72 2.75 -10.37 -3.42
C ALA A 72 3.93 -9.49 -3.88
N LEU A 73 3.64 -8.18 -4.08
CA LEU A 73 4.63 -7.14 -4.39
C LEU A 73 5.69 -7.12 -3.28
N VAL A 74 5.18 -7.13 -2.02
CA VAL A 74 6.01 -7.19 -0.81
C VAL A 74 6.96 -8.39 -0.91
N GLN A 75 6.41 -9.60 -1.14
CA GLN A 75 7.18 -10.88 -1.14
C GLN A 75 8.28 -10.87 -2.24
N ARG A 76 8.06 -10.07 -3.31
CA ARG A 76 9.04 -9.88 -4.39
C ARG A 76 10.22 -9.02 -3.88
N LEU A 77 9.91 -7.79 -3.41
CA LEU A 77 10.93 -6.80 -2.96
C LEU A 77 11.68 -7.26 -1.68
N LYS A 78 11.09 -8.25 -0.96
CA LYS A 78 11.72 -8.88 0.22
C LYS A 78 13.04 -9.57 -0.16
N ALA A 79 13.04 -10.21 -1.34
CA ALA A 79 14.21 -10.89 -1.90
C ALA A 79 15.31 -9.89 -2.33
N HIS A 80 14.90 -8.61 -2.49
CA HIS A 80 15.79 -7.52 -2.92
C HIS A 80 16.45 -6.86 -1.68
N PRO A 81 17.83 -6.87 -1.58
CA PRO A 81 18.56 -6.27 -0.43
C PRO A 81 18.47 -4.73 -0.39
N GLU A 82 18.96 -4.10 -1.46
CA GLU A 82 18.86 -2.64 -1.66
C GLU A 82 18.63 -2.35 -3.16
N GLN A 83 17.79 -1.34 -3.43
CA GLN A 83 17.41 -0.90 -4.79
C GLN A 83 16.95 0.56 -4.75
N GLY A 84 17.25 1.29 -5.84
CA GLY A 84 16.91 2.71 -5.97
C GLY A 84 17.93 3.45 -6.80
N GLY A 85 19.23 3.15 -6.56
CA GLY A 85 20.35 3.74 -7.31
C GLY A 85 20.57 5.21 -6.99
N ALA A 86 20.57 6.07 -8.02
CA ALA A 86 20.76 7.53 -7.87
C ALA A 86 19.45 8.19 -7.42
N ALA A 87 19.24 8.21 -6.09
CA ALA A 87 18.06 8.83 -5.47
C ALA A 87 18.27 10.35 -5.37
N LEU A 88 17.25 11.13 -5.74
CA LEU A 88 17.29 12.59 -5.68
C LEU A 88 17.33 13.08 -4.23
N GLU A 89 18.31 13.94 -3.89
CA GLU A 89 18.41 14.57 -2.57
C GLU A 89 17.71 15.96 -2.62
P24 PNS B . 0.01 10.00 -8.28
O25 PNS B . -0.08 9.29 -9.58
O26 PNS B . -0.02 11.49 -8.35
O27 PNS B . 1.33 9.53 -7.46
C28 PNS B . 1.71 8.14 -7.47
C29 PNS B . 3.03 7.83 -6.76
C30 PNS B . 3.21 6.30 -6.80
C31 PNS B . 2.93 8.27 -5.30
C32 PNS B . 4.25 8.49 -7.42
O33 PNS B . 4.35 8.06 -8.78
C34 PNS B . 4.25 10.03 -7.41
O35 PNS B . 3.75 10.68 -8.34
N36 PNS B . 4.85 10.60 -6.36
C37 PNS B . 4.99 12.04 -6.12
C38 PNS B . 5.72 12.35 -4.81
C39 PNS B . 5.00 11.78 -3.58
O40 PNS B . 4.97 10.56 -3.40
N41 PNS B . 4.42 12.67 -2.77
C42 PNS B . 3.67 12.33 -1.54
C43 PNS B . 2.41 11.52 -1.83
S44 PNS B . 1.53 11.17 -0.31
H282 PNS B . 1.78 7.84 -8.51
H281 PNS B . 0.91 7.58 -7.02
H303 PNS B . 3.27 5.97 -7.84
H302 PNS B . 4.14 6.03 -6.30
H301 PNS B . 2.38 5.80 -6.30
H313 PNS B . 3.84 8.03 -4.77
H312 PNS B . 2.11 7.75 -4.80
H311 PNS B . 2.75 9.34 -5.25
H32 PNS B . 5.15 8.15 -6.91
H33 PNS B . 3.64 8.48 -9.29
H36 PNS B . 5.25 10.01 -5.68
H372 PNS B . 5.54 12.47 -6.96
H371 PNS B . 4.00 12.49 -6.09
H382 PNS B . 6.71 11.91 -4.85
H381 PNS B . 5.82 13.43 -4.71
H41 PNS B . 4.47 13.63 -3.01
H422 PNS B . 3.39 13.26 -1.05
H421 PNS B . 4.32 11.76 -0.88
H431 PNS B . 1.75 12.09 -2.48
H432 PNS B . 2.68 10.58 -2.30
H44 PNS B . 2.34 10.50 0.50
N MET A 1 -4.92 -9.12 11.67
CA MET A 1 -5.78 -8.04 11.17
C MET A 1 -5.03 -6.68 11.19
N LEU A 2 -4.40 -6.32 10.05
CA LEU A 2 -3.74 -5.01 9.85
C LEU A 2 -4.13 -4.41 8.48
N GLU A 3 -4.66 -5.27 7.58
CA GLU A 3 -5.11 -4.85 6.24
C GLU A 3 -6.36 -3.94 6.36
N SER A 4 -7.20 -4.22 7.37
CA SER A 4 -8.37 -3.39 7.69
C SER A 4 -7.95 -2.02 8.28
N LYS A 5 -6.72 -1.95 8.84
CA LYS A 5 -6.19 -0.75 9.50
C LYS A 5 -5.75 0.30 8.46
N LEU A 6 -5.07 -0.14 7.37
CA LEU A 6 -4.63 0.78 6.28
C LEU A 6 -5.85 1.38 5.55
N ILE A 7 -6.94 0.59 5.49
CA ILE A 7 -8.24 1.04 4.96
C ILE A 7 -8.80 2.14 5.87
N ASN A 8 -9.04 1.77 7.15
CA ASN A 8 -9.67 2.65 8.17
C ASN A 8 -8.89 3.96 8.36
N HIS A 9 -7.57 3.89 8.12
CA HIS A 9 -6.66 5.03 8.24
C HIS A 9 -7.08 6.16 7.28
N ILE A 10 -7.07 5.89 5.97
CA ILE A 10 -7.41 6.90 4.94
C ILE A 10 -8.92 7.01 4.71
N ALA A 11 -9.71 5.97 5.08
CA ALA A 11 -11.19 5.98 5.00
C ALA A 11 -11.79 7.27 5.60
N THR A 12 -11.08 7.86 6.59
CA THR A 12 -11.49 9.12 7.24
C THR A 12 -11.52 10.31 6.25
N GLN A 13 -10.45 10.42 5.41
CA GLN A 13 -10.27 11.57 4.50
C GLN A 13 -10.89 11.28 3.12
N PHE A 14 -10.89 10.00 2.75
CA PHE A 14 -11.27 9.53 1.42
C PHE A 14 -12.76 9.19 1.33
N LEU A 15 -13.34 8.69 2.43
CA LEU A 15 -14.71 8.13 2.43
C LEU A 15 -15.60 8.76 3.51
N ASP A 16 -15.11 9.86 4.16
CA ASP A 16 -15.85 10.57 5.24
C ASP A 16 -15.92 9.70 6.53
N GLY A 17 -15.01 8.72 6.64
CA GLY A 17 -14.99 7.75 7.74
C GLY A 17 -15.73 6.45 7.43
N GLU A 18 -16.45 6.42 6.29
CA GLU A 18 -17.26 5.24 5.88
C GLU A 18 -16.33 4.18 5.29
N LYS A 19 -16.67 2.89 5.43
CA LYS A 19 -15.98 1.79 4.74
C LYS A 19 -16.85 1.25 3.62
N ASP A 20 -16.56 1.65 2.38
CA ASP A 20 -17.30 1.19 1.19
C ASP A 20 -16.53 1.63 -0.07
N GLY A 21 -16.26 0.67 -0.98
CA GLY A 21 -15.46 0.93 -2.19
C GLY A 21 -13.97 0.71 -1.95
N LEU A 22 -13.55 0.87 -0.70
CA LEU A 22 -12.17 0.70 -0.26
C LEU A 22 -12.12 -0.49 0.70
N ASP A 23 -11.53 -1.59 0.25
CA ASP A 23 -11.28 -2.78 1.08
C ASP A 23 -10.13 -3.59 0.48
N SER A 24 -9.55 -4.48 1.31
CA SER A 24 -8.47 -5.38 0.91
C SER A 24 -8.91 -6.26 -0.29
N GLN A 25 -10.15 -6.76 -0.21
CA GLN A 25 -10.74 -7.67 -1.20
C GLN A 25 -11.42 -6.92 -2.35
N THR A 26 -11.67 -5.61 -2.16
CA THR A 26 -12.32 -4.76 -3.15
C THR A 26 -11.29 -4.20 -4.17
N PRO A 27 -11.65 -4.14 -5.50
CA PRO A 27 -10.77 -3.55 -6.54
C PRO A 27 -10.66 -2.01 -6.40
N LEU A 28 -9.52 -1.56 -5.89
CA LEU A 28 -9.28 -0.13 -5.62
C LEU A 28 -9.11 0.66 -6.93
N PHE A 29 -8.73 -0.03 -8.02
CA PHE A 29 -8.54 0.58 -9.37
C PHE A 29 -9.82 0.56 -10.22
N GLU A 30 -10.63 -0.51 -10.12
CA GLU A 30 -11.89 -0.60 -10.89
C GLU A 30 -12.90 0.44 -10.39
N LEU A 31 -12.85 0.72 -9.08
CA LEU A 31 -13.71 1.72 -8.43
C LEU A 31 -12.97 3.08 -8.30
N ASN A 32 -11.62 3.06 -8.49
CA ASN A 32 -10.76 4.27 -8.52
C ASN A 32 -10.81 5.07 -7.19
N ILE A 33 -10.94 4.32 -6.08
CA ILE A 33 -11.16 4.92 -4.75
C ILE A 33 -9.88 5.55 -4.19
N VAL A 34 -8.80 4.76 -4.14
CA VAL A 34 -7.52 5.23 -3.57
C VAL A 34 -6.74 6.02 -4.64
N ASP A 35 -6.13 7.13 -4.21
CA ASP A 35 -5.33 8.00 -5.08
C ASP A 35 -3.85 7.73 -4.84
N SER A 36 -3.05 8.24 -5.78
CA SER A 36 -1.59 8.12 -5.80
C SER A 36 -0.96 8.74 -4.51
N ALA A 37 -1.62 9.80 -3.99
CA ALA A 37 -1.21 10.50 -2.75
C ALA A 37 -1.24 9.56 -1.53
N ALA A 38 -2.30 8.74 -1.42
CA ALA A 38 -2.51 7.84 -0.26
C ALA A 38 -1.55 6.64 -0.31
N ILE A 39 -0.97 6.36 -1.49
CA ILE A 39 -0.05 5.23 -1.68
C ILE A 39 1.24 5.42 -0.87
N PHE A 40 1.71 6.68 -0.79
CA PHE A 40 2.90 7.06 0.01
C PHE A 40 2.66 6.76 1.52
N ASP A 41 1.41 6.84 1.95
CA ASP A 41 0.99 6.54 3.34
C ASP A 41 0.96 5.00 3.57
N LEU A 42 0.18 4.33 2.70
CA LEU A 42 -0.05 2.86 2.76
C LEU A 42 1.27 2.06 2.73
N VAL A 43 2.19 2.51 1.87
CA VAL A 43 3.47 1.82 1.66
C VAL A 43 4.39 1.96 2.87
N ASP A 44 4.33 3.12 3.56
CA ASP A 44 5.16 3.38 4.75
C ASP A 44 4.70 2.49 5.89
N PHE A 45 3.39 2.29 5.93
CA PHE A 45 2.74 1.40 6.87
C PHE A 45 3.19 -0.07 6.61
N LEU A 46 3.17 -0.49 5.33
CA LEU A 46 3.51 -1.87 4.91
C LEU A 46 4.99 -2.19 5.13
N ARG A 47 5.90 -1.28 4.73
CA ARG A 47 7.36 -1.50 4.86
C ARG A 47 7.79 -1.56 6.34
N GLN A 48 7.02 -0.87 7.21
CA GLN A 48 7.23 -0.86 8.66
C GLN A 48 6.97 -2.27 9.22
N GLU A 49 5.78 -2.80 8.90
CA GLU A 49 5.31 -4.14 9.36
C GLU A 49 6.17 -5.26 8.75
N SER A 50 6.52 -5.07 7.48
CA SER A 50 7.34 -6.02 6.70
C SER A 50 8.85 -5.88 6.99
N LYS A 51 9.22 -4.90 7.85
CA LYS A 51 10.62 -4.73 8.34
C LYS A 51 11.62 -4.45 7.20
N VAL A 52 11.12 -3.87 6.09
CA VAL A 52 11.89 -3.61 4.87
C VAL A 52 11.87 -2.11 4.52
N SER A 53 12.82 -1.74 3.67
CA SER A 53 12.80 -0.47 2.92
C SER A 53 12.42 -0.76 1.46
N ILE A 54 11.73 0.19 0.82
CA ILE A 54 11.26 0.05 -0.58
C ILE A 54 11.69 1.28 -1.41
N GLY A 55 12.01 1.05 -2.69
CA GLY A 55 12.33 2.14 -3.61
C GLY A 55 11.07 2.87 -4.06
N MET A 56 11.18 4.21 -4.27
CA MET A 56 10.04 5.06 -4.66
C MET A 56 9.50 4.66 -6.05
N GLN A 57 10.37 4.01 -6.85
CA GLN A 57 10.04 3.44 -8.17
C GLN A 57 8.94 2.34 -8.03
N GLU A 58 9.08 1.52 -6.97
CA GLU A 58 8.20 0.37 -6.72
C GLU A 58 6.95 0.78 -5.93
N ILE A 59 6.98 2.00 -5.35
CA ILE A 59 5.79 2.58 -4.73
C ILE A 59 4.89 3.15 -5.83
N HIS A 60 3.84 2.39 -6.21
CA HIS A 60 2.90 2.80 -7.26
C HIS A 60 1.48 2.36 -6.89
N PRO A 61 0.43 3.19 -7.21
CA PRO A 61 -0.98 2.77 -7.07
C PRO A 61 -1.29 1.54 -7.97
N ALA A 62 -0.51 1.38 -9.06
CA ALA A 62 -0.56 0.19 -9.95
C ALA A 62 -0.38 -1.12 -9.15
N ASN A 63 0.53 -1.07 -8.18
CA ASN A 63 0.88 -2.21 -7.31
C ASN A 63 -0.06 -2.29 -6.10
N PHE A 64 -0.65 -1.14 -5.72
CA PHE A 64 -1.60 -1.07 -4.58
C PHE A 64 -3.05 -1.06 -5.09
N ALA A 65 -3.25 -1.60 -6.33
CA ALA A 65 -4.57 -1.71 -6.97
C ALA A 65 -5.49 -2.70 -6.20
N THR A 66 -4.88 -3.71 -5.54
CA THR A 66 -5.56 -4.69 -4.66
C THR A 66 -4.61 -5.06 -3.51
N VAL A 67 -5.12 -5.73 -2.46
CA VAL A 67 -4.27 -6.18 -1.32
C VAL A 67 -3.29 -7.28 -1.77
N GLN A 68 -3.76 -8.18 -2.65
CA GLN A 68 -2.94 -9.28 -3.17
C GLN A 68 -1.72 -8.73 -3.92
N SER A 69 -1.96 -7.68 -4.73
CA SER A 69 -0.92 -7.02 -5.54
C SER A 69 0.10 -6.26 -4.64
N MET A 70 -0.39 -5.58 -3.57
CA MET A 70 0.45 -4.71 -2.70
C MET A 70 1.31 -5.56 -1.76
N VAL A 71 0.78 -6.72 -1.33
CA VAL A 71 1.51 -7.70 -0.51
C VAL A 71 2.58 -8.40 -1.37
N ALA A 72 2.16 -8.85 -2.56
CA ALA A 72 3.02 -9.62 -3.48
C ALA A 72 4.23 -8.78 -3.96
N LEU A 73 4.00 -7.45 -4.08
CA LEU A 73 5.04 -6.45 -4.39
C LEU A 73 6.13 -6.49 -3.31
N VAL A 74 5.67 -6.52 -2.03
CA VAL A 74 6.57 -6.59 -0.88
C VAL A 74 7.31 -7.96 -0.86
N GLN A 75 6.62 -9.03 -1.29
CA GLN A 75 7.21 -10.39 -1.34
C GLN A 75 8.26 -10.51 -2.49
N ARG A 76 8.18 -9.60 -3.47
CA ARG A 76 9.16 -9.52 -4.57
C ARG A 76 10.44 -8.82 -4.09
N LEU A 77 10.28 -7.68 -3.37
CA LEU A 77 11.44 -6.92 -2.85
C LEU A 77 12.15 -7.72 -1.73
N LYS A 78 11.39 -8.59 -1.02
CA LYS A 78 11.93 -9.52 0.02
C LYS A 78 13.10 -10.38 -0.50
N ALA A 79 13.19 -10.52 -1.84
CA ALA A 79 14.27 -11.25 -2.52
C ALA A 79 15.58 -10.42 -2.60
N HIS A 80 15.64 -9.25 -1.88
CA HIS A 80 16.85 -8.40 -1.87
C HIS A 80 18.01 -9.10 -1.10
N PRO A 81 19.17 -9.36 -1.77
CA PRO A 81 20.40 -9.80 -1.08
C PRO A 81 21.07 -8.61 -0.37
N GLU A 82 21.08 -7.47 -1.08
CA GLU A 82 21.66 -6.21 -0.62
C GLU A 82 20.90 -5.05 -1.27
N GLN A 83 20.71 -3.97 -0.50
CA GLN A 83 20.07 -2.72 -0.98
C GLN A 83 20.62 -1.52 -0.21
N GLY A 84 20.78 -0.39 -0.90
CA GLY A 84 21.25 0.86 -0.28
C GLY A 84 20.09 1.70 0.24
N GLY A 85 19.75 1.54 1.53
CA GLY A 85 18.62 2.24 2.14
C GLY A 85 18.63 2.10 3.66
N ALA A 86 19.53 2.87 4.31
CA ALA A 86 19.68 2.89 5.77
C ALA A 86 18.53 3.67 6.43
N ALA A 87 18.32 4.94 5.97
CA ALA A 87 17.27 5.82 6.50
C ALA A 87 17.10 7.07 5.63
N LEU A 88 15.90 7.67 5.69
CA LEU A 88 15.64 9.01 5.15
C LEU A 88 16.11 10.03 6.20
N GLU A 89 17.31 10.56 5.99
CA GLU A 89 17.95 11.52 6.90
C GLU A 89 17.29 12.92 6.79
P24 PNS B . 1.53 8.75 -7.49
O25 PNS B . 2.13 9.02 -8.81
O26 PNS B . 1.45 9.91 -6.55
O27 PNS B . 2.27 7.50 -6.80
C28 PNS B . 2.76 7.45 -5.45
C29 PNS B . 4.18 8.02 -5.30
C30 PNS B . 4.62 7.83 -3.85
C31 PNS B . 4.20 9.52 -5.63
C32 PNS B . 5.16 7.27 -6.21
O33 PNS B . 4.79 7.41 -7.60
C34 PNS B . 6.61 7.79 -6.10
O35 PNS B . 7.40 7.28 -5.31
N36 PNS B . 6.95 8.79 -6.93
C37 PNS B . 8.27 9.44 -7.04
C38 PNS B . 8.31 10.86 -6.43
C39 PNS B . 8.10 10.92 -4.91
O40 PNS B . 9.03 10.63 -4.15
N41 PNS B . 6.90 11.30 -4.45
C42 PNS B . 6.56 11.41 -3.01
C43 PNS B . 5.06 11.60 -2.77
S44 PNS B . 4.46 13.10 -3.59
H282 PNS B . 2.76 6.41 -5.14
H281 PNS B . 2.08 8.01 -4.83
H303 PNS B . 3.92 8.36 -3.19
H302 PNS B . 4.60 6.78 -3.59
H301 PNS B . 5.62 8.22 -3.70
H313 PNS B . 3.52 10.04 -4.96
H312 PNS B . 3.86 9.66 -6.65
H311 PNS B . 5.20 9.91 -5.52
H32 PNS B . 5.16 6.21 -5.97
H33 PNS B . 3.91 7.04 -7.74
H36 PNS B . 6.24 9.12 -7.53
H372 PNS B . 9.01 8.82 -6.54
H371 PNS B . 8.51 9.51 -8.09
H382 PNS B . 9.29 11.29 -6.65
H381 PNS B . 7.56 11.46 -6.91
H41 PNS B . 6.19 11.53 -5.10
H422 PNS B . 7.09 12.26 -2.60
H421 PNS B . 6.88 10.50 -2.52
H431 PNS B . 4.52 10.76 -3.17
H432 PNS B . 4.87 11.70 -1.71
H44 PNS B . 4.63 12.94 -4.89
N MET A 1 -7.62 -7.08 12.93
CA MET A 1 -7.42 -7.24 11.49
C MET A 1 -6.51 -6.11 10.97
N LEU A 2 -5.32 -6.52 10.48
CA LEU A 2 -4.21 -5.61 10.12
C LEU A 2 -4.50 -4.86 8.81
N GLU A 3 -5.03 -5.56 7.79
CA GLU A 3 -5.28 -4.98 6.46
C GLU A 3 -6.49 -4.00 6.49
N SER A 4 -7.36 -4.17 7.48
CA SER A 4 -8.48 -3.25 7.74
C SER A 4 -7.97 -1.92 8.33
N LYS A 5 -6.76 -1.95 8.93
CA LYS A 5 -6.12 -0.76 9.55
C LYS A 5 -5.49 0.14 8.45
N LEU A 6 -4.93 -0.46 7.37
CA LEU A 6 -4.35 0.34 6.26
C LEU A 6 -5.47 1.10 5.52
N ILE A 7 -6.68 0.48 5.49
CA ILE A 7 -7.87 1.08 4.88
C ILE A 7 -8.35 2.29 5.69
N ASN A 8 -8.76 2.04 6.96
CA ASN A 8 -9.50 3.03 7.79
C ASN A 8 -8.66 4.29 8.07
N HIS A 9 -7.33 4.13 7.97
CA HIS A 9 -6.36 5.21 8.18
C HIS A 9 -6.63 6.36 7.19
N ILE A 10 -6.46 6.12 5.87
CA ILE A 10 -6.70 7.16 4.84
C ILE A 10 -8.18 7.28 4.49
N ALA A 11 -8.97 6.20 4.72
CA ALA A 11 -10.46 6.25 4.61
C ALA A 11 -11.07 7.43 5.41
N THR A 12 -10.30 7.94 6.41
CA THR A 12 -10.67 9.13 7.19
C THR A 12 -10.77 10.39 6.28
N GLN A 13 -9.75 10.60 5.43
CA GLN A 13 -9.67 11.76 4.50
C GLN A 13 -10.28 11.42 3.12
N PHE A 14 -10.37 10.11 2.84
CA PHE A 14 -10.78 9.59 1.52
C PHE A 14 -12.28 9.30 1.46
N LEU A 15 -12.85 8.86 2.60
CA LEU A 15 -14.26 8.35 2.66
C LEU A 15 -15.04 8.94 3.86
N ASP A 16 -14.50 10.02 4.49
CA ASP A 16 -15.16 10.72 5.64
C ASP A 16 -15.09 9.87 6.95
N GLY A 17 -14.12 8.96 7.02
CA GLY A 17 -13.95 8.07 8.18
C GLY A 17 -14.82 6.83 8.11
N GLU A 18 -15.37 6.53 6.93
CA GLU A 18 -16.19 5.34 6.68
C GLU A 18 -15.34 4.36 5.86
N LYS A 19 -15.57 3.04 6.01
CA LYS A 19 -15.01 2.03 5.10
C LYS A 19 -16.11 1.55 4.15
N ASP A 20 -16.11 2.07 2.94
CA ASP A 20 -17.15 1.78 1.94
C ASP A 20 -16.61 2.05 0.53
N GLY A 21 -16.57 0.98 -0.29
CA GLY A 21 -15.99 1.00 -1.64
C GLY A 21 -14.49 0.72 -1.63
N LEU A 22 -13.83 1.11 -0.52
CA LEU A 22 -12.42 0.83 -0.28
C LEU A 22 -12.33 -0.36 0.67
N ASP A 23 -11.89 -1.48 0.12
CA ASP A 23 -11.59 -2.70 0.88
C ASP A 23 -10.41 -3.40 0.20
N SER A 24 -9.64 -4.14 1.00
CA SER A 24 -8.41 -4.80 0.57
C SER A 24 -8.64 -5.72 -0.66
N GLN A 25 -9.71 -6.54 -0.63
CA GLN A 25 -10.00 -7.53 -1.70
C GLN A 25 -10.82 -6.91 -2.85
N THR A 26 -11.33 -5.68 -2.61
CA THR A 26 -12.05 -4.91 -3.62
C THR A 26 -11.07 -4.32 -4.65
N PRO A 27 -11.41 -4.32 -5.98
CA PRO A 27 -10.55 -3.73 -7.03
C PRO A 27 -10.43 -2.20 -6.90
N LEU A 28 -9.33 -1.75 -6.29
CA LEU A 28 -9.09 -0.34 -5.96
C LEU A 28 -8.84 0.50 -7.23
N PHE A 29 -8.40 -0.17 -8.32
CA PHE A 29 -8.11 0.47 -9.61
C PHE A 29 -9.36 0.55 -10.49
N GLU A 30 -10.06 -0.58 -10.64
CA GLU A 30 -11.22 -0.69 -11.55
C GLU A 30 -12.37 0.23 -11.11
N LEU A 31 -12.46 0.46 -9.78
CA LEU A 31 -13.43 1.39 -9.20
C LEU A 31 -12.78 2.78 -8.97
N ASN A 32 -11.42 2.79 -8.93
CA ASN A 32 -10.60 4.01 -8.77
C ASN A 32 -10.95 4.71 -7.44
N ILE A 33 -10.95 3.92 -6.34
CA ILE A 33 -11.29 4.43 -5.00
C ILE A 33 -10.09 5.14 -4.38
N VAL A 34 -8.94 4.45 -4.35
CA VAL A 34 -7.69 5.02 -3.77
C VAL A 34 -6.89 5.77 -4.85
N ASP A 35 -6.19 6.83 -4.43
CA ASP A 35 -5.38 7.70 -5.31
C ASP A 35 -3.89 7.58 -4.94
N SER A 36 -3.06 8.15 -5.82
CA SER A 36 -1.58 8.21 -5.70
C SER A 36 -1.17 8.80 -4.32
N ALA A 37 -1.93 9.80 -3.84
CA ALA A 37 -1.63 10.53 -2.59
C ALA A 37 -1.68 9.64 -1.32
N ALA A 38 -2.56 8.61 -1.34
CA ALA A 38 -2.76 7.71 -0.16
C ALA A 38 -1.77 6.53 -0.18
N ILE A 39 -1.18 6.25 -1.35
CA ILE A 39 -0.27 5.09 -1.54
C ILE A 39 0.98 5.23 -0.66
N PHE A 40 1.42 6.49 -0.46
CA PHE A 40 2.55 6.83 0.43
C PHE A 40 2.29 6.33 1.88
N ASP A 41 1.03 6.36 2.31
CA ASP A 41 0.62 5.89 3.64
C ASP A 41 0.47 4.35 3.65
N LEU A 42 -0.21 3.82 2.62
CA LEU A 42 -0.47 2.37 2.45
C LEU A 42 0.85 1.58 2.43
N VAL A 43 1.86 2.16 1.77
CA VAL A 43 3.17 1.54 1.62
C VAL A 43 3.95 1.65 2.92
N ASP A 44 3.81 2.80 3.64
CA ASP A 44 4.52 3.02 4.91
C ASP A 44 4.07 1.97 5.91
N PHE A 45 2.77 1.66 5.85
CA PHE A 45 2.15 0.67 6.69
C PHE A 45 2.77 -0.72 6.44
N LEU A 46 2.75 -1.17 5.17
CA LEU A 46 3.23 -2.54 4.79
C LEU A 46 4.74 -2.71 4.95
N ARG A 47 5.53 -1.66 4.65
CA ARG A 47 7.01 -1.73 4.76
C ARG A 47 7.42 -1.77 6.25
N GLN A 48 6.60 -1.14 7.10
CA GLN A 48 6.75 -1.14 8.55
C GLN A 48 6.42 -2.53 9.11
N GLU A 49 5.27 -3.08 8.64
CA GLU A 49 4.75 -4.40 9.06
C GLU A 49 5.64 -5.55 8.54
N SER A 50 6.36 -5.29 7.45
CA SER A 50 7.32 -6.26 6.83
C SER A 50 8.79 -5.91 7.12
N LYS A 51 9.03 -4.82 7.90
CA LYS A 51 10.37 -4.47 8.43
C LYS A 51 11.42 -4.26 7.30
N VAL A 52 10.94 -3.69 6.19
CA VAL A 52 11.70 -3.44 4.97
C VAL A 52 11.55 -1.96 4.58
N SER A 53 12.53 -1.41 3.86
CA SER A 53 12.40 -0.10 3.21
C SER A 53 12.23 -0.30 1.70
N ILE A 54 11.48 0.61 1.09
CA ILE A 54 11.10 0.54 -0.33
C ILE A 54 11.38 1.91 -1.00
N GLY A 55 11.74 1.89 -2.30
CA GLY A 55 11.99 3.10 -3.08
C GLY A 55 10.75 3.56 -3.85
N MET A 56 10.65 4.88 -4.14
CA MET A 56 9.48 5.50 -4.82
C MET A 56 9.18 4.88 -6.21
N GLN A 57 10.21 4.28 -6.84
CA GLN A 57 10.06 3.58 -8.13
C GLN A 57 9.19 2.31 -7.98
N GLU A 58 9.30 1.67 -6.80
CA GLU A 58 8.55 0.43 -6.48
C GLU A 58 7.20 0.79 -5.84
N ILE A 59 7.13 1.98 -5.22
CA ILE A 59 5.88 2.48 -4.63
C ILE A 59 4.99 3.00 -5.77
N HIS A 60 4.01 2.19 -6.17
CA HIS A 60 3.08 2.50 -7.28
C HIS A 60 1.66 2.14 -6.85
N PRO A 61 0.63 2.98 -7.18
CA PRO A 61 -0.79 2.59 -7.05
C PRO A 61 -1.12 1.35 -7.92
N ALA A 62 -0.36 1.17 -9.03
CA ALA A 62 -0.42 -0.03 -9.89
C ALA A 62 -0.23 -1.32 -9.06
N ASN A 63 0.74 -1.27 -8.14
CA ASN A 63 1.07 -2.41 -7.25
C ASN A 63 0.09 -2.50 -6.08
N PHE A 64 -0.55 -1.37 -5.72
CA PHE A 64 -1.56 -1.30 -4.65
C PHE A 64 -2.99 -1.32 -5.25
N ALA A 65 -3.11 -1.86 -6.48
CA ALA A 65 -4.40 -1.99 -7.20
C ALA A 65 -5.38 -2.93 -6.44
N THR A 66 -4.83 -3.92 -5.71
CA THR A 66 -5.56 -4.85 -4.83
C THR A 66 -4.65 -5.29 -3.66
N VAL A 67 -5.22 -5.99 -2.65
CA VAL A 67 -4.44 -6.54 -1.51
C VAL A 67 -3.44 -7.61 -1.97
N GLN A 68 -3.90 -8.50 -2.87
CA GLN A 68 -3.10 -9.62 -3.39
C GLN A 68 -1.89 -9.09 -4.20
N SER A 69 -2.08 -7.93 -4.86
CA SER A 69 -1.01 -7.29 -5.63
C SER A 69 -0.01 -6.60 -4.68
N MET A 70 -0.52 -5.90 -3.64
CA MET A 70 0.31 -5.05 -2.75
C MET A 70 1.10 -5.90 -1.74
N VAL A 71 0.49 -7.00 -1.24
CA VAL A 71 1.14 -7.89 -0.26
C VAL A 71 2.27 -8.66 -0.93
N ALA A 72 2.01 -9.11 -2.17
CA ALA A 72 2.95 -9.92 -2.95
C ALA A 72 4.08 -9.05 -3.52
N LEU A 73 3.76 -7.76 -3.77
CA LEU A 73 4.73 -6.72 -4.17
C LEU A 73 5.85 -6.68 -3.13
N VAL A 74 5.43 -6.58 -1.85
CA VAL A 74 6.35 -6.51 -0.73
C VAL A 74 7.18 -7.81 -0.66
N GLN A 75 6.51 -8.98 -0.77
CA GLN A 75 7.17 -10.30 -0.68
C GLN A 75 8.25 -10.50 -1.78
N ARG A 76 8.04 -9.86 -2.96
CA ARG A 76 9.01 -9.92 -4.07
C ARG A 76 10.27 -9.12 -3.72
N LEU A 77 10.06 -7.83 -3.33
CA LEU A 77 11.18 -6.91 -3.04
C LEU A 77 11.94 -7.30 -1.75
N LYS A 78 11.27 -8.08 -0.86
CA LYS A 78 11.88 -8.62 0.37
C LYS A 78 13.14 -9.47 0.06
N ALA A 79 13.14 -10.10 -1.12
CA ALA A 79 14.22 -10.99 -1.59
C ALA A 79 15.30 -10.19 -2.38
N HIS A 80 15.03 -8.89 -2.64
CA HIS A 80 15.94 -8.02 -3.41
C HIS A 80 16.91 -7.32 -2.40
N PRO A 81 18.26 -7.25 -2.71
CA PRO A 81 19.34 -7.00 -1.70
C PRO A 81 19.26 -5.63 -0.97
N GLU A 82 18.92 -4.57 -1.73
CA GLU A 82 18.98 -3.18 -1.22
C GLU A 82 17.69 -2.78 -0.46
N GLN A 83 16.68 -3.66 -0.47
CA GLN A 83 15.41 -3.46 0.24
C GLN A 83 15.54 -3.98 1.68
N GLY A 84 15.49 -3.04 2.63
CA GLY A 84 15.65 -3.31 4.06
C GLY A 84 15.82 -2.01 4.81
N GLY A 85 16.78 -1.21 4.32
CA GLY A 85 17.02 0.15 4.79
C GLY A 85 17.94 0.88 3.82
N ALA A 86 18.55 1.99 4.30
CA ALA A 86 19.54 2.81 3.54
C ALA A 86 18.87 3.68 2.44
N ALA A 87 18.20 3.02 1.46
CA ALA A 87 17.52 3.68 0.33
C ALA A 87 16.23 4.42 0.78
N LEU A 88 16.43 5.63 1.32
CA LEU A 88 15.35 6.60 1.61
C LEU A 88 15.84 7.99 1.17
N GLU A 89 15.75 8.26 -0.14
CA GLU A 89 16.20 9.54 -0.72
C GLU A 89 14.99 10.51 -0.81
P24 PNS B . 1.45 10.15 -6.91
O25 PNS B . 2.26 10.25 -8.14
O26 PNS B . 0.74 11.37 -6.48
O27 PNS B . 2.38 9.62 -5.70
C28 PNS B . 2.32 8.24 -5.42
C29 PNS B . 3.57 7.60 -4.82
C30 PNS B . 3.24 6.11 -4.68
C31 PNS B . 3.84 8.19 -3.42
C32 PNS B . 4.83 7.69 -5.68
O33 PNS B . 4.57 7.12 -6.96
C34 PNS B . 5.36 9.11 -5.95
O35 PNS B . 5.04 9.74 -6.98
N36 PNS B . 6.22 9.59 -5.02
C37 PNS B . 6.88 10.88 -5.04
C38 PNS B . 5.97 12.13 -5.11
C39 PNS B . 5.05 12.35 -3.91
O40 PNS B . 5.48 12.93 -2.90
N41 PNS B . 3.78 11.90 -4.01
C42 PNS B . 2.74 12.04 -2.96
C43 PNS B . 3.14 11.45 -1.60
S44 PNS B . 1.83 11.69 -0.38
H282 PNS B . 2.09 7.74 -6.35
H281 PNS B . 1.49 8.08 -4.74
H303 PNS B . 2.38 5.99 -4.01
H302 PNS B . 2.97 5.69 -5.64
H301 PNS B . 4.06 5.57 -4.27
H313 PNS B . 4.72 7.71 -2.98
H312 PNS B . 2.99 7.99 -2.76
H311 PNS B . 4.00 9.25 -3.49
H32 PNS B . 5.64 7.12 -5.23
H33 PNS B . 4.04 7.74 -7.47
H36 PNS B . 6.41 9.01 -4.26
H372 PNS B . 7.47 10.95 -4.14
H371 PNS B . 7.56 10.90 -5.89
H382 PNS B . 6.58 13.01 -5.24
H381 PNS B . 5.34 12.01 -5.99
H41 PNS B . 3.51 11.43 -4.84
H422 PNS B . 1.85 11.53 -3.30
H421 PNS B . 2.51 13.09 -2.83
H431 PNS B . 3.34 10.40 -1.70
H432 PNS B . 4.03 11.96 -1.24
H44 PNS B . 0.76 11.05 -0.83
N MET A 1 -6.71 -8.88 9.70
CA MET A 1 -7.24 -7.52 9.97
C MET A 1 -6.23 -6.42 9.56
N LEU A 2 -5.01 -6.84 9.15
CA LEU A 2 -3.93 -5.93 8.69
C LEU A 2 -4.39 -5.08 7.48
N GLU A 3 -5.31 -5.68 6.72
CA GLU A 3 -5.89 -5.12 5.51
C GLU A 3 -6.89 -4.03 5.89
N SER A 4 -7.81 -4.35 6.82
CA SER A 4 -8.82 -3.39 7.32
C SER A 4 -8.16 -2.22 8.09
N LYS A 5 -6.90 -2.43 8.54
CA LYS A 5 -6.05 -1.40 9.15
C LYS A 5 -5.55 -0.38 8.10
N LEU A 6 -4.94 -0.88 6.99
CA LEU A 6 -4.37 -0.01 5.92
C LEU A 6 -5.49 0.73 5.18
N ILE A 7 -6.69 0.07 5.08
CA ILE A 7 -7.91 0.72 4.58
C ILE A 7 -8.30 1.88 5.50
N ASN A 8 -8.59 1.55 6.78
CA ASN A 8 -9.08 2.48 7.83
C ASN A 8 -8.22 3.76 7.92
N HIS A 9 -6.91 3.56 7.70
CA HIS A 9 -5.90 4.61 7.75
C HIS A 9 -6.25 5.79 6.82
N ILE A 10 -6.32 5.52 5.50
CA ILE A 10 -6.63 6.55 4.49
C ILE A 10 -8.14 6.77 4.33
N ALA A 11 -8.97 5.75 4.67
CA ALA A 11 -10.46 5.84 4.66
C ALA A 11 -10.98 7.03 5.48
N THR A 12 -10.13 7.51 6.43
CA THR A 12 -10.38 8.70 7.24
C THR A 12 -10.54 9.96 6.35
N GLN A 13 -9.55 10.17 5.48
CA GLN A 13 -9.47 11.37 4.61
C GLN A 13 -10.08 11.11 3.22
N PHE A 14 -10.24 9.83 2.87
CA PHE A 14 -10.70 9.40 1.54
C PHE A 14 -12.21 9.15 1.52
N LEU A 15 -12.76 8.65 2.63
CA LEU A 15 -14.17 8.21 2.68
C LEU A 15 -14.91 8.85 3.87
N ASP A 16 -14.36 9.97 4.41
CA ASP A 16 -14.98 10.72 5.54
C ASP A 16 -14.89 9.92 6.87
N GLY A 17 -13.99 8.95 6.93
CA GLY A 17 -13.84 8.07 8.09
C GLY A 17 -14.74 6.84 8.03
N GLU A 18 -15.39 6.59 6.88
CA GLU A 18 -16.29 5.45 6.69
C GLU A 18 -15.54 4.34 5.95
N LYS A 19 -15.80 3.10 6.34
CA LYS A 19 -15.29 1.91 5.62
C LYS A 19 -16.43 1.24 4.87
N ASP A 20 -16.45 1.45 3.55
CA ASP A 20 -17.56 1.02 2.70
C ASP A 20 -17.13 1.08 1.22
N GLY A 21 -16.94 -0.11 0.61
CA GLY A 21 -16.58 -0.23 -0.81
C GLY A 21 -15.07 -0.30 -1.04
N LEU A 22 -14.32 0.18 -0.04
CA LEU A 22 -12.85 0.12 -0.03
C LEU A 22 -12.43 -0.96 0.97
N ASP A 23 -11.89 -2.06 0.44
CA ASP A 23 -11.47 -3.25 1.21
C ASP A 23 -10.24 -3.92 0.58
N SER A 24 -9.85 -5.07 1.16
CA SER A 24 -8.71 -5.87 0.72
C SER A 24 -8.95 -6.52 -0.66
N GLN A 25 -10.16 -7.07 -0.82
CA GLN A 25 -10.56 -7.79 -2.04
C GLN A 25 -11.03 -6.82 -3.14
N THR A 26 -11.18 -5.54 -2.78
CA THR A 26 -11.63 -4.49 -3.69
C THR A 26 -10.58 -4.20 -4.80
N PRO A 27 -11.05 -4.07 -6.09
CA PRO A 27 -10.21 -3.57 -7.19
C PRO A 27 -10.08 -2.04 -7.11
N LEU A 28 -8.94 -1.58 -6.61
CA LEU A 28 -8.69 -0.15 -6.33
C LEU A 28 -8.57 0.65 -7.64
N PHE A 29 -8.23 -0.06 -8.73
CA PHE A 29 -8.12 0.48 -10.08
C PHE A 29 -9.48 0.58 -10.77
N GLU A 30 -10.17 -0.57 -10.86
CA GLU A 30 -11.43 -0.69 -11.63
C GLU A 30 -12.52 0.26 -11.09
N LEU A 31 -12.54 0.43 -9.76
CA LEU A 31 -13.52 1.32 -9.10
C LEU A 31 -12.92 2.74 -8.96
N ASN A 32 -11.56 2.81 -8.99
CA ASN A 32 -10.80 4.07 -8.86
C ASN A 32 -11.13 4.75 -7.51
N ILE A 33 -11.02 3.97 -6.42
CA ILE A 33 -11.30 4.46 -5.07
C ILE A 33 -10.10 5.24 -4.54
N VAL A 34 -8.94 4.57 -4.53
CA VAL A 34 -7.70 5.14 -3.96
C VAL A 34 -6.94 5.96 -5.03
N ASP A 35 -6.25 7.00 -4.58
CA ASP A 35 -5.42 7.89 -5.43
C ASP A 35 -3.95 7.56 -5.22
N SER A 36 -3.10 8.21 -6.03
CA SER A 36 -1.65 8.01 -6.01
C SER A 36 -1.04 8.49 -4.66
N ALA A 37 -1.52 9.65 -4.16
CA ALA A 37 -1.02 10.30 -2.92
C ALA A 37 -1.15 9.39 -1.68
N ALA A 38 -2.21 8.56 -1.66
CA ALA A 38 -2.47 7.62 -0.56
C ALA A 38 -1.52 6.43 -0.61
N ILE A 39 -0.99 6.10 -1.82
CA ILE A 39 -0.04 4.99 -2.00
C ILE A 39 1.25 5.28 -1.20
N PHE A 40 1.70 6.55 -1.27
CA PHE A 40 2.85 7.06 -0.50
C PHE A 40 2.63 6.92 1.04
N ASP A 41 1.35 6.94 1.43
CA ASP A 41 0.92 6.80 2.84
C ASP A 41 0.72 5.29 3.21
N LEU A 42 0.35 4.46 2.20
CA LEU A 42 0.10 3.01 2.38
C LEU A 42 1.41 2.24 2.58
N VAL A 43 2.47 2.70 1.87
CA VAL A 43 3.78 2.04 1.88
C VAL A 43 4.38 2.01 3.29
N ASP A 44 4.27 3.14 4.04
CA ASP A 44 4.92 3.29 5.37
C ASP A 44 4.32 2.34 6.40
N PHE A 45 3.03 2.04 6.23
CA PHE A 45 2.34 1.04 7.05
C PHE A 45 2.93 -0.35 6.77
N LEU A 46 2.98 -0.74 5.47
CA LEU A 46 3.54 -2.04 5.03
C LEU A 46 5.05 -2.19 5.39
N ARG A 47 5.75 -1.03 5.45
CA ARG A 47 7.17 -0.97 5.82
C ARG A 47 7.35 -1.30 7.31
N GLN A 48 6.43 -0.76 8.11
CA GLN A 48 6.47 -0.84 9.58
C GLN A 48 6.16 -2.28 10.06
N GLU A 49 5.29 -2.97 9.29
CA GLU A 49 4.88 -4.34 9.58
C GLU A 49 5.97 -5.34 9.13
N SER A 50 6.39 -5.19 7.86
CA SER A 50 7.35 -6.11 7.20
C SER A 50 8.83 -5.75 7.51
N LYS A 51 9.04 -4.61 8.23
CA LYS A 51 10.36 -4.15 8.73
C LYS A 51 11.36 -3.88 7.58
N VAL A 52 10.84 -3.37 6.45
CA VAL A 52 11.65 -3.16 5.22
C VAL A 52 11.36 -1.75 4.65
N SER A 53 12.38 -1.13 4.06
CA SER A 53 12.25 0.19 3.41
C SER A 53 11.94 0.00 1.91
N ILE A 54 11.05 0.85 1.36
CA ILE A 54 10.73 0.88 -0.08
C ILE A 54 11.04 2.28 -0.64
N GLY A 55 11.50 2.34 -1.90
CA GLY A 55 11.80 3.60 -2.58
C GLY A 55 10.63 4.12 -3.38
N MET A 56 10.69 5.43 -3.73
CA MET A 56 9.57 6.18 -4.32
C MET A 56 9.25 5.73 -5.76
N GLN A 57 10.16 4.96 -6.35
CA GLN A 57 10.03 4.42 -7.72
C GLN A 57 9.13 3.18 -7.69
N GLU A 58 9.26 2.38 -6.61
CA GLU A 58 8.50 1.13 -6.42
C GLU A 58 7.14 1.45 -5.76
N ILE A 59 7.01 2.65 -5.16
CA ILE A 59 5.71 3.20 -4.75
C ILE A 59 4.92 3.48 -6.03
N HIS A 60 3.94 2.61 -6.34
CA HIS A 60 3.06 2.77 -7.52
C HIS A 60 1.64 2.29 -7.19
N PRO A 61 0.57 3.02 -7.64
CA PRO A 61 -0.81 2.49 -7.58
C PRO A 61 -0.97 1.25 -8.48
N ALA A 62 -0.07 1.09 -9.48
CA ALA A 62 -0.01 -0.11 -10.34
C ALA A 62 0.26 -1.38 -9.52
N ASN A 63 1.19 -1.27 -8.54
CA ASN A 63 1.55 -2.37 -7.64
C ASN A 63 0.49 -2.53 -6.52
N PHE A 64 -0.11 -1.39 -6.15
CA PHE A 64 -1.17 -1.30 -5.13
C PHE A 64 -2.56 -1.28 -5.79
N ALA A 65 -2.68 -1.91 -6.99
CA ALA A 65 -3.94 -1.97 -7.77
C ALA A 65 -5.04 -2.71 -6.97
N THR A 66 -4.59 -3.60 -6.06
CA THR A 66 -5.42 -4.26 -5.03
C THR A 66 -4.54 -4.46 -3.79
N VAL A 67 -5.15 -4.79 -2.65
CA VAL A 67 -4.41 -5.06 -1.39
C VAL A 67 -3.66 -6.40 -1.46
N GLN A 68 -4.23 -7.36 -2.20
CA GLN A 68 -3.61 -8.68 -2.42
C GLN A 68 -2.36 -8.56 -3.33
N SER A 69 -2.38 -7.58 -4.28
CA SER A 69 -1.22 -7.25 -5.12
C SER A 69 -0.13 -6.54 -4.29
N MET A 70 -0.56 -5.59 -3.41
CA MET A 70 0.37 -4.72 -2.64
C MET A 70 1.06 -5.53 -1.52
N VAL A 71 0.35 -6.53 -0.97
CA VAL A 71 0.86 -7.42 0.11
C VAL A 71 2.01 -8.28 -0.43
N ALA A 72 1.81 -8.70 -1.69
CA ALA A 72 2.65 -9.67 -2.38
C ALA A 72 3.85 -8.98 -3.03
N LEU A 73 3.67 -7.68 -3.38
CA LEU A 73 4.72 -6.79 -3.86
C LEU A 73 5.82 -6.68 -2.80
N VAL A 74 5.39 -6.52 -1.53
CA VAL A 74 6.29 -6.43 -0.39
C VAL A 74 7.12 -7.72 -0.28
N GLN A 75 6.46 -8.88 -0.46
CA GLN A 75 7.11 -10.20 -0.37
C GLN A 75 8.19 -10.39 -1.48
N ARG A 76 8.03 -9.65 -2.60
CA ARG A 76 9.01 -9.64 -3.72
C ARG A 76 10.27 -8.82 -3.35
N LEU A 77 10.06 -7.60 -2.78
CA LEU A 77 11.18 -6.72 -2.36
C LEU A 77 11.83 -7.21 -1.05
N LYS A 78 11.14 -8.16 -0.37
CA LYS A 78 11.70 -8.93 0.75
C LYS A 78 12.68 -9.99 0.22
N ALA A 79 12.31 -10.56 -0.95
CA ALA A 79 13.09 -11.60 -1.65
C ALA A 79 14.17 -10.96 -2.58
N HIS A 80 14.37 -9.62 -2.42
CA HIS A 80 15.25 -8.78 -3.28
C HIS A 80 16.68 -9.40 -3.49
N PRO A 81 17.12 -9.59 -4.78
CA PRO A 81 18.48 -10.10 -5.08
C PRO A 81 19.59 -9.04 -4.80
N GLU A 82 19.66 -7.97 -5.62
CA GLU A 82 20.71 -6.93 -5.48
C GLU A 82 20.25 -5.61 -6.16
N GLN A 83 19.68 -4.71 -5.35
CA GLN A 83 19.22 -3.37 -5.79
C GLN A 83 20.12 -2.29 -5.13
N GLY A 84 20.11 -2.32 -3.80
CA GLY A 84 20.88 -1.41 -2.97
C GLY A 84 20.63 -1.64 -1.49
N GLY A 85 21.58 -1.26 -0.64
CA GLY A 85 21.46 -1.40 0.82
C GLY A 85 20.58 -0.31 1.42
N ALA A 86 21.12 0.43 2.43
CA ALA A 86 20.46 1.59 3.09
C ALA A 86 19.29 1.20 4.04
N ALA A 87 18.77 -0.04 3.92
CA ALA A 87 17.66 -0.55 4.73
C ALA A 87 18.18 -0.98 6.12
N LEU A 88 18.10 -0.05 7.09
CA LEU A 88 18.47 -0.30 8.49
C LEU A 88 17.53 -1.35 9.11
N GLU A 89 18.14 -2.38 9.71
CA GLU A 89 17.42 -3.53 10.31
C GLU A 89 17.23 -3.30 11.83
P24 PNS B . 0.57 10.79 -7.32
O25 PNS B . 0.82 10.50 -8.76
O26 PNS B . 0.47 12.23 -6.97
O27 PNS B . 1.69 10.10 -6.41
C28 PNS B . 2.37 8.93 -6.87
C29 PNS B . 3.42 8.47 -5.86
C30 PNS B . 2.76 8.11 -4.53
C31 PNS B . 4.42 9.61 -5.60
C32 PNS B . 4.13 7.21 -6.38
O33 PNS B . 3.15 6.16 -6.54
C34 PNS B . 4.85 7.42 -7.72
O35 PNS B . 4.34 7.01 -8.79
N36 PNS B . 6.07 7.99 -7.65
C37 PNS B . 6.95 8.30 -8.79
C38 PNS B . 6.25 9.13 -9.90
C39 PNS B . 5.63 10.47 -9.44
O40 PNS B . 4.55 10.84 -9.93
N41 PNS B . 6.29 11.17 -8.52
C42 PNS B . 5.85 12.47 -7.97
C43 PNS B . 6.34 12.68 -6.54
S44 PNS B . 5.81 14.28 -5.89
H282 PNS B . 2.82 9.15 -7.82
H281 PNS B . 1.63 8.15 -7.01
H303 PNS B . 2.05 7.29 -4.68
H302 PNS B . 3.51 7.77 -3.82
H301 PNS B . 2.23 8.96 -4.11
H313 PNS B . 5.17 9.28 -4.89
H312 PNS B . 3.91 10.47 -5.20
H311 PNS B . 4.92 9.87 -6.53
H32 PNS B . 4.85 6.87 -5.65
H33 PNS B . 2.60 6.35 -7.31
H36 PNS B . 6.41 8.20 -6.76
H372 PNS B . 7.79 8.87 -8.42
H371 PNS B . 7.31 7.38 -9.21
H382 PNS B . 6.96 9.34 -10.68
H381 PNS B . 5.46 8.52 -10.31
H41 PNS B . 7.14 10.81 -8.17
H422 PNS B . 4.77 12.53 -7.99
H421 PNS B . 6.25 13.25 -8.60
H431 PNS B . 5.93 11.90 -5.90
H432 PNS B . 7.42 12.64 -6.52
H44 PNS B . 6.26 14.38 -4.64
N MET A 1 -7.66 -8.55 12.43
CA MET A 1 -7.70 -7.53 11.36
C MET A 1 -6.40 -6.72 11.37
N LEU A 2 -5.79 -6.61 10.19
CA LEU A 2 -4.58 -5.81 9.92
C LEU A 2 -4.97 -4.61 9.05
N GLU A 3 -5.76 -4.92 8.01
CA GLU A 3 -6.14 -3.95 6.97
C GLU A 3 -7.04 -2.84 7.50
N SER A 4 -7.84 -3.15 8.54
CA SER A 4 -8.76 -2.18 9.17
C SER A 4 -8.04 -0.90 9.61
N LYS A 5 -6.72 -1.00 9.89
CA LYS A 5 -5.89 0.16 10.25
C LYS A 5 -5.49 0.96 9.01
N LEU A 6 -4.93 0.25 7.98
CA LEU A 6 -4.40 0.91 6.75
C LEU A 6 -5.54 1.57 5.96
N ILE A 7 -6.71 0.92 5.96
CA ILE A 7 -7.91 1.41 5.28
C ILE A 7 -8.42 2.62 6.04
N ASN A 8 -8.84 2.44 7.33
CA ASN A 8 -9.50 3.50 8.16
C ASN A 8 -8.65 4.78 8.18
N HIS A 9 -7.31 4.62 8.12
CA HIS A 9 -6.34 5.74 8.11
C HIS A 9 -6.75 6.80 7.06
N ILE A 10 -6.70 6.42 5.78
CA ILE A 10 -7.07 7.32 4.66
C ILE A 10 -8.59 7.37 4.45
N ALA A 11 -9.29 6.31 4.88
CA ALA A 11 -10.75 6.18 4.75
C ALA A 11 -11.46 7.30 5.50
N THR A 12 -10.79 7.90 6.50
CA THR A 12 -11.35 9.03 7.25
C THR A 12 -11.55 10.25 6.32
N GLN A 13 -10.56 10.50 5.43
CA GLN A 13 -10.57 11.65 4.51
C GLN A 13 -11.13 11.26 3.12
N PHE A 14 -11.07 9.95 2.80
CA PHE A 14 -11.44 9.42 1.47
C PHE A 14 -12.89 8.91 1.45
N LEU A 15 -13.34 8.31 2.56
CA LEU A 15 -14.60 7.52 2.64
C LEU A 15 -15.52 8.00 3.78
N ASP A 16 -15.18 9.16 4.41
CA ASP A 16 -15.95 9.77 5.53
C ASP A 16 -15.75 8.97 6.86
N GLY A 17 -14.72 8.11 6.90
CA GLY A 17 -14.47 7.21 8.03
C GLY A 17 -14.95 5.77 7.81
N GLU A 18 -15.68 5.53 6.72
CA GLU A 18 -16.33 4.22 6.44
C GLU A 18 -15.33 3.29 5.71
N LYS A 19 -15.50 1.97 5.88
CA LYS A 19 -14.88 0.99 4.99
C LYS A 19 -15.93 0.47 4.01
N ASP A 20 -15.86 0.95 2.76
CA ASP A 20 -16.75 0.50 1.66
C ASP A 20 -16.24 1.07 0.33
N GLY A 21 -16.10 0.18 -0.66
CA GLY A 21 -15.51 0.52 -1.97
C GLY A 21 -13.99 0.48 -1.94
N LEU A 22 -13.40 0.80 -0.78
CA LEU A 22 -11.99 0.64 -0.50
C LEU A 22 -11.88 -0.39 0.63
N ASP A 23 -11.40 -1.57 0.28
CA ASP A 23 -11.06 -2.63 1.22
C ASP A 23 -9.80 -3.31 0.72
N SER A 24 -9.38 -4.35 1.44
CA SER A 24 -8.19 -5.11 1.10
C SER A 24 -8.43 -5.89 -0.21
N GLN A 25 -9.55 -6.63 -0.27
CA GLN A 25 -9.88 -7.53 -1.39
C GLN A 25 -10.58 -6.79 -2.56
N THR A 26 -11.12 -5.58 -2.27
CA THR A 26 -11.91 -4.80 -3.23
C THR A 26 -10.97 -4.10 -4.27
N PRO A 27 -11.33 -4.09 -5.60
CA PRO A 27 -10.50 -3.46 -6.65
C PRO A 27 -10.46 -1.93 -6.53
N LEU A 28 -9.35 -1.42 -5.99
CA LEU A 28 -9.18 0.01 -5.68
C LEU A 28 -9.07 0.85 -6.97
N PHE A 29 -8.52 0.22 -8.03
CA PHE A 29 -8.28 0.86 -9.34
C PHE A 29 -9.53 0.86 -10.20
N GLU A 30 -10.19 -0.30 -10.28
CA GLU A 30 -11.39 -0.50 -11.14
C GLU A 30 -12.52 0.43 -10.70
N LEU A 31 -12.64 0.61 -9.37
CA LEU A 31 -13.66 1.48 -8.77
C LEU A 31 -13.14 2.93 -8.65
N ASN A 32 -11.79 3.08 -8.74
CA ASN A 32 -11.09 4.40 -8.75
C ASN A 32 -11.34 5.14 -7.40
N ILE A 33 -11.38 4.37 -6.32
CA ILE A 33 -11.71 4.88 -4.98
C ILE A 33 -10.49 5.60 -4.36
N VAL A 34 -9.35 4.89 -4.32
CA VAL A 34 -8.11 5.44 -3.77
C VAL A 34 -7.36 6.25 -4.86
N ASP A 35 -6.79 7.39 -4.46
CA ASP A 35 -5.90 8.21 -5.30
C ASP A 35 -4.45 7.89 -4.97
N SER A 36 -3.56 8.32 -5.86
CA SER A 36 -2.12 8.07 -5.80
C SER A 36 -1.49 8.77 -4.56
N ALA A 37 -2.13 9.87 -4.08
CA ALA A 37 -1.67 10.62 -2.88
C ALA A 37 -1.61 9.72 -1.62
N ALA A 38 -2.50 8.72 -1.56
CA ALA A 38 -2.60 7.79 -0.43
C ALA A 38 -1.53 6.66 -0.51
N ILE A 39 -0.99 6.38 -1.72
CA ILE A 39 -0.05 5.24 -1.96
C ILE A 39 1.21 5.37 -1.11
N PHE A 40 1.74 6.60 -1.01
CA PHE A 40 2.94 6.91 -0.20
C PHE A 40 2.68 6.63 1.30
N ASP A 41 1.41 6.74 1.72
CA ASP A 41 0.98 6.47 3.11
C ASP A 41 0.79 4.94 3.32
N LEU A 42 0.14 4.29 2.33
CA LEU A 42 -0.20 2.84 2.36
C LEU A 42 1.07 1.97 2.40
N VAL A 43 2.10 2.42 1.66
CA VAL A 43 3.38 1.71 1.56
C VAL A 43 4.20 1.87 2.85
N ASP A 44 4.00 3.00 3.57
CA ASP A 44 4.62 3.24 4.89
C ASP A 44 4.13 2.21 5.90
N PHE A 45 2.85 1.83 5.76
CA PHE A 45 2.24 0.78 6.56
C PHE A 45 2.92 -0.58 6.24
N LEU A 46 3.03 -0.90 4.93
CA LEU A 46 3.57 -2.21 4.45
C LEU A 46 5.08 -2.39 4.79
N ARG A 47 5.87 -1.30 4.69
CA ARG A 47 7.34 -1.32 4.94
C ARG A 47 7.59 -1.39 6.47
N GLN A 48 6.59 -0.99 7.26
CA GLN A 48 6.64 -1.05 8.72
C GLN A 48 6.34 -2.48 9.19
N GLU A 49 5.20 -3.04 8.71
CA GLU A 49 4.69 -4.36 9.15
C GLU A 49 5.61 -5.51 8.70
N SER A 50 5.92 -5.55 7.40
CA SER A 50 6.73 -6.63 6.79
C SER A 50 8.25 -6.44 7.05
N LYS A 51 8.62 -5.32 7.72
CA LYS A 51 10.01 -4.96 8.11
C LYS A 51 10.90 -4.78 6.86
N VAL A 52 10.50 -3.81 6.04
CA VAL A 52 11.11 -3.49 4.74
C VAL A 52 11.50 -2.01 4.67
N SER A 53 12.59 -1.72 3.99
CA SER A 53 12.86 -0.38 3.46
C SER A 53 12.69 -0.44 1.92
N ILE A 54 11.61 0.14 1.41
CA ILE A 54 11.27 0.12 -0.04
C ILE A 54 11.74 1.42 -0.71
N GLY A 55 12.12 1.34 -2.00
CA GLY A 55 12.49 2.54 -2.79
C GLY A 55 11.28 3.18 -3.47
N MET A 56 11.37 4.51 -3.71
CA MET A 56 10.27 5.33 -4.29
C MET A 56 9.85 4.89 -5.70
N GLN A 57 10.78 4.23 -6.41
CA GLN A 57 10.59 3.79 -7.80
C GLN A 57 9.58 2.60 -7.87
N GLU A 58 9.57 1.77 -6.82
CA GLU A 58 8.64 0.62 -6.69
C GLU A 58 7.28 1.09 -6.12
N ILE A 59 7.31 2.21 -5.37
CA ILE A 59 6.10 2.81 -4.81
C ILE A 59 5.30 3.53 -5.92
N HIS A 60 4.49 2.74 -6.65
CA HIS A 60 3.58 3.27 -7.68
C HIS A 60 2.25 2.51 -7.64
N PRO A 61 1.09 3.21 -7.87
CA PRO A 61 -0.27 2.67 -7.58
C PRO A 61 -0.68 1.43 -8.40
N ALA A 62 0.01 1.16 -9.53
CA ALA A 62 -0.23 -0.03 -10.39
C ALA A 62 -0.10 -1.34 -9.58
N ASN A 63 0.85 -1.35 -8.64
CA ASN A 63 1.13 -2.49 -7.77
C ASN A 63 0.20 -2.48 -6.55
N PHE A 64 -0.25 -1.29 -6.16
CA PHE A 64 -1.11 -1.08 -4.97
C PHE A 64 -2.60 -1.02 -5.37
N ALA A 65 -2.92 -1.53 -6.59
CA ALA A 65 -4.28 -1.58 -7.14
C ALA A 65 -5.23 -2.47 -6.30
N THR A 66 -4.65 -3.52 -5.68
CA THR A 66 -5.37 -4.48 -4.80
C THR A 66 -4.40 -4.94 -3.69
N VAL A 67 -4.91 -5.58 -2.60
CA VAL A 67 -4.02 -6.13 -1.54
C VAL A 67 -3.14 -7.25 -2.10
N GLN A 68 -3.74 -8.12 -2.93
CA GLN A 68 -3.07 -9.32 -3.47
C GLN A 68 -1.86 -8.93 -4.35
N SER A 69 -1.95 -7.76 -5.00
CA SER A 69 -0.88 -7.23 -5.84
C SER A 69 0.19 -6.51 -4.97
N MET A 70 -0.26 -5.71 -3.96
CA MET A 70 0.65 -4.87 -3.14
C MET A 70 1.43 -5.72 -2.11
N VAL A 71 0.78 -6.75 -1.54
CA VAL A 71 1.36 -7.60 -0.48
C VAL A 71 2.38 -8.53 -1.12
N ALA A 72 2.03 -9.05 -2.31
CA ALA A 72 2.87 -9.98 -3.07
C ALA A 72 4.09 -9.24 -3.62
N LEU A 73 3.91 -7.96 -4.01
CA LEU A 73 5.00 -7.07 -4.46
C LEU A 73 6.06 -7.01 -3.36
N VAL A 74 5.60 -6.75 -2.12
CA VAL A 74 6.45 -6.68 -0.93
C VAL A 74 7.19 -8.02 -0.74
N GLN A 75 6.45 -9.15 -0.80
CA GLN A 75 7.04 -10.49 -0.55
C GLN A 75 8.07 -10.88 -1.64
N ARG A 76 7.91 -10.32 -2.86
CA ARG A 76 8.84 -10.53 -3.97
C ARG A 76 10.16 -9.78 -3.72
N LEU A 77 10.06 -8.46 -3.38
CA LEU A 77 11.26 -7.61 -3.15
C LEU A 77 12.01 -7.97 -1.85
N LYS A 78 11.32 -8.72 -0.95
CA LYS A 78 11.93 -9.30 0.27
C LYS A 78 13.09 -10.24 -0.09
N ALA A 79 12.95 -10.94 -1.23
CA ALA A 79 13.97 -11.85 -1.75
C ALA A 79 15.15 -11.08 -2.37
N HIS A 80 14.88 -9.83 -2.81
CA HIS A 80 15.89 -8.95 -3.44
C HIS A 80 16.69 -8.20 -2.36
N PRO A 81 18.05 -8.03 -2.53
CA PRO A 81 18.92 -7.32 -1.56
C PRO A 81 18.60 -5.82 -1.52
N GLU A 82 18.31 -5.28 -2.71
CA GLU A 82 17.93 -3.89 -2.94
C GLU A 82 17.34 -3.79 -4.35
N GLN A 83 16.21 -3.09 -4.48
CA GLN A 83 15.45 -2.99 -5.73
C GLN A 83 16.07 -1.96 -6.70
N GLY A 84 16.16 -0.70 -6.25
CA GLY A 84 16.76 0.38 -7.03
C GLY A 84 17.33 1.46 -6.15
N GLY A 85 17.99 2.46 -6.77
CA GLY A 85 18.53 3.62 -6.06
C GLY A 85 17.47 4.70 -5.88
N ALA A 86 17.72 5.88 -6.48
CA ALA A 86 16.81 7.04 -6.38
C ALA A 86 17.18 8.10 -7.43
N ALA A 87 16.24 9.01 -7.67
CA ALA A 87 16.48 10.20 -8.51
C ALA A 87 17.11 11.31 -7.64
N LEU A 88 17.85 12.22 -8.30
CA LEU A 88 18.46 13.39 -7.64
C LEU A 88 17.34 14.25 -7.02
N GLU A 89 17.15 14.11 -5.69
CA GLU A 89 16.04 14.75 -4.97
C GLU A 89 16.60 15.83 -4.02
P24 PNS B . 1.16 8.78 -7.60
O25 PNS B . 2.07 7.87 -8.35
O26 PNS B . 0.73 10.01 -8.33
O27 PNS B . 1.81 9.22 -6.20
C28 PNS B . 2.38 8.27 -5.30
C29 PNS B . 3.89 8.47 -5.08
C30 PNS B . 4.33 7.48 -4.01
C31 PNS B . 4.14 9.90 -4.59
C32 PNS B . 4.67 8.25 -6.39
O33 PNS B . 4.27 9.21 -7.38
C34 PNS B . 6.20 8.37 -6.24
O35 PNS B . 6.88 7.54 -5.62
N36 PNS B . 6.77 9.39 -6.89
C37 PNS B . 8.21 9.73 -6.90
C38 PNS B . 8.72 10.28 -5.56
C39 PNS B . 7.96 11.52 -5.09
O40 PNS B . 7.78 12.47 -5.86
N41 PNS B . 7.48 11.48 -3.84
C42 PNS B . 6.72 12.55 -3.20
C43 PNS B . 6.36 12.21 -1.75
S44 PNS B . 5.42 13.57 -1.01
H282 PNS B . 2.20 7.27 -5.70
H281 PNS B . 1.86 8.36 -4.36
H303 PNS B . 5.40 7.60 -3.84
H302 PNS B . 3.82 7.66 -3.08
H301 PNS B . 4.14 6.47 -4.34
H313 PNS B . 3.79 10.62 -5.31
H312 PNS B . 5.21 10.05 -4.45
H311 PNS B . 3.63 10.08 -3.64
H32 PNS B . 4.44 7.26 -6.78
H33 PNS B . 3.35 9.06 -7.62
H36 PNS B . 6.19 9.97 -7.42
H372 PNS B . 8.76 8.81 -7.13
H371 PNS B . 8.39 10.44 -7.68
H382 PNS B . 8.63 9.50 -4.80
H381 PNS B . 9.76 10.54 -5.65
H41 PNS B . 7.67 10.69 -3.30
H422 PNS B . 5.80 12.72 -3.75
H421 PNS B . 7.31 13.47 -3.21
H431 PNS B . 5.75 11.32 -1.73
H432 PNS B . 7.27 12.07 -1.18
H44 PNS B . 5.14 13.21 0.24
N MET A 1 -5.68 -9.18 11.37
CA MET A 1 -6.38 -8.36 12.41
C MET A 1 -6.02 -6.86 12.27
N LEU A 2 -5.28 -6.50 11.22
CA LEU A 2 -4.81 -5.12 10.96
C LEU A 2 -5.14 -4.70 9.51
N GLU A 3 -5.98 -5.52 8.82
CA GLU A 3 -6.43 -5.24 7.45
C GLU A 3 -7.47 -4.11 7.46
N SER A 4 -8.35 -4.18 8.47
CA SER A 4 -9.34 -3.14 8.73
C SER A 4 -8.68 -1.83 9.19
N LYS A 5 -7.49 -1.94 9.83
CA LYS A 5 -6.76 -0.79 10.38
C LYS A 5 -6.10 0.01 9.22
N LEU A 6 -5.44 -0.69 8.27
CA LEU A 6 -4.75 -0.05 7.12
C LEU A 6 -5.77 0.66 6.21
N ILE A 7 -6.98 0.09 6.09
CA ILE A 7 -8.09 0.72 5.37
C ILE A 7 -8.59 1.94 6.14
N ASN A 8 -8.97 1.72 7.42
CA ASN A 8 -9.59 2.76 8.29
C ASN A 8 -8.70 4.01 8.44
N HIS A 9 -7.37 3.79 8.31
CA HIS A 9 -6.36 4.86 8.37
C HIS A 9 -6.70 5.97 7.34
N ILE A 10 -6.64 5.66 6.03
CA ILE A 10 -6.92 6.62 4.96
C ILE A 10 -8.44 6.80 4.76
N ALA A 11 -9.25 5.80 5.16
CA ALA A 11 -10.72 5.84 5.08
C ALA A 11 -11.27 7.06 5.84
N THR A 12 -10.46 7.59 6.79
CA THR A 12 -10.79 8.79 7.55
C THR A 12 -10.89 10.00 6.59
N GLN A 13 -9.87 10.16 5.73
CA GLN A 13 -9.77 11.32 4.81
C GLN A 13 -10.42 11.02 3.44
N PHE A 14 -10.53 9.73 3.08
CA PHE A 14 -10.97 9.28 1.74
C PHE A 14 -12.44 8.91 1.70
N LEU A 15 -12.98 8.35 2.79
CA LEU A 15 -14.34 7.78 2.82
C LEU A 15 -15.18 8.40 3.97
N ASP A 16 -14.80 9.60 4.44
CA ASP A 16 -15.54 10.36 5.50
C ASP A 16 -15.39 9.70 6.89
N GLY A 17 -14.39 8.83 7.06
CA GLY A 17 -14.23 8.07 8.30
C GLY A 17 -15.03 6.79 8.36
N GLU A 18 -15.61 6.39 7.22
CA GLU A 18 -16.42 5.17 7.09
C GLU A 18 -15.65 4.17 6.21
N LYS A 19 -15.87 2.87 6.42
CA LYS A 19 -15.32 1.83 5.53
C LYS A 19 -16.41 1.36 4.57
N ASP A 20 -16.31 1.84 3.33
CA ASP A 20 -17.29 1.54 2.28
C ASP A 20 -16.68 1.83 0.91
N GLY A 21 -16.86 0.87 -0.02
CA GLY A 21 -16.32 0.96 -1.38
C GLY A 21 -14.85 0.54 -1.45
N LEU A 22 -14.09 0.84 -0.38
CA LEU A 22 -12.67 0.48 -0.26
C LEU A 22 -12.57 -0.67 0.73
N ASP A 23 -12.25 -1.84 0.19
CA ASP A 23 -11.80 -3.00 0.95
C ASP A 23 -10.42 -3.36 0.43
N SER A 24 -9.73 -4.22 1.18
CA SER A 24 -8.45 -4.76 0.77
C SER A 24 -8.61 -5.60 -0.52
N GLN A 25 -9.64 -6.47 -0.56
CA GLN A 25 -9.89 -7.42 -1.67
C GLN A 25 -10.49 -6.73 -2.91
N THR A 26 -11.07 -5.53 -2.69
CA THR A 26 -11.79 -4.78 -3.72
C THR A 26 -10.78 -4.10 -4.68
N PRO A 27 -11.01 -4.18 -6.05
CA PRO A 27 -10.09 -3.60 -7.04
C PRO A 27 -10.01 -2.07 -6.93
N LEU A 28 -8.91 -1.58 -6.39
CA LEU A 28 -8.68 -0.14 -6.15
C LEU A 28 -8.40 0.57 -7.48
N PHE A 29 -7.96 -0.23 -8.48
CA PHE A 29 -7.60 0.25 -9.82
C PHE A 29 -8.84 0.42 -10.71
N GLU A 30 -9.55 -0.70 -10.91
CA GLU A 30 -10.67 -0.79 -11.88
C GLU A 30 -11.86 0.09 -11.47
N LEU A 31 -11.93 0.41 -10.17
CA LEU A 31 -13.00 1.27 -9.62
C LEU A 31 -12.46 2.69 -9.35
N ASN A 32 -11.10 2.82 -9.31
CA ASN A 32 -10.41 4.11 -9.08
C ASN A 32 -10.80 4.66 -7.69
N ILE A 33 -10.65 3.79 -6.68
CA ILE A 33 -11.01 4.13 -5.29
C ILE A 33 -9.91 4.97 -4.63
N VAL A 34 -8.68 4.44 -4.63
CA VAL A 34 -7.52 5.15 -4.06
C VAL A 34 -6.78 5.88 -5.18
N ASP A 35 -6.32 7.09 -4.89
CA ASP A 35 -5.53 7.91 -5.83
C ASP A 35 -4.03 7.68 -5.63
N SER A 36 -3.31 8.12 -6.66
CA SER A 36 -1.84 8.14 -6.78
C SER A 36 -1.18 8.90 -5.60
N ALA A 37 -1.89 9.92 -5.08
CA ALA A 37 -1.44 10.75 -3.95
C ALA A 37 -1.32 9.96 -2.62
N ALA A 38 -2.36 9.15 -2.31
CA ALA A 38 -2.49 8.46 -1.01
C ALA A 38 -1.57 7.23 -0.89
N ILE A 39 -1.06 6.76 -2.04
CA ILE A 39 -0.21 5.55 -2.11
C ILE A 39 1.04 5.67 -1.22
N PHE A 40 1.64 6.88 -1.18
CA PHE A 40 2.82 7.18 -0.34
C PHE A 40 2.55 6.85 1.15
N ASP A 41 1.34 7.15 1.61
CA ASP A 41 0.94 6.88 3.01
C ASP A 41 0.85 5.36 3.25
N LEU A 42 0.23 4.66 2.26
CA LEU A 42 -0.05 3.21 2.36
C LEU A 42 1.23 2.38 2.50
N VAL A 43 2.36 2.88 1.93
CA VAL A 43 3.64 2.16 1.95
C VAL A 43 4.21 2.12 3.38
N ASP A 44 4.12 3.24 4.13
CA ASP A 44 4.73 3.35 5.48
C ASP A 44 4.15 2.33 6.46
N PHE A 45 2.90 1.91 6.22
CA PHE A 45 2.28 0.81 6.94
C PHE A 45 3.06 -0.49 6.67
N LEU A 46 3.16 -0.85 5.37
CA LEU A 46 3.81 -2.10 4.93
C LEU A 46 5.31 -2.12 5.25
N ARG A 47 5.97 -0.95 5.28
CA ARG A 47 7.43 -0.84 5.53
C ARG A 47 7.74 -1.02 7.02
N GLN A 48 6.74 -0.68 7.83
CA GLN A 48 6.77 -0.83 9.30
C GLN A 48 6.55 -2.32 9.65
N GLU A 49 5.56 -2.95 8.99
CA GLU A 49 5.16 -4.35 9.29
C GLU A 49 6.16 -5.35 8.67
N SER A 50 6.56 -5.10 7.43
CA SER A 50 7.50 -5.97 6.68
C SER A 50 8.97 -5.68 7.06
N LYS A 51 9.18 -4.60 7.87
CA LYS A 51 10.50 -4.25 8.47
C LYS A 51 11.55 -3.86 7.39
N VAL A 52 11.05 -3.50 6.20
CA VAL A 52 11.88 -3.22 5.01
C VAL A 52 11.66 -1.78 4.54
N SER A 53 12.62 -1.24 3.78
CA SER A 53 12.49 0.08 3.12
C SER A 53 12.21 -0.10 1.62
N ILE A 54 11.62 0.93 1.00
CA ILE A 54 11.22 0.92 -0.42
C ILE A 54 11.69 2.21 -1.13
N GLY A 55 11.98 2.11 -2.42
CA GLY A 55 12.26 3.27 -3.25
C GLY A 55 10.98 3.86 -3.83
N MET A 56 10.99 5.18 -4.14
CA MET A 56 9.81 5.89 -4.71
C MET A 56 9.45 5.35 -6.10
N GLN A 57 10.40 4.62 -6.72
CA GLN A 57 10.21 3.95 -8.01
C GLN A 57 9.19 2.80 -7.89
N GLU A 58 9.27 2.06 -6.76
CA GLU A 58 8.37 0.91 -6.50
C GLU A 58 7.05 1.39 -5.86
N ILE A 59 7.06 2.61 -5.30
CA ILE A 59 5.85 3.23 -4.74
C ILE A 59 4.94 3.72 -5.89
N HIS A 60 4.06 2.84 -6.36
CA HIS A 60 3.04 3.16 -7.36
C HIS A 60 1.74 2.41 -7.04
N PRO A 61 0.54 3.01 -7.36
CA PRO A 61 -0.77 2.32 -7.23
C PRO A 61 -0.87 1.07 -8.12
N ALA A 62 0.01 0.99 -9.15
CA ALA A 62 0.14 -0.19 -10.03
C ALA A 62 0.43 -1.45 -9.21
N ASN A 63 1.22 -1.27 -8.13
CA ASN A 63 1.56 -2.34 -7.18
C ASN A 63 0.55 -2.41 -6.04
N PHE A 64 -0.11 -1.28 -5.74
CA PHE A 64 -1.13 -1.18 -4.68
C PHE A 64 -2.55 -1.24 -5.30
N ALA A 65 -2.65 -1.90 -6.48
CA ALA A 65 -3.92 -2.05 -7.25
C ALA A 65 -4.99 -2.82 -6.45
N THR A 66 -4.55 -3.80 -5.65
CA THR A 66 -5.39 -4.60 -4.71
C THR A 66 -4.53 -5.01 -3.51
N VAL A 67 -5.14 -5.70 -2.51
CA VAL A 67 -4.39 -6.35 -1.41
C VAL A 67 -3.49 -7.46 -1.99
N GLN A 68 -3.99 -8.14 -3.04
CA GLN A 68 -3.27 -9.24 -3.69
C GLN A 68 -1.98 -8.70 -4.34
N SER A 69 -2.14 -7.58 -5.06
CA SER A 69 -1.04 -6.90 -5.74
C SER A 69 0.02 -6.39 -4.73
N MET A 70 -0.45 -5.73 -3.63
CA MET A 70 0.44 -5.03 -2.67
C MET A 70 1.11 -6.02 -1.68
N VAL A 71 0.40 -7.11 -1.32
CA VAL A 71 0.92 -8.15 -0.40
C VAL A 71 2.01 -8.95 -1.14
N ALA A 72 1.76 -9.18 -2.44
CA ALA A 72 2.63 -9.93 -3.33
C ALA A 72 3.84 -9.10 -3.75
N LEU A 73 3.64 -7.76 -3.87
CA LEU A 73 4.70 -6.79 -4.14
C LEU A 73 5.79 -6.93 -3.09
N VAL A 74 5.34 -6.98 -1.82
CA VAL A 74 6.22 -7.16 -0.66
C VAL A 74 7.03 -8.46 -0.82
N GLN A 75 6.35 -9.56 -1.17
CA GLN A 75 6.99 -10.89 -1.28
C GLN A 75 8.04 -10.94 -2.41
N ARG A 76 7.78 -10.14 -3.48
CA ARG A 76 8.68 -10.01 -4.64
C ARG A 76 9.97 -9.30 -4.24
N LEU A 77 9.82 -8.12 -3.59
CA LEU A 77 10.98 -7.31 -3.18
C LEU A 77 11.72 -7.91 -1.96
N LYS A 78 11.07 -8.84 -1.22
CA LYS A 78 11.72 -9.63 -0.16
C LYS A 78 12.80 -10.56 -0.74
N ALA A 79 12.54 -11.05 -1.98
CA ALA A 79 13.49 -11.88 -2.73
C ALA A 79 14.68 -11.05 -3.25
N HIS A 80 14.53 -9.71 -3.23
CA HIS A 80 15.63 -8.77 -3.48
C HIS A 80 16.25 -8.40 -2.13
N PRO A 81 17.62 -8.49 -1.98
CA PRO A 81 18.31 -8.28 -0.68
C PRO A 81 18.08 -6.87 -0.11
N GLU A 82 18.17 -5.85 -1.00
CA GLU A 82 18.01 -4.41 -0.66
C GLU A 82 16.69 -4.13 0.09
N GLN A 83 15.61 -4.77 -0.40
CA GLN A 83 14.24 -4.51 0.09
C GLN A 83 13.71 -5.77 0.82
N GLY A 84 14.62 -6.66 1.20
CA GLY A 84 14.26 -7.96 1.80
C GLY A 84 14.88 -8.19 3.17
N GLY A 85 16.13 -7.75 3.36
CA GLY A 85 16.85 -8.00 4.59
C GLY A 85 17.90 -6.94 4.88
N ALA A 86 18.56 -6.44 3.80
CA ALA A 86 19.52 -5.34 3.89
C ALA A 86 18.82 -4.08 4.43
N ALA A 87 19.04 -3.81 5.72
CA ALA A 87 18.40 -2.71 6.44
C ALA A 87 18.93 -1.36 5.93
N LEU A 88 18.12 -0.68 5.10
CA LEU A 88 18.38 0.69 4.66
C LEU A 88 18.21 1.58 5.90
N GLU A 89 19.32 2.00 6.46
CA GLU A 89 19.39 2.69 7.76
C GLU A 89 20.52 3.73 7.68
P24 PNS B . 0.83 8.58 -9.24
O25 PNS B . 0.40 7.18 -9.45
O26 PNS B . 1.06 9.38 -10.48
O27 PNS B . 2.16 8.60 -8.35
C28 PNS B . 2.26 7.81 -7.20
C29 PNS B . 3.45 8.24 -6.33
C30 PNS B . 3.42 7.36 -5.08
C31 PNS B . 3.29 9.69 -5.88
C32 PNS B . 4.76 8.05 -7.09
O33 PNS B . 4.78 8.83 -8.31
C34 PNS B . 5.96 8.49 -6.24
O35 PNS B . 6.51 7.71 -5.47
N36 PNS B . 6.36 9.76 -6.43
C37 PNS B . 7.43 10.41 -5.70
C38 PNS B . 6.80 11.56 -4.90
C39 PNS B . 7.72 12.21 -3.90
O40 PNS B . 8.83 12.65 -4.19
N41 PNS B . 7.18 12.24 -2.68
C42 PNS B . 7.76 12.78 -1.48
C43 PNS B . 6.89 12.41 -0.28
S44 PNS B . 7.62 13.07 1.24
H282 PNS B . 2.38 6.78 -7.51
H281 PNS B . 1.34 7.92 -6.64
H303 PNS B . 3.55 6.31 -5.36
H302 PNS B . 4.24 7.63 -4.41
H301 PNS B . 2.49 7.47 -4.53
H313 PNS B . 3.29 10.35 -6.74
H312 PNS B . 4.13 9.98 -5.23
H311 PNS B . 2.37 9.83 -5.32
H32 PNS B . 4.89 7.00 -7.36
H33 PNS B . 4.06 8.54 -8.88
H36 PNS B . 5.92 10.29 -7.14
H372 PNS B . 7.91 9.69 -5.03
H371 PNS B . 8.17 10.79 -6.39
H382 PNS B . 6.50 12.32 -5.60
H381 PNS B . 5.93 11.19 -4.40
H41 PNS B . 6.30 11.83 -2.57
H422 PNS B . 7.82 13.85 -1.57
H421 PNS B . 8.76 12.38 -1.36
H431 PNS B . 5.91 12.81 -0.42
H432 PNS B . 6.83 11.32 -0.21
H44 PNS B . 6.82 12.71 2.24
N MET A 1 -6.77 -7.55 13.23
CA MET A 1 -6.35 -7.70 11.83
C MET A 1 -5.98 -6.33 11.25
N LEU A 2 -4.79 -6.28 10.60
CA LEU A 2 -4.16 -5.04 10.10
C LEU A 2 -4.83 -4.49 8.83
N GLU A 3 -5.73 -5.30 8.22
CA GLU A 3 -6.50 -4.89 7.03
C GLU A 3 -7.39 -3.70 7.37
N SER A 4 -8.10 -3.80 8.51
CA SER A 4 -8.98 -2.74 9.03
C SER A 4 -8.20 -1.44 9.27
N LYS A 5 -6.91 -1.57 9.64
CA LYS A 5 -6.02 -0.44 9.95
C LYS A 5 -5.58 0.31 8.68
N LEU A 6 -5.09 -0.43 7.65
CA LEU A 6 -4.58 0.17 6.39
C LEU A 6 -5.72 0.84 5.60
N ILE A 7 -6.94 0.27 5.69
CA ILE A 7 -8.14 0.87 5.09
C ILE A 7 -8.52 2.14 5.84
N ASN A 8 -8.85 1.97 7.16
CA ASN A 8 -9.42 3.03 8.02
C ASN A 8 -8.58 4.32 8.02
N HIS A 9 -7.24 4.15 7.91
CA HIS A 9 -6.27 5.24 7.99
C HIS A 9 -6.66 6.38 7.02
N ILE A 10 -6.60 6.10 5.70
CA ILE A 10 -6.94 7.08 4.68
C ILE A 10 -8.47 7.14 4.45
N ALA A 11 -9.20 6.04 4.76
CA ALA A 11 -10.70 5.98 4.70
C ALA A 11 -11.34 7.12 5.52
N THR A 12 -10.58 7.66 6.50
CA THR A 12 -11.01 8.82 7.31
C THR A 12 -11.24 10.06 6.42
N GLN A 13 -10.26 10.32 5.54
CA GLN A 13 -10.25 11.51 4.66
C GLN A 13 -10.81 11.18 3.25
N PHE A 14 -10.79 9.89 2.91
CA PHE A 14 -11.16 9.39 1.57
C PHE A 14 -12.66 9.01 1.52
N LEU A 15 -13.19 8.50 2.64
CA LEU A 15 -14.56 7.91 2.69
C LEU A 15 -15.40 8.52 3.84
N ASP A 16 -14.95 9.66 4.41
CA ASP A 16 -15.64 10.36 5.54
C ASP A 16 -15.51 9.57 6.87
N GLY A 17 -14.56 8.62 6.91
CA GLY A 17 -14.36 7.76 8.09
C GLY A 17 -14.96 6.37 7.95
N GLU A 18 -15.69 6.12 6.84
CA GLU A 18 -16.39 4.84 6.62
C GLU A 18 -15.42 3.83 5.96
N LYS A 19 -15.57 2.54 6.26
CA LYS A 19 -14.91 1.45 5.49
C LYS A 19 -15.96 0.71 4.67
N ASP A 20 -16.02 1.03 3.37
CA ASP A 20 -16.98 0.44 2.41
C ASP A 20 -16.67 0.97 1.01
N GLY A 21 -16.64 0.07 0.01
CA GLY A 21 -16.24 0.43 -1.36
C GLY A 21 -14.72 0.48 -1.56
N LEU A 22 -14.00 0.69 -0.45
CA LEU A 22 -12.55 0.60 -0.35
C LEU A 22 -12.25 -0.42 0.73
N ASP A 23 -11.74 -1.59 0.32
CA ASP A 23 -11.36 -2.68 1.23
C ASP A 23 -10.09 -3.32 0.71
N SER A 24 -9.55 -4.28 1.47
CA SER A 24 -8.32 -4.96 1.12
C SER A 24 -8.50 -5.83 -0.16
N GLN A 25 -9.59 -6.63 -0.20
CA GLN A 25 -9.86 -7.56 -1.33
C GLN A 25 -10.68 -6.89 -2.44
N THR A 26 -11.30 -5.74 -2.11
CA THR A 26 -11.99 -4.89 -3.09
C THR A 26 -10.98 -4.32 -4.12
N PRO A 27 -11.32 -4.33 -5.45
CA PRO A 27 -10.43 -3.81 -6.50
C PRO A 27 -10.33 -2.26 -6.45
N LEU A 28 -9.18 -1.78 -5.96
CA LEU A 28 -8.97 -0.34 -5.69
C LEU A 28 -8.83 0.45 -6.99
N PHE A 29 -8.30 -0.21 -8.03
CA PHE A 29 -8.06 0.43 -9.34
C PHE A 29 -9.25 0.28 -10.29
N GLU A 30 -9.89 -0.89 -10.24
CA GLU A 30 -11.06 -1.19 -11.09
C GLU A 30 -12.22 -0.22 -10.74
N LEU A 31 -12.32 0.12 -9.44
CA LEU A 31 -13.28 1.16 -8.96
C LEU A 31 -12.61 2.55 -8.93
N ASN A 32 -11.25 2.54 -8.87
CA ASN A 32 -10.41 3.76 -8.87
C ASN A 32 -10.75 4.65 -7.65
N ILE A 33 -10.78 4.02 -6.45
CA ILE A 33 -11.08 4.74 -5.20
C ILE A 33 -9.85 5.51 -4.67
N VAL A 34 -8.74 4.80 -4.48
CA VAL A 34 -7.53 5.35 -3.82
C VAL A 34 -6.66 6.14 -4.83
N ASP A 35 -6.05 7.23 -4.36
CA ASP A 35 -5.22 8.14 -5.19
C ASP A 35 -3.74 7.81 -5.04
N SER A 36 -2.98 8.35 -6.01
CA SER A 36 -1.50 8.27 -6.08
C SER A 36 -0.85 8.88 -4.81
N ALA A 37 -1.44 9.97 -4.32
CA ALA A 37 -0.95 10.70 -3.14
C ALA A 37 -1.09 9.88 -1.84
N ALA A 38 -2.10 8.99 -1.79
CA ALA A 38 -2.36 8.14 -0.61
C ALA A 38 -1.48 6.89 -0.61
N ILE A 39 -0.91 6.56 -1.78
CA ILE A 39 -0.09 5.34 -1.96
C ILE A 39 1.11 5.33 -1.00
N PHE A 40 1.80 6.49 -0.86
CA PHE A 40 2.95 6.63 0.07
C PHE A 40 2.56 6.32 1.53
N ASP A 41 1.28 6.53 1.86
CA ASP A 41 0.74 6.23 3.18
C ASP A 41 0.54 4.70 3.36
N LEU A 42 -0.05 4.05 2.33
CA LEU A 42 -0.19 2.57 2.28
C LEU A 42 1.21 1.91 2.31
N VAL A 43 2.20 2.58 1.69
CA VAL A 43 3.62 2.19 1.71
C VAL A 43 4.14 2.15 3.13
N ASP A 44 3.96 3.27 3.85
CA ASP A 44 4.47 3.45 5.22
C ASP A 44 3.96 2.33 6.12
N PHE A 45 2.71 1.94 5.89
CA PHE A 45 2.07 0.89 6.64
C PHE A 45 2.78 -0.45 6.36
N LEU A 46 2.80 -0.86 5.06
CA LEU A 46 3.32 -2.17 4.60
C LEU A 46 4.81 -2.38 4.90
N ARG A 47 5.60 -1.29 4.78
CA ARG A 47 7.06 -1.33 4.96
C ARG A 47 7.41 -1.48 6.45
N GLN A 48 6.54 -0.90 7.29
CA GLN A 48 6.68 -0.92 8.75
C GLN A 48 6.21 -2.29 9.30
N GLU A 49 5.17 -2.87 8.64
CA GLU A 49 4.63 -4.21 8.97
C GLU A 49 5.63 -5.31 8.61
N SER A 50 6.11 -5.24 7.36
CA SER A 50 6.99 -6.27 6.77
C SER A 50 8.47 -6.00 7.08
N LYS A 51 8.73 -4.89 7.83
CA LYS A 51 10.06 -4.55 8.39
C LYS A 51 11.10 -4.27 7.28
N VAL A 52 10.63 -3.91 6.08
CA VAL A 52 11.48 -3.73 4.88
C VAL A 52 11.24 -2.35 4.26
N SER A 53 12.33 -1.66 3.89
CA SER A 53 12.27 -0.35 3.24
C SER A 53 12.11 -0.52 1.72
N ILE A 54 11.26 0.33 1.13
CA ILE A 54 10.93 0.32 -0.31
C ILE A 54 11.14 1.72 -0.90
N GLY A 55 11.60 1.77 -2.17
CA GLY A 55 11.86 3.04 -2.86
C GLY A 55 10.70 3.47 -3.74
N MET A 56 10.70 4.76 -4.14
CA MET A 56 9.64 5.37 -4.99
C MET A 56 9.58 4.74 -6.41
N GLN A 57 10.57 3.89 -6.74
CA GLN A 57 10.59 3.10 -7.97
C GLN A 57 9.47 2.02 -7.96
N GLU A 58 9.26 1.39 -6.79
CA GLU A 58 8.22 0.36 -6.61
C GLU A 58 6.96 0.95 -5.95
N ILE A 59 7.10 2.14 -5.34
CA ILE A 59 5.95 2.95 -4.92
C ILE A 59 5.29 3.56 -6.17
N HIS A 60 4.39 2.80 -6.78
CA HIS A 60 3.46 3.35 -7.80
C HIS A 60 2.12 2.64 -7.67
N PRO A 61 0.96 3.35 -7.94
CA PRO A 61 -0.39 2.86 -7.58
C PRO A 61 -0.82 1.62 -8.37
N ALA A 62 -0.17 1.38 -9.54
CA ALA A 62 -0.39 0.16 -10.35
C ALA A 62 -0.07 -1.12 -9.54
N ASN A 63 0.94 -1.01 -8.66
CA ASN A 63 1.38 -2.11 -7.77
C ASN A 63 0.48 -2.19 -6.52
N PHE A 64 -0.16 -1.07 -6.16
CA PHE A 64 -1.05 -0.97 -4.98
C PHE A 64 -2.54 -1.06 -5.42
N ALA A 65 -2.77 -1.63 -6.61
CA ALA A 65 -4.11 -1.79 -7.22
C ALA A 65 -5.11 -2.60 -6.34
N THR A 66 -4.59 -3.54 -5.52
CA THR A 66 -5.35 -4.29 -4.47
C THR A 66 -4.39 -4.63 -3.32
N VAL A 67 -4.91 -5.23 -2.22
CA VAL A 67 -4.04 -5.77 -1.14
C VAL A 67 -3.20 -6.93 -1.70
N GLN A 68 -3.78 -7.67 -2.66
CA GLN A 68 -3.16 -8.85 -3.27
C GLN A 68 -1.98 -8.42 -4.15
N SER A 69 -2.19 -7.33 -4.90
CA SER A 69 -1.14 -6.72 -5.74
C SER A 69 0.01 -6.16 -4.88
N MET A 70 -0.36 -5.39 -3.83
CA MET A 70 0.61 -4.65 -3.00
C MET A 70 1.38 -5.59 -2.05
N VAL A 71 0.72 -6.69 -1.63
CA VAL A 71 1.34 -7.74 -0.77
C VAL A 71 2.45 -8.46 -1.56
N ALA A 72 2.13 -8.71 -2.84
CA ALA A 72 2.98 -9.47 -3.77
C ALA A 72 4.13 -8.60 -4.28
N LEU A 73 3.89 -7.27 -4.27
CA LEU A 73 4.91 -6.26 -4.53
C LEU A 73 5.94 -6.29 -3.39
N VAL A 74 5.45 -6.35 -2.13
CA VAL A 74 6.32 -6.50 -0.97
C VAL A 74 7.12 -7.82 -1.10
N GLN A 75 6.42 -8.92 -1.45
CA GLN A 75 7.03 -10.26 -1.54
C GLN A 75 8.18 -10.34 -2.56
N ARG A 76 8.08 -9.58 -3.68
CA ARG A 76 9.11 -9.62 -4.74
C ARG A 76 10.41 -8.92 -4.25
N LEU A 77 10.26 -7.81 -3.49
CA LEU A 77 11.42 -7.04 -2.97
C LEU A 77 12.00 -7.69 -1.70
N LYS A 78 11.18 -8.52 -1.01
CA LYS A 78 11.60 -9.33 0.16
C LYS A 78 12.66 -10.37 -0.26
N ALA A 79 12.50 -10.92 -1.48
CA ALA A 79 13.42 -11.91 -2.04
C ALA A 79 14.82 -11.29 -2.31
N HIS A 80 14.83 -9.96 -2.53
CA HIS A 80 16.06 -9.19 -2.82
C HIS A 80 16.71 -8.70 -1.51
N PRO A 81 18.08 -8.66 -1.42
CA PRO A 81 18.82 -8.13 -0.24
C PRO A 81 18.57 -6.61 -0.03
N GLU A 82 18.58 -5.86 -1.14
CA GLU A 82 18.29 -4.43 -1.18
C GLU A 82 17.87 -4.06 -2.61
N GLN A 83 17.16 -2.93 -2.75
CA GLN A 83 16.67 -2.42 -4.05
C GLN A 83 17.23 -1.02 -4.33
N GLY A 84 16.80 -0.04 -3.53
CA GLY A 84 17.18 1.36 -3.71
C GLY A 84 15.95 2.23 -3.92
N GLY A 85 16.14 3.42 -4.52
CA GLY A 85 15.06 4.39 -4.72
C GLY A 85 14.70 5.17 -3.46
N ALA A 86 15.54 5.05 -2.42
CA ALA A 86 15.36 5.72 -1.13
C ALA A 86 16.48 6.76 -0.96
N ALA A 87 16.08 8.04 -0.90
CA ALA A 87 17.01 9.16 -0.67
C ALA A 87 17.59 9.08 0.76
N LEU A 88 18.82 9.58 0.93
CA LEU A 88 19.49 9.66 2.24
C LEU A 88 18.76 10.74 3.08
N GLU A 89 17.75 10.29 3.84
CA GLU A 89 16.91 11.15 4.67
C GLU A 89 17.56 11.22 6.07
P24 PNS B . 0.82 8.56 -9.14
O25 PNS B . 0.78 7.83 -10.43
O26 PNS B . 0.92 10.03 -9.22
O27 PNS B . 1.99 7.96 -8.25
C28 PNS B . 2.48 8.61 -7.06
C29 PNS B . 3.49 7.70 -6.35
C30 PNS B . 2.81 6.36 -6.04
C31 PNS B . 3.87 8.34 -5.00
C32 PNS B . 4.73 7.44 -7.21
O33 PNS B . 4.38 6.95 -8.52
C34 PNS B . 5.53 8.75 -7.41
O35 PNS B . 5.24 9.60 -8.25
N36 PNS B . 6.55 8.84 -6.57
C37 PNS B . 7.48 9.95 -6.41
C38 PNS B . 6.89 10.79 -5.28
C39 PNS B . 7.73 11.92 -4.73
O40 PNS B . 8.47 12.62 -5.42
N41 PNS B . 7.55 12.05 -3.41
C42 PNS B . 8.15 13.00 -2.50
C43 PNS B . 7.90 12.53 -1.07
S44 PNS B . 8.63 13.68 0.11
H282 PNS B . 1.62 8.82 -6.42
H281 PNS B . 2.94 9.56 -7.33
H303 PNS B . 2.49 5.89 -6.96
H302 PNS B . 3.51 5.70 -5.53
H301 PNS B . 1.93 6.51 -5.40
H313 PNS B . 4.34 9.31 -5.17
H312 PNS B . 4.59 7.71 -4.49
H311 PNS B . 3.01 8.48 -4.37
H32 PNS B . 5.35 6.71 -6.74
H33 PNS B . 3.88 7.63 -8.98
H36 PNS B . 6.70 8.07 -5.97
H372 PNS B . 8.46 9.55 -6.14
H371 PNS B . 7.56 10.51 -7.33
H382 PNS B . 5.98 11.23 -5.64
H381 PNS B . 6.65 10.11 -4.47
H41 PNS B . 6.91 11.42 -2.99
H422 PNS B . 7.71 13.97 -2.65
H421 PNS B . 9.22 13.05 -2.70
H431 PNS B . 6.84 12.47 -0.89
H432 PNS B . 8.35 11.56 -0.93
H44 PNS B . 9.94 13.75 -0.15
N MET A 1 -7.25 -9.07 9.22
CA MET A 1 -7.17 -8.26 10.47
C MET A 1 -6.42 -6.94 10.21
N LEU A 2 -5.23 -7.05 9.59
CA LEU A 2 -4.32 -5.92 9.32
C LEU A 2 -4.93 -4.96 8.28
N GLU A 3 -5.77 -5.55 7.41
CA GLU A 3 -6.48 -4.88 6.31
C GLU A 3 -7.35 -3.74 6.83
N SER A 4 -8.12 -4.05 7.88
CA SER A 4 -9.05 -3.13 8.53
C SER A 4 -8.35 -1.82 8.97
N LYS A 5 -7.06 -1.95 9.37
CA LYS A 5 -6.29 -0.84 9.92
C LYS A 5 -5.74 0.07 8.80
N LEU A 6 -5.19 -0.54 7.72
CA LEU A 6 -4.60 0.23 6.58
C LEU A 6 -5.71 0.94 5.79
N ILE A 7 -6.89 0.30 5.70
CA ILE A 7 -8.09 0.91 5.09
C ILE A 7 -8.50 2.13 5.90
N ASN A 8 -8.86 1.89 7.19
CA ASN A 8 -9.46 2.90 8.10
C ASN A 8 -8.59 4.16 8.19
N HIS A 9 -7.24 3.98 8.17
CA HIS A 9 -6.28 5.08 8.34
C HIS A 9 -6.56 6.24 7.36
N ILE A 10 -6.45 5.98 6.04
CA ILE A 10 -6.74 7.02 5.03
C ILE A 10 -8.24 7.12 4.76
N ALA A 11 -9.03 6.04 5.02
CA ALA A 11 -10.52 6.07 4.95
C ALA A 11 -11.12 7.21 5.78
N THR A 12 -10.34 7.71 6.76
CA THR A 12 -10.71 8.90 7.55
C THR A 12 -10.90 10.12 6.63
N GLN A 13 -9.86 10.41 5.81
CA GLN A 13 -9.84 11.57 4.91
C GLN A 13 -10.40 11.22 3.53
N PHE A 14 -10.41 9.93 3.19
CA PHE A 14 -10.80 9.43 1.86
C PHE A 14 -12.30 9.10 1.81
N LEU A 15 -12.86 8.63 2.94
CA LEU A 15 -14.25 8.10 2.99
C LEU A 15 -15.02 8.63 4.23
N ASP A 16 -14.57 9.75 4.86
CA ASP A 16 -15.29 10.40 6.01
C ASP A 16 -15.17 9.55 7.32
N GLY A 17 -14.18 8.66 7.36
CA GLY A 17 -14.00 7.73 8.50
C GLY A 17 -14.76 6.43 8.34
N GLU A 18 -15.50 6.28 7.23
CA GLU A 18 -16.37 5.12 6.96
C GLU A 18 -15.64 4.16 6.00
N LYS A 19 -15.97 2.88 6.03
CA LYS A 19 -15.53 1.93 5.00
C LYS A 19 -16.61 1.88 3.92
N ASP A 20 -16.26 2.24 2.69
CA ASP A 20 -17.22 2.30 1.58
C ASP A 20 -16.48 2.33 0.25
N GLY A 21 -16.56 1.21 -0.50
CA GLY A 21 -15.92 1.05 -1.80
C GLY A 21 -14.46 0.62 -1.69
N LEU A 22 -13.81 1.05 -0.59
CA LEU A 22 -12.43 0.70 -0.29
C LEU A 22 -12.41 -0.51 0.63
N ASP A 23 -12.00 -1.63 0.05
CA ASP A 23 -11.65 -2.84 0.80
C ASP A 23 -10.43 -3.47 0.13
N SER A 24 -9.67 -4.23 0.90
CA SER A 24 -8.47 -4.92 0.42
C SER A 24 -8.80 -5.93 -0.72
N GLN A 25 -9.93 -6.65 -0.60
CA GLN A 25 -10.39 -7.63 -1.61
C GLN A 25 -10.93 -6.91 -2.88
N THR A 26 -11.25 -5.62 -2.75
CA THR A 26 -11.83 -4.82 -3.83
C THR A 26 -10.76 -4.47 -4.89
N PRO A 27 -11.10 -4.52 -6.22
CA PRO A 27 -10.24 -3.97 -7.28
C PRO A 27 -10.20 -2.43 -7.20
N LEU A 28 -9.16 -1.93 -6.51
CA LEU A 28 -9.01 -0.50 -6.17
C LEU A 28 -8.79 0.35 -7.42
N PHE A 29 -8.24 -0.26 -8.48
CA PHE A 29 -8.00 0.40 -9.77
C PHE A 29 -9.23 0.34 -10.67
N GLU A 30 -9.83 -0.84 -10.77
CA GLU A 30 -10.97 -1.08 -11.68
C GLU A 30 -12.19 -0.24 -11.28
N LEU A 31 -12.31 0.02 -9.98
CA LEU A 31 -13.35 0.92 -9.43
C LEU A 31 -12.79 2.34 -9.18
N ASN A 32 -11.44 2.47 -9.18
CA ASN A 32 -10.70 3.76 -9.07
C ASN A 32 -10.92 4.41 -7.70
N ILE A 33 -11.03 3.57 -6.66
CA ILE A 33 -11.35 4.02 -5.30
C ILE A 33 -10.22 4.89 -4.69
N VAL A 34 -9.00 4.32 -4.67
CA VAL A 34 -7.84 4.96 -4.03
C VAL A 34 -6.95 5.63 -5.09
N ASP A 35 -6.27 6.71 -4.70
CA ASP A 35 -5.34 7.46 -5.58
C ASP A 35 -3.89 7.26 -5.13
N SER A 36 -2.98 7.65 -6.04
CA SER A 36 -1.52 7.62 -5.85
C SER A 36 -1.06 8.41 -4.60
N ALA A 37 -1.82 9.47 -4.24
CA ALA A 37 -1.52 10.33 -3.09
C ALA A 37 -1.57 9.55 -1.75
N ALA A 38 -2.51 8.61 -1.63
CA ALA A 38 -2.70 7.79 -0.40
C ALA A 38 -1.70 6.62 -0.33
N ILE A 39 -1.09 6.28 -1.48
CA ILE A 39 -0.16 5.14 -1.61
C ILE A 39 1.07 5.33 -0.72
N PHE A 40 1.54 6.59 -0.59
CA PHE A 40 2.70 6.94 0.26
C PHE A 40 2.44 6.55 1.73
N ASP A 41 1.16 6.66 2.16
CA ASP A 41 0.73 6.31 3.51
C ASP A 41 0.59 4.79 3.67
N LEU A 42 -0.05 4.13 2.66
CA LEU A 42 -0.22 2.65 2.61
C LEU A 42 1.17 1.96 2.64
N VAL A 43 2.15 2.63 2.02
CA VAL A 43 3.56 2.23 2.05
C VAL A 43 4.08 2.29 3.47
N ASP A 44 3.95 3.48 4.13
CA ASP A 44 4.47 3.70 5.50
C ASP A 44 4.04 2.59 6.43
N PHE A 45 2.77 2.18 6.24
CA PHE A 45 2.17 1.13 7.01
C PHE A 45 2.87 -0.23 6.73
N LEU A 46 2.90 -0.67 5.44
CA LEU A 46 3.44 -1.99 5.02
C LEU A 46 4.95 -2.15 5.30
N ARG A 47 5.73 -1.09 5.03
CA ARG A 47 7.19 -1.09 5.22
C ARG A 47 7.54 -1.16 6.72
N GLN A 48 6.65 -0.60 7.55
CA GLN A 48 6.75 -0.60 9.00
C GLN A 48 6.48 -2.03 9.53
N GLU A 49 5.40 -2.66 9.02
CA GLU A 49 4.98 -4.02 9.43
C GLU A 49 6.01 -5.08 8.97
N SER A 50 6.55 -4.86 7.77
CA SER A 50 7.57 -5.74 7.15
C SER A 50 9.01 -5.39 7.62
N LYS A 51 9.14 -4.26 8.36
CA LYS A 51 10.43 -3.79 8.96
C LYS A 51 11.50 -3.49 7.89
N VAL A 52 11.05 -3.21 6.64
CA VAL A 52 11.93 -2.94 5.48
C VAL A 52 11.64 -1.54 4.93
N SER A 53 12.59 -0.99 4.18
CA SER A 53 12.38 0.27 3.42
C SER A 53 12.23 -0.09 1.93
N ILE A 54 11.52 0.78 1.20
CA ILE A 54 11.15 0.56 -0.21
C ILE A 54 11.57 1.78 -1.05
N GLY A 55 11.89 1.55 -2.34
CA GLY A 55 12.22 2.62 -3.26
C GLY A 55 10.98 3.32 -3.81
N MET A 56 11.10 4.65 -4.05
CA MET A 56 10.01 5.49 -4.60
C MET A 56 9.47 4.97 -5.96
N GLN A 57 10.35 4.35 -6.75
CA GLN A 57 10.01 3.80 -8.07
C GLN A 57 9.17 2.52 -7.93
N GLU A 58 9.42 1.77 -6.83
CA GLU A 58 8.67 0.54 -6.51
C GLU A 58 7.31 0.90 -5.89
N ILE A 59 7.24 2.10 -5.28
CA ILE A 59 6.00 2.65 -4.75
C ILE A 59 5.14 3.12 -5.94
N HIS A 60 4.14 2.31 -6.28
CA HIS A 60 3.23 2.56 -7.40
C HIS A 60 1.82 2.16 -7.02
N PRO A 61 0.78 2.96 -7.37
CA PRO A 61 -0.63 2.58 -7.18
C PRO A 61 -1.00 1.35 -8.03
N ALA A 62 -0.29 1.15 -9.17
CA ALA A 62 -0.42 -0.04 -10.03
C ALA A 62 -0.07 -1.33 -9.24
N ASN A 63 0.90 -1.20 -8.32
CA ASN A 63 1.31 -2.27 -7.41
C ASN A 63 0.36 -2.37 -6.21
N PHE A 64 -0.35 -1.27 -5.87
CA PHE A 64 -1.36 -1.25 -4.78
C PHE A 64 -2.79 -1.35 -5.36
N ALA A 65 -2.90 -1.85 -6.62
CA ALA A 65 -4.18 -1.98 -7.34
C ALA A 65 -5.19 -2.90 -6.61
N THR A 66 -4.65 -3.87 -5.85
CA THR A 66 -5.42 -4.80 -4.99
C THR A 66 -4.56 -5.17 -3.76
N VAL A 67 -5.15 -5.90 -2.78
CA VAL A 67 -4.38 -6.44 -1.63
C VAL A 67 -3.35 -7.47 -2.12
N GLN A 68 -3.76 -8.32 -3.08
CA GLN A 68 -2.94 -9.41 -3.62
C GLN A 68 -1.75 -8.84 -4.39
N SER A 69 -1.94 -7.65 -4.98
CA SER A 69 -0.88 -6.94 -5.71
C SER A 69 0.10 -6.28 -4.71
N MET A 70 -0.45 -5.57 -3.69
CA MET A 70 0.36 -4.74 -2.76
C MET A 70 1.19 -5.59 -1.79
N VAL A 71 0.60 -6.74 -1.34
CA VAL A 71 1.29 -7.64 -0.39
C VAL A 71 2.42 -8.36 -1.13
N ALA A 72 2.15 -8.78 -2.38
CA ALA A 72 3.07 -9.55 -3.20
C ALA A 72 4.21 -8.67 -3.71
N LEU A 73 3.92 -7.35 -3.90
CA LEU A 73 4.92 -6.34 -4.27
C LEU A 73 6.01 -6.31 -3.20
N VAL A 74 5.55 -6.24 -1.92
CA VAL A 74 6.43 -6.27 -0.76
C VAL A 74 7.25 -7.58 -0.79
N GLN A 75 6.58 -8.72 -0.98
CA GLN A 75 7.26 -10.05 -0.99
C GLN A 75 8.28 -10.18 -2.16
N ARG A 76 8.09 -9.40 -3.25
CA ARG A 76 8.99 -9.40 -4.41
C ARG A 76 10.30 -8.69 -4.07
N LEU A 77 10.19 -7.48 -3.46
CA LEU A 77 11.37 -6.72 -3.02
C LEU A 77 12.07 -7.40 -1.82
N LYS A 78 11.27 -8.12 -0.98
CA LYS A 78 11.77 -8.93 0.15
C LYS A 78 12.66 -10.07 -0.39
N ALA A 79 12.21 -10.69 -1.50
CA ALA A 79 12.94 -11.77 -2.18
C ALA A 79 14.15 -11.21 -2.94
N HIS A 80 14.01 -9.96 -3.43
CA HIS A 80 15.05 -9.24 -4.18
C HIS A 80 16.23 -8.92 -3.22
N PRO A 81 17.46 -9.50 -3.48
CA PRO A 81 18.61 -9.45 -2.52
C PRO A 81 19.06 -8.00 -2.19
N GLU A 82 19.35 -7.22 -3.23
CA GLU A 82 19.89 -5.86 -3.09
C GLU A 82 18.77 -4.84 -3.36
N GLN A 83 18.05 -4.47 -2.29
CA GLN A 83 16.90 -3.53 -2.38
C GLN A 83 17.36 -2.07 -2.51
N GLY A 84 18.67 -1.85 -2.31
CA GLY A 84 19.29 -0.55 -2.49
C GLY A 84 20.53 -0.44 -1.61
N GLY A 85 21.02 0.80 -1.44
CA GLY A 85 22.13 1.08 -0.52
C GLY A 85 21.63 1.36 0.89
N ALA A 86 20.96 0.34 1.48
CA ALA A 86 20.36 0.42 2.83
C ALA A 86 21.50 0.43 3.88
N ALA A 87 21.91 1.63 4.28
CA ALA A 87 23.09 1.84 5.13
C ALA A 87 22.85 2.93 6.18
N LEU A 88 23.62 2.86 7.28
CA LEU A 88 23.62 3.86 8.35
C LEU A 88 24.64 4.98 8.01
N GLU A 89 24.73 5.99 8.90
CA GLU A 89 25.64 7.13 8.74
C GLU A 89 26.93 6.86 9.55
P24 PNS B . 1.69 8.21 -7.91
O25 PNS B . 1.06 7.60 -9.11
O26 PNS B . 2.45 9.45 -8.15
O27 PNS B . 2.59 7.12 -7.16
C28 PNS B . 2.70 7.04 -5.75
C29 PNS B . 3.64 8.02 -5.05
C30 PNS B . 3.53 7.71 -3.55
C31 PNS B . 3.19 9.47 -5.27
C32 PNS B . 5.13 7.91 -5.41
O33 PNS B . 5.61 6.61 -5.15
C34 PNS B . 5.59 8.20 -6.87
O35 PNS B . 4.88 8.09 -7.84
N36 PNS B . 6.89 8.54 -6.94
C37 PNS B . 7.61 8.91 -8.18
C38 PNS B . 8.53 10.11 -7.97
C39 PNS B . 7.75 11.36 -7.52
O40 PNS B . 7.49 12.25 -8.34
N41 PNS B . 7.35 11.40 -6.23
C42 PNS B . 6.59 12.50 -5.61
C43 PNS B . 5.79 12.04 -4.38
S44 PNS B . 6.89 11.33 -3.14
H282 PNS B . 3.04 6.02 -5.54
H281 PNS B . 1.70 7.14 -5.34
H303 PNS B . 4.17 8.37 -2.98
H302 PNS B . 2.51 7.84 -3.21
H301 PNS B . 3.83 6.68 -3.37
H313 PNS B . 2.17 9.62 -4.93
H312 PNS B . 3.23 9.69 -6.34
H311 PNS B . 3.85 10.16 -4.75
H32 PNS B . 5.69 8.57 -4.76
H33 PNS B . 5.18 6.00 -5.76
H36 PNS B . 7.42 8.53 -6.11
H372 PNS B . 8.19 8.04 -8.49
H371 PNS B . 6.89 9.15 -8.96
H382 PNS B . 9.28 9.88 -7.22
H381 PNS B . 9.04 10.33 -8.91
H41 PNS B . 7.55 10.63 -5.67
H422 PNS B . 5.92 12.93 -6.33
H421 PNS B . 7.30 13.26 -5.29
H431 PNS B . 5.27 12.88 -3.94
H432 PNS B . 5.08 11.27 -4.68
H44 PNS B . 6.15 10.98 -2.08
N MET A 1 -6.54 -8.54 12.28
CA MET A 1 -6.67 -8.30 10.84
C MET A 1 -5.81 -7.09 10.46
N LEU A 2 -4.91 -7.30 9.49
CA LEU A 2 -3.92 -6.29 9.05
C LEU A 2 -4.55 -5.36 7.99
N GLU A 3 -5.38 -5.98 7.13
CA GLU A 3 -5.91 -5.37 5.91
C GLU A 3 -6.97 -4.30 6.21
N SER A 4 -7.82 -4.57 7.23
CA SER A 4 -8.89 -3.64 7.66
C SER A 4 -8.28 -2.31 8.13
N LYS A 5 -7.06 -2.39 8.69
CA LYS A 5 -6.37 -1.25 9.31
C LYS A 5 -5.76 -0.32 8.24
N LEU A 6 -5.17 -0.89 7.15
CA LEU A 6 -4.54 -0.08 6.08
C LEU A 6 -5.62 0.67 5.27
N ILE A 7 -6.81 0.03 5.11
CA ILE A 7 -7.99 0.69 4.54
C ILE A 7 -8.40 1.86 5.43
N ASN A 8 -8.69 1.53 6.70
CA ASN A 8 -9.07 2.50 7.77
C ASN A 8 -8.14 3.73 7.80
N HIS A 9 -6.86 3.46 7.60
CA HIS A 9 -5.78 4.46 7.67
C HIS A 9 -6.08 5.69 6.79
N ILE A 10 -6.17 5.49 5.47
CA ILE A 10 -6.49 6.57 4.53
C ILE A 10 -8.01 6.81 4.42
N ALA A 11 -8.84 5.79 4.75
CA ALA A 11 -10.32 5.92 4.75
C ALA A 11 -10.81 7.09 5.63
N THR A 12 -9.95 7.48 6.60
CA THR A 12 -10.21 8.62 7.50
C THR A 12 -10.24 9.95 6.71
N GLN A 13 -9.24 10.11 5.82
CA GLN A 13 -9.05 11.35 5.03
C GLN A 13 -9.73 11.27 3.65
N PHE A 14 -9.98 10.03 3.19
CA PHE A 14 -10.50 9.76 1.84
C PHE A 14 -12.01 9.51 1.85
N LEU A 15 -12.53 8.87 2.92
CA LEU A 15 -13.93 8.37 2.96
C LEU A 15 -14.67 8.86 4.23
N ASP A 16 -14.13 9.91 4.89
CA ASP A 16 -14.76 10.57 6.07
C ASP A 16 -14.69 9.69 7.34
N GLY A 17 -13.80 8.69 7.33
CA GLY A 17 -13.68 7.74 8.45
C GLY A 17 -14.57 6.52 8.32
N GLU A 18 -15.25 6.38 7.17
CA GLU A 18 -16.17 5.26 6.89
C GLU A 18 -15.56 4.36 5.80
N LYS A 19 -15.84 3.05 5.82
CA LYS A 19 -15.44 2.14 4.74
C LYS A 19 -16.59 2.03 3.73
N ASP A 20 -16.35 2.51 2.51
CA ASP A 20 -17.40 2.57 1.49
C ASP A 20 -16.78 2.62 0.07
N GLY A 21 -16.77 1.47 -0.59
CA GLY A 21 -16.23 1.32 -1.94
C GLY A 21 -14.77 0.90 -1.92
N LEU A 22 -14.07 1.31 -0.86
CA LEU A 22 -12.66 1.03 -0.64
C LEU A 22 -12.54 -0.06 0.43
N ASP A 23 -12.12 -1.26 0.01
CA ASP A 23 -11.93 -2.41 0.91
C ASP A 23 -10.78 -3.29 0.41
N SER A 24 -10.23 -4.09 1.33
CA SER A 24 -9.03 -4.88 1.15
C SER A 24 -9.12 -5.88 -0.02
N GLN A 25 -10.23 -6.61 -0.08
CA GLN A 25 -10.45 -7.66 -1.09
C GLN A 25 -11.13 -7.09 -2.32
N THR A 26 -11.68 -5.86 -2.17
CA THR A 26 -12.27 -5.10 -3.27
C THR A 26 -11.17 -4.63 -4.24
N PRO A 27 -11.41 -4.75 -5.59
CA PRO A 27 -10.45 -4.26 -6.59
C PRO A 27 -10.43 -2.72 -6.66
N LEU A 28 -9.37 -2.12 -6.07
CA LEU A 28 -9.30 -0.67 -5.87
C LEU A 28 -9.20 0.09 -7.21
N PHE A 29 -8.35 -0.41 -8.13
CA PHE A 29 -8.13 0.23 -9.46
C PHE A 29 -9.07 -0.29 -10.56
N GLU A 30 -9.71 -1.44 -10.36
CA GLU A 30 -10.78 -1.90 -11.28
C GLU A 30 -11.99 -0.96 -11.16
N LEU A 31 -12.27 -0.54 -9.92
CA LEU A 31 -13.36 0.41 -9.62
C LEU A 31 -12.83 1.87 -9.60
N ASN A 32 -11.48 2.01 -9.48
CA ASN A 32 -10.78 3.34 -9.45
C ASN A 32 -11.23 4.20 -8.26
N ILE A 33 -11.32 3.58 -7.06
CA ILE A 33 -11.75 4.25 -5.82
C ILE A 33 -10.64 5.14 -5.23
N VAL A 34 -9.41 4.58 -5.10
CA VAL A 34 -8.29 5.28 -4.43
C VAL A 34 -7.39 6.03 -5.45
N ASP A 35 -6.82 7.17 -5.00
CA ASP A 35 -5.89 7.98 -5.80
C ASP A 35 -4.43 7.60 -5.49
N SER A 36 -3.51 8.15 -6.30
CA SER A 36 -2.07 7.95 -6.11
C SER A 36 -1.57 8.58 -4.79
N ALA A 37 -2.20 9.71 -4.40
CA ALA A 37 -1.82 10.49 -3.19
C ALA A 37 -1.79 9.63 -1.91
N ALA A 38 -2.75 8.68 -1.81
CA ALA A 38 -2.93 7.83 -0.61
C ALA A 38 -1.82 6.79 -0.47
N ILE A 39 -1.18 6.43 -1.60
CA ILE A 39 -0.17 5.35 -1.67
C ILE A 39 1.04 5.63 -0.74
N PHE A 40 1.44 6.91 -0.63
CA PHE A 40 2.55 7.33 0.27
C PHE A 40 2.18 7.06 1.74
N ASP A 41 0.91 7.27 2.07
CA ASP A 41 0.37 7.11 3.43
C ASP A 41 0.05 5.61 3.71
N LEU A 42 -0.22 4.85 2.62
CA LEU A 42 -0.48 3.39 2.66
C LEU A 42 0.82 2.59 2.86
N VAL A 43 1.86 2.99 2.12
CA VAL A 43 3.10 2.21 2.00
C VAL A 43 3.92 2.23 3.31
N ASP A 44 3.68 3.27 4.15
CA ASP A 44 4.25 3.36 5.50
C ASP A 44 3.89 2.11 6.31
N PHE A 45 2.63 1.73 6.20
CA PHE A 45 2.05 0.61 6.91
C PHE A 45 2.76 -0.71 6.53
N LEU A 46 3.00 -0.88 5.21
CA LEU A 46 3.59 -2.11 4.65
C LEU A 46 5.10 -2.21 4.90
N ARG A 47 5.85 -1.08 4.72
CA ARG A 47 7.33 -1.08 4.91
C ARG A 47 7.67 -1.37 6.37
N GLN A 48 6.78 -0.91 7.26
CA GLN A 48 6.87 -1.08 8.72
C GLN A 48 6.80 -2.57 9.08
N GLU A 49 5.73 -3.24 8.60
CA GLU A 49 5.46 -4.66 8.86
C GLU A 49 6.50 -5.57 8.17
N SER A 50 6.89 -5.15 6.97
CA SER A 50 7.91 -5.88 6.16
C SER A 50 9.33 -5.71 6.72
N LYS A 51 9.49 -4.74 7.65
CA LYS A 51 10.77 -4.41 8.30
C LYS A 51 11.78 -3.84 7.28
N VAL A 52 11.26 -3.32 6.15
CA VAL A 52 12.07 -2.80 5.04
C VAL A 52 11.89 -1.28 4.91
N SER A 53 12.87 -0.64 4.29
CA SER A 53 12.74 0.72 3.76
C SER A 53 12.58 0.60 2.24
N ILE A 54 11.33 0.75 1.78
CA ILE A 54 10.98 0.58 0.37
C ILE A 54 11.32 1.87 -0.42
N GLY A 55 11.81 1.69 -1.65
CA GLY A 55 12.19 2.82 -2.49
C GLY A 55 11.00 3.45 -3.19
N MET A 56 11.10 4.77 -3.46
CA MET A 56 9.99 5.56 -4.05
C MET A 56 9.56 5.02 -5.43
N GLN A 57 10.45 4.26 -6.10
CA GLN A 57 10.17 3.64 -7.41
C GLN A 57 9.14 2.49 -7.26
N GLU A 58 9.29 1.68 -6.19
CA GLU A 58 8.41 0.53 -5.92
C GLU A 58 7.07 1.02 -5.35
N ILE A 59 7.10 2.21 -4.75
CA ILE A 59 5.91 2.92 -4.31
C ILE A 59 5.27 3.56 -5.54
N HIS A 60 4.40 2.80 -6.23
CA HIS A 60 3.49 3.39 -7.24
C HIS A 60 2.13 2.67 -7.22
N PRO A 61 1.00 3.40 -7.47
CA PRO A 61 -0.39 2.89 -7.27
C PRO A 61 -0.78 1.63 -8.09
N ALA A 62 -0.06 1.35 -9.20
CA ALA A 62 -0.32 0.16 -10.03
C ALA A 62 -0.03 -1.14 -9.23
N ASN A 63 0.95 -1.06 -8.33
CA ASN A 63 1.36 -2.18 -7.47
C ASN A 63 0.46 -2.29 -6.22
N PHE A 64 -0.16 -1.16 -5.84
CA PHE A 64 -1.05 -1.07 -4.67
C PHE A 64 -2.53 -1.04 -5.14
N ALA A 65 -2.77 -1.52 -6.38
CA ALA A 65 -4.09 -1.56 -7.03
C ALA A 65 -5.11 -2.46 -6.30
N THR A 66 -4.59 -3.39 -5.50
CA THR A 66 -5.37 -4.22 -4.56
C THR A 66 -4.47 -4.53 -3.35
N VAL A 67 -5.06 -5.06 -2.27
CA VAL A 67 -4.28 -5.52 -1.11
C VAL A 67 -3.51 -6.81 -1.42
N GLN A 68 -4.12 -7.69 -2.24
CA GLN A 68 -3.45 -8.93 -2.69
C GLN A 68 -2.18 -8.59 -3.53
N SER A 69 -2.26 -7.53 -4.36
CA SER A 69 -1.12 -7.10 -5.21
C SER A 69 -0.05 -6.37 -4.39
N MET A 70 -0.47 -5.56 -3.39
CA MET A 70 0.48 -4.73 -2.60
C MET A 70 1.26 -5.62 -1.60
N VAL A 71 0.58 -6.65 -1.04
CA VAL A 71 1.23 -7.64 -0.17
C VAL A 71 2.19 -8.51 -1.00
N ALA A 72 1.72 -8.94 -2.19
CA ALA A 72 2.52 -9.77 -3.11
C ALA A 72 3.80 -9.05 -3.54
N LEU A 73 3.66 -7.73 -3.84
CA LEU A 73 4.76 -6.84 -4.25
C LEU A 73 5.85 -6.87 -3.19
N VAL A 74 5.43 -6.73 -1.93
CA VAL A 74 6.32 -6.75 -0.77
C VAL A 74 7.17 -8.04 -0.77
N GLN A 75 6.52 -9.20 -0.86
CA GLN A 75 7.20 -10.52 -0.75
C GLN A 75 8.21 -10.71 -1.92
N ARG A 76 7.89 -10.08 -3.06
CA ARG A 76 8.71 -10.13 -4.28
C ARG A 76 9.98 -9.28 -4.11
N LEU A 77 9.86 -8.08 -3.49
CA LEU A 77 11.02 -7.21 -3.21
C LEU A 77 11.83 -7.74 -2.00
N LYS A 78 11.21 -8.60 -1.18
CA LYS A 78 11.88 -9.28 -0.05
C LYS A 78 12.92 -10.29 -0.56
N ALA A 79 12.55 -10.97 -1.66
CA ALA A 79 13.44 -11.93 -2.33
C ALA A 79 14.64 -11.21 -2.99
N HIS A 80 14.50 -9.88 -3.16
CA HIS A 80 15.53 -9.00 -3.73
C HIS A 80 16.37 -8.36 -2.60
N PRO A 81 17.68 -8.00 -2.86
CA PRO A 81 18.64 -7.57 -1.80
C PRO A 81 18.37 -6.13 -1.27
N GLU A 82 18.02 -5.24 -2.20
CA GLU A 82 17.68 -3.84 -1.92
C GLU A 82 16.94 -3.31 -3.13
N GLN A 83 15.61 -3.26 -3.02
CA GLN A 83 14.73 -3.00 -4.16
C GLN A 83 14.12 -1.60 -4.03
N GLY A 84 14.46 -0.73 -4.99
CA GLY A 84 14.07 0.66 -4.98
C GLY A 84 15.21 1.56 -4.52
N GLY A 85 16.27 1.63 -5.33
CA GLY A 85 17.37 2.57 -5.10
C GLY A 85 16.98 3.96 -5.52
N ALA A 86 16.09 4.58 -4.73
CA ALA A 86 15.40 5.82 -5.09
C ALA A 86 15.65 6.94 -4.07
N ALA A 87 16.51 7.89 -4.44
CA ALA A 87 16.70 9.16 -3.72
C ALA A 87 15.90 10.27 -4.45
N LEU A 88 14.67 9.91 -4.87
CA LEU A 88 13.76 10.79 -5.64
C LEU A 88 13.38 12.04 -4.83
N GLU A 89 14.10 13.14 -5.07
CA GLU A 89 13.88 14.43 -4.41
C GLU A 89 14.55 15.54 -5.27
P24 PNS B . 1.28 8.73 -8.02
O25 PNS B . 2.09 7.70 -8.71
O26 PNS B . 0.81 9.88 -8.85
O27 PNS B . 2.08 9.29 -6.74
C28 PNS B . 2.00 8.57 -5.50
C29 PNS B . 3.32 8.39 -4.74
C30 PNS B . 3.06 7.61 -3.46
C31 PNS B . 3.84 9.78 -4.37
C32 PNS B . 4.37 7.61 -5.55
O33 PNS B . 3.72 6.44 -6.08
C34 PNS B . 4.97 8.36 -6.75
O35 PNS B . 4.51 8.29 -7.89
N36 PNS B . 6.07 9.07 -6.45
C37 PNS B . 6.86 9.87 -7.38
C38 PNS B . 7.90 10.76 -6.65
C39 PNS B . 7.29 11.78 -5.68
O40 PNS B . 6.61 12.71 -6.12
N41 PNS B . 7.53 11.61 -4.37
C42 PNS B . 7.04 12.49 -3.31
C43 PNS B . 6.99 11.79 -1.95
S44 PNS B . 5.85 10.41 -2.00
H282 PNS B . 1.58 7.60 -5.72
H281 PNS B . 1.31 9.10 -4.87
H303 PNS B . 2.34 8.14 -2.83
H302 PNS B . 2.63 6.63 -3.69
H301 PNS B . 3.98 7.45 -2.91
H313 PNS B . 3.12 10.30 -3.74
H312 PNS B . 3.99 10.37 -5.28
H311 PNS B . 4.77 9.70 -3.84
H32 PNS B . 5.16 7.27 -4.91
H33 PNS B . 3.15 6.71 -6.81
H36 PNS B . 6.38 9.04 -5.52
H372 PNS B . 7.39 9.21 -8.05
H371 PNS B . 6.20 10.51 -7.95
H382 PNS B . 8.57 10.11 -6.10
H381 PNS B . 8.47 11.31 -7.39
H41 PNS B . 8.07 10.84 -4.09
H422 PNS B . 6.05 12.85 -3.56
H421 PNS B . 7.71 13.35 -3.24
H431 PNS B . 7.97 11.41 -1.70
H432 PNS B . 6.65 12.48 -1.20
H44 PNS B . 4.65 10.87 -2.25
N MET A 1 -5.20 -10.09 8.81
CA MET A 1 -4.86 -9.89 10.24
C MET A 1 -5.31 -8.49 10.71
N LEU A 2 -4.93 -7.47 9.95
CA LEU A 2 -5.13 -6.05 10.32
C LEU A 2 -5.50 -5.24 9.04
N GLU A 3 -6.30 -5.88 8.17
CA GLU A 3 -6.67 -5.30 6.87
C GLU A 3 -7.61 -4.10 7.09
N SER A 4 -8.50 -4.23 8.09
CA SER A 4 -9.42 -3.16 8.51
C SER A 4 -8.66 -1.89 8.94
N LYS A 5 -7.40 -2.07 9.40
CA LYS A 5 -6.53 -0.97 9.87
C LYS A 5 -5.97 -0.15 8.70
N LEU A 6 -5.37 -0.85 7.70
CA LEU A 6 -4.72 -0.19 6.53
C LEU A 6 -5.77 0.54 5.68
N ILE A 7 -7.02 0.03 5.70
CA ILE A 7 -8.17 0.71 5.11
C ILE A 7 -8.55 1.95 5.94
N ASN A 8 -8.87 1.70 7.25
CA ASN A 8 -9.42 2.73 8.17
C ASN A 8 -8.52 3.98 8.26
N HIS A 9 -7.21 3.76 8.06
CA HIS A 9 -6.18 4.81 8.11
C HIS A 9 -6.53 5.96 7.14
N ILE A 10 -6.54 5.67 5.83
CA ILE A 10 -6.84 6.68 4.79
C ILE A 10 -8.36 6.85 4.61
N ALA A 11 -9.15 5.83 4.99
CA ALA A 11 -10.62 5.91 5.03
C ALA A 11 -11.10 7.11 5.86
N THR A 12 -10.23 7.59 6.79
CA THR A 12 -10.51 8.79 7.61
C THR A 12 -10.68 10.05 6.73
N GLN A 13 -9.76 10.21 5.76
CA GLN A 13 -9.69 11.40 4.89
C GLN A 13 -10.43 11.14 3.55
N PHE A 14 -10.51 9.86 3.15
CA PHE A 14 -11.06 9.43 1.84
C PHE A 14 -12.56 9.09 1.94
N LEU A 15 -13.01 8.59 3.11
CA LEU A 15 -14.39 8.09 3.31
C LEU A 15 -15.02 8.70 4.60
N ASP A 16 -14.41 9.77 5.14
CA ASP A 16 -14.90 10.52 6.36
C ASP A 16 -14.76 9.69 7.66
N GLY A 17 -13.96 8.62 7.60
CA GLY A 17 -13.79 7.70 8.74
C GLY A 17 -14.57 6.41 8.62
N GLU A 18 -15.35 6.27 7.53
CA GLU A 18 -16.21 5.09 7.30
C GLU A 18 -15.45 4.06 6.46
N LYS A 19 -15.70 2.77 6.71
CA LYS A 19 -15.22 1.68 5.83
C LYS A 19 -16.40 1.13 5.04
N ASP A 20 -16.48 1.55 3.79
CA ASP A 20 -17.55 1.16 2.87
C ASP A 20 -17.10 1.51 1.45
N GLY A 21 -17.19 0.52 0.54
CA GLY A 21 -16.82 0.69 -0.86
C GLY A 21 -15.31 0.49 -1.10
N LEU A 22 -14.52 0.66 -0.02
CA LEU A 22 -13.06 0.56 -0.05
C LEU A 22 -12.62 -0.54 0.91
N ASP A 23 -12.16 -1.64 0.34
CA ASP A 23 -11.48 -2.72 1.07
C ASP A 23 -10.09 -2.93 0.47
N SER A 24 -9.35 -3.80 1.14
CA SER A 24 -8.12 -4.36 0.61
C SER A 24 -8.46 -5.28 -0.59
N GLN A 25 -9.54 -6.08 -0.43
CA GLN A 25 -10.01 -7.06 -1.43
C GLN A 25 -10.69 -6.37 -2.63
N THR A 26 -11.08 -5.10 -2.43
CA THR A 26 -11.75 -4.28 -3.46
C THR A 26 -10.77 -3.94 -4.62
N PRO A 27 -11.26 -3.98 -5.90
CA PRO A 27 -10.49 -3.50 -7.05
C PRO A 27 -10.39 -1.96 -7.02
N LEU A 28 -9.24 -1.45 -6.58
CA LEU A 28 -9.05 -0.01 -6.36
C LEU A 28 -9.19 0.77 -7.67
N PHE A 29 -8.49 0.35 -8.75
CA PHE A 29 -8.46 1.09 -10.03
C PHE A 29 -9.62 0.76 -10.97
N GLU A 30 -10.27 -0.40 -10.80
CA GLU A 30 -11.53 -0.72 -11.52
C GLU A 30 -12.58 0.36 -11.18
N LEU A 31 -12.62 0.72 -9.89
CA LEU A 31 -13.56 1.69 -9.34
C LEU A 31 -12.91 3.10 -9.27
N ASN A 32 -11.57 3.13 -9.29
CA ASN A 32 -10.74 4.37 -9.19
C ASN A 32 -10.98 5.11 -7.86
N ILE A 33 -10.88 4.37 -6.73
CA ILE A 33 -11.14 4.91 -5.39
C ILE A 33 -9.94 5.72 -4.87
N VAL A 34 -8.75 5.09 -4.87
CA VAL A 34 -7.54 5.63 -4.20
C VAL A 34 -6.68 6.46 -5.18
N ASP A 35 -6.06 7.55 -4.69
CA ASP A 35 -5.13 8.38 -5.49
C ASP A 35 -3.68 7.90 -5.27
N SER A 36 -2.81 8.35 -6.18
CA SER A 36 -1.40 7.91 -6.23
C SER A 36 -0.60 8.47 -5.03
N ALA A 37 -1.10 9.58 -4.44
CA ALA A 37 -0.51 10.23 -3.25
C ALA A 37 -0.82 9.42 -1.98
N ALA A 38 -2.04 8.83 -1.92
CA ALA A 38 -2.48 8.00 -0.78
C ALA A 38 -1.72 6.66 -0.77
N ILE A 39 -1.29 6.23 -1.99
CA ILE A 39 -0.48 5.02 -2.20
C ILE A 39 0.76 5.05 -1.29
N PHE A 40 1.48 6.21 -1.28
CA PHE A 40 2.72 6.41 -0.50
C PHE A 40 2.53 6.06 0.99
N ASP A 41 1.31 6.26 1.50
CA ASP A 41 0.94 5.95 2.90
C ASP A 41 0.76 4.44 3.09
N LEU A 42 -0.02 3.81 2.16
CA LEU A 42 -0.28 2.34 2.14
C LEU A 42 1.04 1.57 1.95
N VAL A 43 2.00 2.21 1.26
CA VAL A 43 3.36 1.70 1.09
C VAL A 43 4.01 1.61 2.46
N ASP A 44 4.17 2.78 3.09
CA ASP A 44 4.93 2.93 4.34
C ASP A 44 4.44 1.96 5.39
N PHE A 45 3.10 1.80 5.45
CA PHE A 45 2.45 0.93 6.40
C PHE A 45 2.99 -0.51 6.27
N LEU A 46 3.04 -1.01 5.03
CA LEU A 46 3.50 -2.39 4.72
C LEU A 46 5.00 -2.60 5.04
N ARG A 47 5.85 -1.56 4.83
CA ARG A 47 7.32 -1.63 5.12
C ARG A 47 7.59 -1.33 6.61
N GLN A 48 6.62 -0.66 7.27
CA GLN A 48 6.65 -0.36 8.71
C GLN A 48 6.38 -1.64 9.51
N GLU A 49 5.45 -2.46 8.98
CA GLU A 49 5.05 -3.74 9.56
C GLU A 49 6.11 -4.83 9.24
N SER A 50 6.41 -4.99 7.93
CA SER A 50 7.30 -6.07 7.43
C SER A 50 8.80 -5.73 7.61
N LYS A 51 9.10 -4.50 8.07
CA LYS A 51 10.47 -4.04 8.39
C LYS A 51 11.38 -4.08 7.14
N VAL A 52 10.98 -3.31 6.12
CA VAL A 52 11.70 -3.20 4.83
C VAL A 52 11.95 -1.71 4.52
N SER A 53 12.97 -1.43 3.72
CA SER A 53 13.15 -0.12 3.08
C SER A 53 12.78 -0.21 1.59
N ILE A 54 12.02 0.78 1.10
CA ILE A 54 11.54 0.81 -0.29
C ILE A 54 11.87 2.16 -0.92
N GLY A 55 12.09 2.17 -2.25
CA GLY A 55 12.25 3.41 -3.01
C GLY A 55 10.97 3.74 -3.80
N MET A 56 10.91 4.97 -4.36
CA MET A 56 9.73 5.48 -5.09
C MET A 56 9.44 4.71 -6.41
N GLN A 57 10.39 3.82 -6.82
CA GLN A 57 10.27 3.03 -8.05
C GLN A 57 9.29 1.85 -7.87
N GLU A 58 9.31 1.22 -6.68
CA GLU A 58 8.43 0.08 -6.37
C GLU A 58 7.09 0.58 -5.80
N ILE A 59 7.11 1.83 -5.28
CA ILE A 59 5.89 2.59 -4.95
C ILE A 59 5.15 2.88 -6.25
N HIS A 60 4.17 2.04 -6.57
CA HIS A 60 3.32 2.22 -7.75
C HIS A 60 1.86 1.90 -7.45
N PRO A 61 0.91 2.80 -7.82
CA PRO A 61 -0.54 2.52 -7.76
C PRO A 61 -0.95 1.33 -8.66
N ALA A 62 -0.08 1.06 -9.68
CA ALA A 62 -0.19 -0.11 -10.57
C ALA A 62 -0.04 -1.43 -9.77
N ASN A 63 0.91 -1.43 -8.81
CA ASN A 63 1.23 -2.59 -7.97
C ASN A 63 0.32 -2.65 -6.73
N PHE A 64 -0.17 -1.48 -6.28
CA PHE A 64 -1.07 -1.38 -5.11
C PHE A 64 -2.55 -1.38 -5.56
N ALA A 65 -2.82 -1.78 -6.82
CA ALA A 65 -4.18 -1.75 -7.43
C ALA A 65 -5.18 -2.70 -6.72
N THR A 66 -4.65 -3.72 -6.02
CA THR A 66 -5.42 -4.67 -5.18
C THR A 66 -4.53 -5.16 -4.01
N VAL A 67 -5.15 -5.78 -2.98
CA VAL A 67 -4.39 -6.37 -1.84
C VAL A 67 -3.49 -7.52 -2.31
N GLN A 68 -4.02 -8.36 -3.21
CA GLN A 68 -3.32 -9.54 -3.72
C GLN A 68 -2.06 -9.12 -4.49
N SER A 69 -2.14 -7.96 -5.17
CA SER A 69 -1.03 -7.39 -5.95
C SER A 69 0.00 -6.72 -5.01
N MET A 70 -0.49 -5.96 -3.98
CA MET A 70 0.39 -5.16 -3.09
C MET A 70 1.16 -6.07 -2.11
N VAL A 71 0.51 -7.18 -1.66
CA VAL A 71 1.15 -8.18 -0.78
C VAL A 71 2.24 -8.92 -1.56
N ALA A 72 1.88 -9.40 -2.77
CA ALA A 72 2.80 -10.14 -3.64
C ALA A 72 4.02 -9.28 -4.01
N LEU A 73 3.78 -7.96 -4.20
CA LEU A 73 4.81 -6.97 -4.46
C LEU A 73 5.77 -6.90 -3.26
N VAL A 74 5.19 -6.86 -2.04
CA VAL A 74 5.98 -6.87 -0.79
C VAL A 74 6.87 -8.12 -0.74
N GLN A 75 6.29 -9.29 -1.05
CA GLN A 75 7.01 -10.57 -0.97
C GLN A 75 8.13 -10.67 -2.03
N ARG A 76 8.02 -9.87 -3.10
CA ARG A 76 9.03 -9.75 -4.15
C ARG A 76 10.15 -8.77 -3.75
N LEU A 77 9.80 -7.65 -3.07
CA LEU A 77 10.80 -6.67 -2.60
C LEU A 77 11.47 -7.12 -1.29
N LYS A 78 10.87 -8.12 -0.62
CA LYS A 78 11.51 -8.80 0.52
C LYS A 78 12.82 -9.47 0.07
N ALA A 79 12.88 -9.80 -1.25
CA ALA A 79 14.02 -10.47 -1.86
C ALA A 79 15.24 -9.53 -1.96
N HIS A 80 15.03 -8.19 -2.11
CA HIS A 80 16.17 -7.23 -2.07
C HIS A 80 16.61 -7.05 -0.59
N PRO A 81 17.90 -7.34 -0.25
CA PRO A 81 18.40 -7.31 1.15
C PRO A 81 18.20 -5.94 1.85
N GLU A 82 18.52 -4.87 1.11
CA GLU A 82 18.52 -3.50 1.64
C GLU A 82 18.30 -2.50 0.49
N GLN A 83 17.53 -1.44 0.79
CA GLN A 83 17.38 -0.24 -0.08
C GLN A 83 17.48 1.02 0.79
N GLY A 84 18.45 0.97 1.72
CA GLY A 84 18.72 2.08 2.64
C GLY A 84 19.45 3.22 1.92
N GLY A 85 18.68 4.00 1.14
CA GLY A 85 19.23 5.06 0.31
C GLY A 85 19.50 4.57 -1.11
N ALA A 86 18.41 4.33 -1.88
CA ALA A 86 18.47 4.01 -3.32
C ALA A 86 19.00 5.24 -4.09
N ALA A 87 18.71 6.41 -3.54
CA ALA A 87 19.34 7.68 -3.87
C ALA A 87 19.60 8.41 -2.55
N LEU A 88 20.78 9.05 -2.39
CA LEU A 88 21.05 9.84 -1.19
C LEU A 88 20.38 11.22 -1.36
N GLU A 89 19.11 11.29 -0.92
CA GLU A 89 18.31 12.52 -0.92
C GLU A 89 18.11 12.98 0.55
P24 PNS B . 0.94 10.17 -8.31
O25 PNS B . 0.87 9.60 -9.67
O26 PNS B . 1.04 11.66 -8.23
O27 PNS B . 2.16 9.49 -7.49
C28 PNS B . 2.65 8.20 -7.88
C29 PNS B . 4.11 7.93 -7.49
C30 PNS B . 4.52 6.54 -8.00
C31 PNS B . 4.21 7.94 -5.96
C32 PNS B . 5.09 8.96 -8.09
O33 PNS B . 4.89 9.03 -9.52
C34 PNS B . 4.88 10.37 -7.52
O35 PNS B . 4.21 11.24 -8.09
N36 PNS B . 5.57 10.60 -6.41
C37 PNS B . 5.55 11.80 -5.59
C38 PNS B . 6.77 11.86 -4.68
C39 PNS B . 6.57 12.87 -3.58
O40 PNS B . 7.09 14.00 -3.57
N41 PNS B . 5.74 12.38 -2.64
C42 PNS B . 5.27 13.01 -1.42
C43 PNS B . 4.22 12.10 -0.77
S44 PNS B . 2.78 11.91 -1.84
H282 PNS B . 2.54 8.13 -8.96
H281 PNS B . 2.01 7.45 -7.43
H303 PNS B . 3.86 5.79 -7.55
H302 PNS B . 4.40 6.49 -9.07
H301 PNS B . 5.55 6.33 -7.73
H313 PNS B . 5.23 7.75 -5.65
H312 PNS B . 3.58 7.17 -5.53
H311 PNS B . 3.90 8.92 -5.55
H32 PNS B . 6.10 8.65 -7.92
H33 PNS B . 4.13 9.61 -9.69
H36 PNS B . 6.16 9.88 -6.11
H372 PNS B . 5.53 12.68 -6.23
H371 PNS B . 4.65 11.78 -4.99
H382 PNS B . 6.92 10.88 -4.23
H381 PNS B . 7.65 12.12 -5.25
H41 PNS B . 5.38 11.48 -2.81
H422 PNS B . 4.84 13.96 -1.66
H421 PNS B . 6.12 13.14 -0.76
H431 PNS B . 4.65 11.11 -0.63
H432 PNS B . 3.91 12.52 0.17
H44 PNS B . 3.18 11.37 -2.99
N MET A 1 -6.97 -9.06 10.98
CA MET A 1 -7.05 -7.84 11.81
C MET A 1 -6.28 -6.68 11.14
N LEU A 2 -4.96 -6.87 11.01
CA LEU A 2 -3.99 -5.83 10.57
C LEU A 2 -4.33 -5.22 9.20
N GLU A 3 -4.79 -6.06 8.27
CA GLU A 3 -5.01 -5.68 6.87
C GLU A 3 -6.24 -4.73 6.73
N SER A 4 -7.07 -4.66 7.79
CA SER A 4 -8.23 -3.73 7.87
C SER A 4 -7.77 -2.33 8.34
N LYS A 5 -6.62 -2.25 9.06
CA LYS A 5 -6.09 -0.99 9.61
C LYS A 5 -5.59 -0.08 8.47
N LEU A 6 -4.91 -0.65 7.46
CA LEU A 6 -4.38 0.12 6.31
C LEU A 6 -5.54 0.74 5.49
N ILE A 7 -6.69 0.04 5.48
CA ILE A 7 -7.94 0.58 4.91
C ILE A 7 -8.42 1.75 5.76
N ASN A 8 -8.72 1.46 7.05
CA ASN A 8 -9.34 2.41 8.01
C ASN A 8 -8.53 3.72 8.16
N HIS A 9 -7.20 3.60 8.00
CA HIS A 9 -6.25 4.72 8.12
C HIS A 9 -6.65 5.87 7.19
N ILE A 10 -6.61 5.61 5.86
CA ILE A 10 -6.97 6.63 4.87
C ILE A 10 -8.48 6.70 4.64
N ALA A 11 -9.23 5.61 4.95
CA ALA A 11 -10.72 5.62 4.91
C ALA A 11 -11.31 6.78 5.76
N THR A 12 -10.52 7.25 6.74
CA THR A 12 -10.88 8.42 7.59
C THR A 12 -10.96 9.71 6.74
N GLN A 13 -9.94 9.92 5.89
CA GLN A 13 -9.77 11.16 5.09
C GLN A 13 -10.35 10.99 3.66
N PHE A 14 -10.52 9.73 3.23
CA PHE A 14 -10.91 9.37 1.84
C PHE A 14 -12.41 9.09 1.76
N LEU A 15 -12.96 8.48 2.82
CA LEU A 15 -14.35 8.00 2.82
C LEU A 15 -15.13 8.63 3.99
N ASP A 16 -14.61 9.75 4.54
CA ASP A 16 -15.27 10.52 5.62
C ASP A 16 -15.29 9.75 6.96
N GLY A 17 -14.45 8.70 7.06
CA GLY A 17 -14.40 7.83 8.23
C GLY A 17 -15.10 6.49 8.03
N GLU A 18 -15.76 6.30 6.86
CA GLU A 18 -16.54 5.08 6.55
C GLU A 18 -15.59 4.03 5.94
N LYS A 19 -15.83 2.75 6.24
CA LYS A 19 -15.25 1.64 5.47
C LYS A 19 -16.36 0.99 4.63
N ASP A 20 -16.42 1.36 3.35
CA ASP A 20 -17.44 0.88 2.40
C ASP A 20 -16.96 1.20 0.98
N GLY A 21 -16.89 0.18 0.12
CA GLY A 21 -16.38 0.33 -1.24
C GLY A 21 -14.85 0.25 -1.30
N LEU A 22 -14.22 0.20 -0.11
CA LEU A 22 -12.78 0.10 0.06
C LEU A 22 -12.47 -1.00 1.09
N ASP A 23 -11.90 -2.09 0.60
CA ASP A 23 -11.44 -3.23 1.40
C ASP A 23 -10.14 -3.77 0.81
N SER A 24 -9.59 -4.74 1.52
CA SER A 24 -8.42 -5.52 1.11
C SER A 24 -8.69 -6.33 -0.18
N GLN A 25 -9.97 -6.64 -0.40
CA GLN A 25 -10.44 -7.49 -1.52
C GLN A 25 -10.99 -6.65 -2.68
N THR A 26 -10.99 -5.33 -2.52
CA THR A 26 -11.56 -4.38 -3.51
C THR A 26 -10.60 -4.14 -4.70
N PRO A 27 -11.15 -4.06 -5.96
CA PRO A 27 -10.41 -3.54 -7.12
C PRO A 27 -10.23 -2.00 -7.01
N LEU A 28 -9.04 -1.58 -6.58
CA LEU A 28 -8.78 -0.16 -6.24
C LEU A 28 -8.61 0.69 -7.52
N PHE A 29 -8.25 0.03 -8.63
CA PHE A 29 -8.08 0.67 -9.94
C PHE A 29 -9.42 0.79 -10.67
N GLU A 30 -10.18 -0.32 -10.68
CA GLU A 30 -11.48 -0.41 -11.36
C GLU A 30 -12.48 0.59 -10.76
N LEU A 31 -12.48 0.72 -9.43
CA LEU A 31 -13.39 1.63 -8.72
C LEU A 31 -12.72 3.00 -8.48
N ASN A 32 -11.36 3.03 -8.62
CA ASN A 32 -10.54 4.27 -8.54
C ASN A 32 -10.70 4.94 -7.14
N ILE A 33 -10.92 4.10 -6.10
CA ILE A 33 -11.20 4.58 -4.72
C ILE A 33 -9.99 5.31 -4.14
N VAL A 34 -8.82 4.65 -4.18
CA VAL A 34 -7.58 5.23 -3.66
C VAL A 34 -6.88 6.06 -4.77
N ASP A 35 -6.23 7.17 -4.37
CA ASP A 35 -5.49 8.05 -5.27
C ASP A 35 -4.01 7.67 -5.26
N SER A 36 -3.29 8.18 -6.24
CA SER A 36 -1.85 7.96 -6.44
C SER A 36 -1.08 8.50 -5.23
N ALA A 37 -1.47 9.71 -4.75
CA ALA A 37 -0.80 10.40 -3.63
C ALA A 37 -0.94 9.63 -2.28
N ALA A 38 -2.05 8.89 -2.11
CA ALA A 38 -2.34 8.12 -0.88
C ALA A 38 -1.57 6.79 -0.86
N ILE A 39 -1.06 6.37 -2.03
CA ILE A 39 -0.24 5.15 -2.17
C ILE A 39 0.97 5.20 -1.23
N PHE A 40 1.64 6.38 -1.17
CA PHE A 40 2.82 6.61 -0.29
C PHE A 40 2.53 6.24 1.18
N ASP A 41 1.30 6.52 1.62
CA ASP A 41 0.83 6.22 2.99
C ASP A 41 0.67 4.69 3.18
N LEU A 42 -0.01 4.06 2.20
CA LEU A 42 -0.23 2.59 2.20
C LEU A 42 1.10 1.82 2.16
N VAL A 43 2.08 2.41 1.45
CA VAL A 43 3.45 1.91 1.37
C VAL A 43 4.10 1.91 2.76
N ASP A 44 4.01 3.06 3.46
CA ASP A 44 4.64 3.27 4.78
C ASP A 44 4.18 2.22 5.78
N PHE A 45 2.89 1.85 5.67
CA PHE A 45 2.27 0.86 6.52
C PHE A 45 2.90 -0.53 6.27
N LEU A 46 3.08 -0.86 4.97
CA LEU A 46 3.71 -2.12 4.54
C LEU A 46 5.21 -2.16 4.90
N ARG A 47 5.86 -0.98 4.92
CA ARG A 47 7.29 -0.83 5.29
C ARG A 47 7.48 -1.13 6.78
N GLN A 48 6.52 -0.59 7.56
CA GLN A 48 6.45 -0.73 9.03
C GLN A 48 6.38 -2.20 9.44
N GLU A 49 5.46 -2.93 8.80
CA GLU A 49 5.15 -4.33 9.12
C GLU A 49 6.23 -5.28 8.61
N SER A 50 6.65 -5.09 7.36
CA SER A 50 7.62 -5.97 6.70
C SER A 50 9.07 -5.64 7.11
N LYS A 51 9.25 -4.52 7.87
CA LYS A 51 10.55 -4.08 8.42
C LYS A 51 11.57 -3.80 7.28
N VAL A 52 11.07 -3.19 6.18
CA VAL A 52 11.85 -2.98 4.95
C VAL A 52 11.62 -1.55 4.43
N SER A 53 12.64 -1.00 3.76
CA SER A 53 12.56 0.28 3.03
C SER A 53 12.47 0.00 1.52
N ILE A 54 11.79 0.90 0.80
CA ILE A 54 11.45 0.73 -0.63
C ILE A 54 11.83 2.01 -1.43
N GLY A 55 12.12 1.85 -2.74
CA GLY A 55 12.33 2.99 -3.63
C GLY A 55 11.02 3.66 -4.04
N MET A 56 11.06 5.00 -4.24
CA MET A 56 9.89 5.80 -4.69
C MET A 56 9.44 5.40 -6.12
N GLN A 57 10.37 4.81 -6.89
CA GLN A 57 10.12 4.34 -8.27
C GLN A 57 9.22 3.08 -8.29
N GLU A 58 9.14 2.37 -7.15
CA GLU A 58 8.22 1.22 -6.98
C GLU A 58 6.87 1.70 -6.41
N ILE A 59 6.90 2.82 -5.67
CA ILE A 59 5.70 3.46 -5.13
C ILE A 59 4.88 4.11 -6.26
N HIS A 60 4.05 3.30 -6.91
CA HIS A 60 3.03 3.77 -7.85
C HIS A 60 1.78 2.87 -7.70
N PRO A 61 0.55 3.42 -7.97
CA PRO A 61 -0.73 2.69 -7.77
C PRO A 61 -0.92 1.47 -8.69
N ALA A 62 -0.12 1.36 -9.78
CA ALA A 62 -0.18 0.19 -10.71
C ALA A 62 0.22 -1.12 -9.99
N ASN A 63 1.05 -1.01 -8.94
CA ASN A 63 1.42 -2.15 -8.07
C ASN A 63 0.40 -2.30 -6.93
N PHE A 64 -0.22 -1.17 -6.54
CA PHE A 64 -1.18 -1.07 -5.44
C PHE A 64 -2.63 -1.04 -6.01
N ALA A 65 -2.81 -1.68 -7.19
CA ALA A 65 -4.09 -1.76 -7.91
C ALA A 65 -5.15 -2.54 -7.10
N THR A 66 -4.67 -3.43 -6.22
CA THR A 66 -5.45 -4.09 -5.16
C THR A 66 -4.51 -4.25 -3.94
N VAL A 67 -5.07 -4.55 -2.77
CA VAL A 67 -4.27 -4.86 -1.57
C VAL A 67 -3.57 -6.23 -1.72
N GLN A 68 -4.19 -7.11 -2.52
CA GLN A 68 -3.62 -8.41 -2.90
C GLN A 68 -2.31 -8.23 -3.70
N SER A 69 -2.36 -7.35 -4.71
CA SER A 69 -1.20 -7.02 -5.55
C SER A 69 -0.10 -6.32 -4.74
N MET A 70 -0.52 -5.42 -3.80
CA MET A 70 0.42 -4.54 -3.07
C MET A 70 1.21 -5.32 -2.00
N VAL A 71 0.53 -6.28 -1.31
CA VAL A 71 1.17 -7.08 -0.25
C VAL A 71 2.21 -8.04 -0.86
N ALA A 72 1.84 -8.62 -2.02
CA ALA A 72 2.65 -9.63 -2.73
C ALA A 72 3.86 -8.98 -3.42
N LEU A 73 3.72 -7.70 -3.81
CA LEU A 73 4.81 -6.86 -4.34
C LEU A 73 5.92 -6.77 -3.29
N VAL A 74 5.50 -6.45 -2.04
CA VAL A 74 6.42 -6.30 -0.91
C VAL A 74 7.10 -7.65 -0.62
N GLN A 75 6.31 -8.74 -0.64
CA GLN A 75 6.83 -10.12 -0.38
C GLN A 75 7.93 -10.52 -1.40
N ARG A 76 7.87 -9.93 -2.61
CA ARG A 76 8.84 -10.20 -3.70
C ARG A 76 10.17 -9.46 -3.47
N LEU A 77 10.11 -8.17 -3.02
CA LEU A 77 11.33 -7.41 -2.66
C LEU A 77 11.90 -7.91 -1.30
N LYS A 78 11.03 -8.58 -0.50
CA LYS A 78 11.41 -9.25 0.76
C LYS A 78 12.23 -10.52 0.49
N ALA A 79 11.93 -11.17 -0.65
CA ALA A 79 12.65 -12.37 -1.11
C ALA A 79 14.13 -12.01 -1.42
N HIS A 80 14.36 -10.74 -1.76
CA HIS A 80 15.70 -10.18 -1.99
C HIS A 80 16.24 -9.54 -0.70
N PRO A 81 17.60 -9.50 -0.52
CA PRO A 81 18.25 -8.82 0.64
C PRO A 81 17.96 -7.30 0.65
N GLU A 82 18.02 -6.70 -0.54
CA GLU A 82 17.75 -5.27 -0.77
C GLU A 82 17.36 -5.07 -2.23
N GLN A 83 16.11 -4.64 -2.48
CA GLN A 83 15.57 -4.50 -3.84
C GLN A 83 14.48 -3.42 -3.90
N GLY A 84 14.44 -2.70 -5.03
CA GLY A 84 13.48 -1.63 -5.26
C GLY A 84 13.92 -0.73 -6.40
N GLY A 85 13.41 0.52 -6.41
CA GLY A 85 13.79 1.52 -7.39
C GLY A 85 15.11 2.17 -7.04
N ALA A 86 16.22 1.56 -7.48
CA ALA A 86 17.59 2.03 -7.18
C ALA A 86 17.92 3.29 -8.01
N ALA A 87 17.69 4.47 -7.41
CA ALA A 87 17.96 5.78 -8.02
C ALA A 87 19.44 6.15 -7.89
N LEU A 88 19.96 6.89 -8.88
CA LEU A 88 21.35 7.36 -8.89
C LEU A 88 21.58 8.45 -7.82
N GLU A 89 22.76 8.48 -7.20
CA GLU A 89 23.11 9.44 -6.14
C GLU A 89 24.43 10.18 -6.50
P24 PNS B . 1.15 9.11 -8.21
O25 PNS B . 1.58 9.37 -9.60
O26 PNS B . 0.82 10.30 -7.41
O27 PNS B . 2.29 8.23 -7.48
C28 PNS B . 2.40 8.08 -6.08
C29 PNS B . 3.59 8.85 -5.49
C30 PNS B . 4.88 8.30 -6.14
C31 PNS B . 3.65 8.63 -3.98
C32 PNS B . 3.45 10.35 -5.79
O33 PNS B . 2.21 10.86 -5.25
C34 PNS B . 4.62 11.11 -5.14
O35 PNS B . 5.68 11.30 -5.76
N36 PNS B . 4.35 11.54 -3.90
C37 PNS B . 5.23 12.22 -2.97
C38 PNS B . 6.31 13.16 -3.54
C39 PNS B . 7.21 13.63 -2.40
O40 PNS B . 7.46 14.83 -2.19
N41 PNS B . 7.69 12.59 -1.69
C42 PNS B . 8.55 12.62 -0.53
C43 PNS B . 9.21 11.26 -0.34
S44 PNS B . 10.25 10.89 -1.77
H282 PNS B . 2.49 7.03 -5.86
H281 PNS B . 1.48 8.44 -5.64
H303 PNS B . 5.73 8.84 -5.74
H302 PNS B . 4.98 7.25 -5.89
H301 PNS B . 4.83 8.42 -7.21
H313 PNS B . 2.75 9.00 -3.51
H312 PNS B . 4.51 9.17 -3.55
H311 PNS B . 3.76 7.57 -3.76
H32 PNS B . 3.45 10.53 -6.86
H33 PNS B . 1.45 10.43 -5.70
H36 PNS B . 3.44 11.38 -3.58
H372 PNS B . 4.61 12.80 -2.29
H371 PNS B . 5.73 11.45 -2.39
H382 PNS B . 6.91 12.63 -4.28
H381 PNS B . 5.84 14.02 -4.01
H41 PNS B . 7.45 11.70 -2.00
H422 PNS B . 7.95 12.86 0.34
H421 PNS B . 9.31 13.38 -0.67
H431 PNS B . 9.82 11.24 0.55
H432 PNS B . 8.43 10.48 -0.29
H44 PNS B . 11.18 11.84 -1.85
N MET A 1 -8.13 -6.71 11.10
CA MET A 1 -7.81 -5.73 12.14
C MET A 1 -6.64 -4.84 11.69
N LEU A 2 -5.51 -5.48 11.30
CA LEU A 2 -4.26 -4.79 10.92
C LEU A 2 -4.40 -4.09 9.55
N GLU A 3 -4.82 -4.86 8.52
CA GLU A 3 -5.09 -4.31 7.16
C GLU A 3 -6.30 -3.38 7.22
N SER A 4 -7.29 -3.77 8.03
CA SER A 4 -8.50 -2.99 8.30
C SER A 4 -8.14 -1.59 8.86
N LYS A 5 -7.02 -1.52 9.61
CA LYS A 5 -6.53 -0.31 10.28
C LYS A 5 -5.87 0.67 9.29
N LEU A 6 -5.03 0.14 8.36
CA LEU A 6 -4.33 0.98 7.35
C LEU A 6 -5.32 1.56 6.34
N ILE A 7 -6.39 0.78 6.03
CA ILE A 7 -7.50 1.26 5.20
C ILE A 7 -8.23 2.38 5.94
N ASN A 8 -8.68 2.08 7.18
CA ASN A 8 -9.47 3.03 8.01
C ASN A 8 -8.73 4.36 8.23
N HIS A 9 -7.38 4.29 8.24
CA HIS A 9 -6.50 5.45 8.45
C HIS A 9 -6.82 6.56 7.44
N ILE A 10 -6.59 6.30 6.14
CA ILE A 10 -6.88 7.27 5.08
C ILE A 10 -8.38 7.29 4.71
N ALA A 11 -9.11 6.18 4.96
CA ALA A 11 -10.60 6.10 4.78
C ALA A 11 -11.32 7.20 5.59
N THR A 12 -10.65 7.75 6.62
CA THR A 12 -11.18 8.89 7.40
C THR A 12 -11.34 10.13 6.50
N GLN A 13 -10.31 10.40 5.67
CA GLN A 13 -10.28 11.56 4.76
C GLN A 13 -10.72 11.19 3.32
N PHE A 14 -10.68 9.89 3.01
CA PHE A 14 -11.01 9.36 1.67
C PHE A 14 -12.50 9.00 1.58
N LEU A 15 -13.05 8.49 2.69
CA LEU A 15 -14.43 7.92 2.72
C LEU A 15 -15.24 8.44 3.93
N ASP A 16 -14.79 9.57 4.56
CA ASP A 16 -15.52 10.23 5.67
C ASP A 16 -15.50 9.38 6.98
N GLY A 17 -14.60 8.41 7.05
CA GLY A 17 -14.54 7.46 8.19
C GLY A 17 -15.38 6.21 7.98
N GLU A 18 -15.75 5.94 6.70
CA GLU A 18 -16.53 4.74 6.31
C GLU A 18 -15.61 3.79 5.52
N LYS A 19 -15.90 2.47 5.53
CA LYS A 19 -15.25 1.52 4.62
C LYS A 19 -16.23 1.06 3.55
N ASP A 20 -16.06 1.57 2.32
CA ASP A 20 -16.91 1.23 1.17
C ASP A 20 -16.26 1.70 -0.13
N GLY A 21 -16.01 0.74 -1.05
CA GLY A 21 -15.28 0.97 -2.29
C GLY A 21 -13.76 0.83 -2.11
N LEU A 22 -13.31 0.98 -0.86
CA LEU A 22 -11.91 0.88 -0.47
C LEU A 22 -11.79 -0.18 0.63
N ASP A 23 -11.20 -1.30 0.26
CA ASP A 23 -10.90 -2.42 1.13
C ASP A 23 -9.77 -3.24 0.49
N SER A 24 -9.06 -4.03 1.32
CA SER A 24 -7.89 -4.80 0.91
C SER A 24 -8.17 -5.67 -0.34
N GLN A 25 -9.26 -6.44 -0.30
CA GLN A 25 -9.58 -7.41 -1.37
C GLN A 25 -10.55 -6.82 -2.41
N THR A 26 -10.92 -5.56 -2.19
CA THR A 26 -11.69 -4.78 -3.16
C THR A 26 -10.77 -4.34 -4.32
N PRO A 27 -11.26 -4.40 -5.61
CA PRO A 27 -10.52 -3.88 -6.76
C PRO A 27 -10.50 -2.34 -6.75
N LEU A 28 -9.45 -1.78 -6.15
CA LEU A 28 -9.35 -0.33 -5.85
C LEU A 28 -9.35 0.53 -7.13
N PHE A 29 -8.54 0.11 -8.12
CA PHE A 29 -8.38 0.84 -9.41
C PHE A 29 -9.32 0.37 -10.53
N GLU A 30 -9.97 -0.78 -10.35
CA GLU A 30 -11.12 -1.16 -11.22
C GLU A 30 -12.30 -0.20 -10.92
N LEU A 31 -12.50 0.08 -9.63
CA LEU A 31 -13.53 1.01 -9.14
C LEU A 31 -12.96 2.46 -9.06
N ASN A 32 -11.62 2.56 -9.12
CA ASN A 32 -10.85 3.85 -9.18
C ASN A 32 -11.10 4.75 -7.94
N ILE A 33 -11.36 4.11 -6.78
CA ILE A 33 -11.75 4.81 -5.54
C ILE A 33 -10.58 5.60 -4.92
N VAL A 34 -9.45 4.91 -4.70
CA VAL A 34 -8.25 5.51 -4.06
C VAL A 34 -7.34 6.15 -5.12
N ASP A 35 -6.60 7.19 -4.71
CA ASP A 35 -5.66 7.92 -5.57
C ASP A 35 -4.22 7.72 -5.09
N SER A 36 -3.27 8.25 -5.88
CA SER A 36 -1.83 8.07 -5.66
C SER A 36 -1.34 8.77 -4.35
N ALA A 37 -2.07 9.82 -3.91
CA ALA A 37 -1.75 10.58 -2.68
C ALA A 37 -1.72 9.68 -1.42
N ALA A 38 -2.63 8.69 -1.37
CA ALA A 38 -2.76 7.76 -0.23
C ALA A 38 -1.64 6.72 -0.22
N ILE A 39 -1.07 6.43 -1.41
CA ILE A 39 -0.10 5.32 -1.62
C ILE A 39 1.16 5.50 -0.75
N PHE A 40 1.63 6.76 -0.58
CA PHE A 40 2.80 7.06 0.27
C PHE A 40 2.53 6.69 1.76
N ASP A 41 1.26 6.79 2.17
CA ASP A 41 0.82 6.44 3.52
C ASP A 41 0.71 4.91 3.69
N LEU A 42 -0.02 4.29 2.72
CA LEU A 42 -0.31 2.84 2.68
C LEU A 42 0.99 2.01 2.68
N VAL A 43 1.96 2.47 1.87
CA VAL A 43 3.24 1.78 1.70
C VAL A 43 4.05 1.79 3.00
N ASP A 44 4.07 2.94 3.71
CA ASP A 44 4.85 3.12 4.96
C ASP A 44 4.45 2.09 6.00
N PHE A 45 3.13 1.84 6.04
CA PHE A 45 2.55 0.87 6.96
C PHE A 45 3.06 -0.55 6.59
N LEU A 46 3.13 -0.86 5.27
CA LEU A 46 3.66 -2.13 4.76
C LEU A 46 5.18 -2.27 5.04
N ARG A 47 5.91 -1.13 5.13
CA ARG A 47 7.38 -1.14 5.40
C ARG A 47 7.62 -1.53 6.85
N GLN A 48 6.75 -0.96 7.69
CA GLN A 48 6.80 -1.10 9.14
C GLN A 48 6.47 -2.56 9.54
N GLU A 49 5.46 -3.15 8.87
CA GLU A 49 5.01 -4.54 9.14
C GLU A 49 6.02 -5.56 8.60
N SER A 50 6.40 -5.39 7.33
CA SER A 50 7.32 -6.32 6.63
C SER A 50 8.79 -6.08 7.03
N LYS A 51 9.03 -5.02 7.85
CA LYS A 51 10.36 -4.67 8.42
C LYS A 51 11.40 -4.34 7.33
N VAL A 52 10.94 -3.91 6.15
CA VAL A 52 11.79 -3.72 4.96
C VAL A 52 11.48 -2.39 4.26
N SER A 53 12.50 -1.86 3.57
CA SER A 53 12.41 -0.64 2.78
C SER A 53 11.99 -0.96 1.33
N ILE A 54 11.50 0.08 0.63
CA ILE A 54 11.03 -0.03 -0.76
C ILE A 54 11.60 1.12 -1.62
N GLY A 55 11.79 0.85 -2.94
CA GLY A 55 12.11 1.89 -3.91
C GLY A 55 10.87 2.70 -4.28
N MET A 56 11.02 4.03 -4.45
CA MET A 56 9.88 4.93 -4.78
C MET A 56 9.32 4.67 -6.19
N GLN A 57 10.11 3.99 -7.02
CA GLN A 57 9.67 3.48 -8.32
C GLN A 57 8.64 2.36 -8.13
N GLU A 58 8.87 1.52 -7.11
CA GLU A 58 8.01 0.38 -6.75
C GLU A 58 6.74 0.88 -6.03
N ILE A 59 6.86 2.06 -5.39
CA ILE A 59 5.73 2.73 -4.75
C ILE A 59 4.89 3.45 -5.82
N HIS A 60 4.02 2.70 -6.51
CA HIS A 60 3.10 3.26 -7.51
C HIS A 60 1.74 2.56 -7.37
N PRO A 61 0.60 3.32 -7.48
CA PRO A 61 -0.77 2.80 -7.21
C PRO A 61 -1.22 1.60 -8.08
N ALA A 62 -0.58 1.39 -9.25
CA ALA A 62 -0.88 0.24 -10.13
C ALA A 62 -0.42 -1.08 -9.46
N ASN A 63 0.57 -1.00 -8.55
CA ASN A 63 1.02 -2.12 -7.71
C ASN A 63 0.12 -2.23 -6.45
N PHE A 64 -0.42 -1.09 -5.99
CA PHE A 64 -1.28 -1.03 -4.77
C PHE A 64 -2.77 -1.03 -5.15
N ALA A 65 -3.10 -1.52 -6.35
CA ALA A 65 -4.48 -1.53 -6.89
C ALA A 65 -5.37 -2.59 -6.21
N THR A 66 -4.73 -3.54 -5.51
CA THR A 66 -5.38 -4.60 -4.72
C THR A 66 -4.40 -5.06 -3.61
N VAL A 67 -4.91 -5.77 -2.57
CA VAL A 67 -4.05 -6.30 -1.48
C VAL A 67 -3.09 -7.36 -2.01
N GLN A 68 -3.59 -8.24 -2.90
CA GLN A 68 -2.78 -9.34 -3.46
C GLN A 68 -1.68 -8.82 -4.37
N SER A 69 -1.88 -7.62 -4.97
CA SER A 69 -0.87 -7.00 -5.81
C SER A 69 0.20 -6.28 -4.96
N MET A 70 -0.24 -5.53 -3.91
CA MET A 70 0.65 -4.74 -3.03
C MET A 70 1.47 -5.66 -2.11
N VAL A 71 0.83 -6.77 -1.65
CA VAL A 71 1.45 -7.76 -0.74
C VAL A 71 2.50 -8.56 -1.50
N ALA A 72 2.20 -8.83 -2.79
CA ALA A 72 3.06 -9.62 -3.67
C ALA A 72 4.23 -8.79 -4.18
N LEU A 73 3.99 -7.47 -4.37
CA LEU A 73 5.03 -6.49 -4.67
C LEU A 73 6.07 -6.50 -3.55
N VAL A 74 5.57 -6.50 -2.29
CA VAL A 74 6.40 -6.65 -1.10
C VAL A 74 7.15 -8.00 -1.16
N GLN A 75 6.45 -9.08 -1.51
CA GLN A 75 7.03 -10.46 -1.57
C GLN A 75 8.19 -10.56 -2.61
N ARG A 76 8.14 -9.70 -3.66
CA ARG A 76 9.18 -9.66 -4.71
C ARG A 76 10.43 -8.95 -4.20
N LEU A 77 10.23 -7.82 -3.48
CA LEU A 77 11.36 -7.04 -2.90
C LEU A 77 11.91 -7.68 -1.61
N LYS A 78 11.14 -8.60 -1.00
CA LYS A 78 11.59 -9.42 0.16
C LYS A 78 12.73 -10.36 -0.27
N ALA A 79 12.67 -10.78 -1.55
CA ALA A 79 13.73 -11.57 -2.18
C ALA A 79 15.01 -10.74 -2.37
N HIS A 80 14.85 -9.40 -2.37
CA HIS A 80 15.97 -8.43 -2.38
C HIS A 80 16.33 -8.12 -0.91
N PRO A 81 17.60 -8.38 -0.46
CA PRO A 81 18.05 -8.10 0.94
C PRO A 81 17.92 -6.60 1.33
N GLU A 82 18.16 -5.75 0.33
CA GLU A 82 18.08 -4.29 0.47
C GLU A 82 17.73 -3.72 -0.91
N GLN A 83 16.72 -2.85 -0.94
CA GLN A 83 16.36 -2.06 -2.13
C GLN A 83 15.49 -0.87 -1.66
N GLY A 84 15.80 0.34 -2.15
CA GLY A 84 15.07 1.53 -1.77
C GLY A 84 15.80 2.81 -2.12
N GLY A 85 15.41 3.88 -1.43
CA GLY A 85 16.04 5.19 -1.51
C GLY A 85 16.13 5.81 -0.12
N ALA A 86 17.25 6.48 0.19
CA ALA A 86 17.51 7.05 1.53
C ALA A 86 16.71 8.36 1.72
N ALA A 87 15.42 8.20 2.07
CA ALA A 87 14.52 9.32 2.38
C ALA A 87 14.81 9.80 3.81
N LEU A 88 15.79 10.71 3.92
CA LEU A 88 16.25 11.30 5.19
C LEU A 88 16.84 12.71 4.93
N GLU A 89 17.56 13.25 5.93
CA GLU A 89 18.22 14.57 5.86
C GLU A 89 19.24 14.65 4.67
P24 PNS B . 1.48 8.42 -7.68
O25 PNS B . 2.20 7.29 -8.32
O26 PNS B . 1.16 9.57 -8.55
O27 PNS B . 2.28 8.90 -6.38
C28 PNS B . 2.48 7.98 -5.31
C29 PNS B . 3.77 8.28 -4.54
C30 PNS B . 4.95 8.02 -5.49
C31 PNS B . 3.82 7.34 -3.34
C32 PNS B . 3.76 9.72 -4.01
O33 PNS B . 2.58 9.92 -3.19
C34 PNS B . 5.02 10.10 -3.17
O35 PNS B . 6.01 9.37 -3.07
N36 PNS B . 4.94 11.29 -2.56
C37 PNS B . 5.99 11.91 -1.71
C38 PNS B . 7.40 11.96 -2.35
C39 PNS B . 7.42 12.65 -3.72
O40 PNS B . 7.67 13.84 -3.87
N41 PNS B . 7.15 11.80 -4.74
C42 PNS B . 7.07 12.12 -6.18
C43 PNS B . 7.16 10.86 -7.04
S44 PNS B . 7.08 11.28 -8.80
H282 PNS B . 2.49 6.97 -5.70
H281 PNS B . 1.63 8.09 -4.65
H303 PNS B . 5.88 8.23 -4.97
H302 PNS B . 4.95 6.99 -5.81
H301 PNS B . 4.88 8.66 -6.37
H313 PNS B . 2.98 7.52 -2.68
H312 PNS B . 4.75 7.53 -2.78
H311 PNS B . 3.81 6.31 -3.67
H32 PNS B . 3.70 10.41 -4.85
H33 PNS B . 1.79 9.77 -3.73
H36 PNS B . 4.11 11.80 -2.67
H372 PNS B . 5.67 12.90 -1.44
H371 PNS B . 6.07 11.30 -0.80
H382 PNS B . 8.07 12.50 -1.70
H381 PNS B . 7.77 10.95 -2.46
H41 PNS B . 6.98 10.86 -4.51
H422 PNS B . 7.87 12.79 -6.44
H421 PNS B . 6.12 12.60 -6.36
H431 PNS B . 8.10 10.35 -6.86
H432 PNS B . 6.34 10.19 -6.81
H44 PNS B . 7.17 10.17 -9.51
N MET A 1 -5.44 -8.97 12.76
CA MET A 1 -5.79 -8.25 11.52
C MET A 1 -5.59 -6.75 11.74
N LEU A 2 -4.76 -6.13 10.89
CA LEU A 2 -4.54 -4.67 10.87
C LEU A 2 -4.77 -4.14 9.43
N GLU A 3 -5.30 -5.03 8.56
CA GLU A 3 -5.71 -4.70 7.20
C GLU A 3 -6.92 -3.74 7.24
N SER A 4 -7.84 -4.01 8.19
CA SER A 4 -9.03 -3.20 8.44
C SER A 4 -8.62 -1.77 8.90
N LYS A 5 -7.42 -1.68 9.54
CA LYS A 5 -6.91 -0.44 10.12
C LYS A 5 -6.20 0.44 9.07
N LEU A 6 -5.50 -0.19 8.08
CA LEU A 6 -4.86 0.58 6.97
C LEU A 6 -5.92 1.16 6.04
N ILE A 7 -7.04 0.41 5.90
CA ILE A 7 -8.24 0.92 5.22
C ILE A 7 -8.77 2.13 5.98
N ASN A 8 -9.08 1.92 7.28
CA ASN A 8 -9.68 2.96 8.16
C ASN A 8 -8.84 4.24 8.18
N HIS A 9 -7.51 4.07 8.08
CA HIS A 9 -6.54 5.15 8.14
C HIS A 9 -6.83 6.20 7.05
N ILE A 10 -6.74 5.79 5.78
CA ILE A 10 -6.98 6.70 4.64
C ILE A 10 -8.47 6.89 4.35
N ALA A 11 -9.31 5.91 4.78
CA ALA A 11 -10.79 6.01 4.72
C ALA A 11 -11.29 7.26 5.46
N THR A 12 -10.46 7.78 6.39
CA THR A 12 -10.72 9.03 7.11
C THR A 12 -10.78 10.22 6.11
N GLN A 13 -9.75 10.31 5.26
CA GLN A 13 -9.56 11.45 4.33
C GLN A 13 -10.13 11.15 2.94
N PHE A 14 -10.43 9.86 2.67
CA PHE A 14 -10.92 9.37 1.36
C PHE A 14 -12.42 9.08 1.39
N LEU A 15 -12.93 8.59 2.53
CA LEU A 15 -14.33 8.14 2.66
C LEU A 15 -15.05 8.82 3.84
N ASP A 16 -14.51 9.99 4.29
CA ASP A 16 -15.14 10.84 5.35
C ASP A 16 -15.08 10.19 6.74
N GLY A 17 -14.24 9.18 6.91
CA GLY A 17 -14.16 8.41 8.16
C GLY A 17 -15.07 7.19 8.18
N GLU A 18 -15.58 6.79 7.00
CA GLU A 18 -16.45 5.60 6.84
C GLU A 18 -15.64 4.50 6.15
N LYS A 19 -15.90 3.24 6.48
CA LYS A 19 -15.36 2.08 5.74
C LYS A 19 -16.47 1.46 4.91
N ASP A 20 -16.50 1.78 3.62
CA ASP A 20 -17.56 1.33 2.72
C ASP A 20 -17.07 1.39 1.29
N GLY A 21 -17.07 0.22 0.61
CA GLY A 21 -16.70 0.12 -0.80
C GLY A 21 -15.20 -0.03 -1.00
N LEU A 22 -14.42 0.15 0.09
CA LEU A 22 -12.95 0.07 0.09
C LEU A 22 -12.52 -0.96 1.14
N ASP A 23 -12.08 -2.13 0.67
CA ASP A 23 -11.60 -3.25 1.51
C ASP A 23 -10.32 -3.85 0.92
N SER A 24 -9.83 -4.91 1.58
CA SER A 24 -8.68 -5.71 1.12
C SER A 24 -9.02 -6.45 -0.19
N GLN A 25 -10.24 -7.02 -0.25
CA GLN A 25 -10.72 -7.82 -1.38
C GLN A 25 -11.26 -6.95 -2.53
N THR A 26 -11.38 -5.64 -2.26
CA THR A 26 -11.86 -4.66 -3.22
C THR A 26 -10.81 -4.39 -4.33
N PRO A 27 -11.25 -4.30 -5.62
CA PRO A 27 -10.39 -3.84 -6.72
C PRO A 27 -10.24 -2.30 -6.70
N LEU A 28 -9.05 -1.83 -6.28
CA LEU A 28 -8.79 -0.39 -6.04
C LEU A 28 -8.72 0.39 -7.37
N PHE A 29 -8.25 -0.29 -8.43
CA PHE A 29 -8.09 0.31 -9.79
C PHE A 29 -9.33 0.14 -10.66
N GLU A 30 -10.07 -0.97 -10.49
CA GLU A 30 -11.34 -1.20 -11.21
C GLU A 30 -12.38 -0.12 -10.82
N LEU A 31 -12.41 0.21 -9.51
CA LEU A 31 -13.32 1.24 -8.98
C LEU A 31 -12.65 2.62 -8.95
N ASN A 32 -11.29 2.64 -9.02
CA ASN A 32 -10.47 3.87 -9.05
C ASN A 32 -10.65 4.70 -7.76
N ILE A 33 -10.67 4.02 -6.59
CA ILE A 33 -10.90 4.69 -5.30
C ILE A 33 -9.62 5.38 -4.79
N VAL A 34 -8.50 4.62 -4.71
CA VAL A 34 -7.25 5.14 -4.14
C VAL A 34 -6.44 5.90 -5.20
N ASP A 35 -5.76 6.99 -4.77
CA ASP A 35 -4.91 7.81 -5.64
C ASP A 35 -3.43 7.47 -5.46
N SER A 36 -2.62 7.92 -6.43
CA SER A 36 -1.16 7.88 -6.41
C SER A 36 -0.63 8.58 -5.14
N ALA A 37 -1.19 9.76 -4.84
CA ALA A 37 -0.79 10.61 -3.70
C ALA A 37 -1.02 9.91 -2.33
N ALA A 38 -1.97 8.95 -2.27
CA ALA A 38 -2.34 8.26 -1.01
C ALA A 38 -1.40 7.09 -0.71
N ILE A 39 -0.77 6.55 -1.77
CA ILE A 39 0.07 5.32 -1.67
C ILE A 39 1.31 5.55 -0.76
N PHE A 40 1.77 6.81 -0.67
CA PHE A 40 2.89 7.23 0.21
C PHE A 40 2.55 6.99 1.69
N ASP A 41 1.25 7.00 2.01
CA ASP A 41 0.76 6.66 3.35
C ASP A 41 0.70 5.12 3.52
N LEU A 42 0.09 4.45 2.52
CA LEU A 42 -0.13 2.98 2.53
C LEU A 42 1.18 2.18 2.66
N VAL A 43 2.29 2.73 2.09
CA VAL A 43 3.60 2.05 2.14
C VAL A 43 4.10 1.94 3.57
N ASP A 44 4.19 3.06 4.31
CA ASP A 44 4.80 3.08 5.66
C ASP A 44 4.02 2.19 6.65
N PHE A 45 2.76 1.86 6.31
CA PHE A 45 1.96 0.87 7.05
C PHE A 45 2.45 -0.57 6.71
N LEU A 46 2.56 -0.90 5.39
CA LEU A 46 3.02 -2.24 4.92
C LEU A 46 4.49 -2.52 5.33
N ARG A 47 5.31 -1.46 5.38
CA ARG A 47 6.74 -1.54 5.74
C ARG A 47 6.91 -1.51 7.26
N GLN A 48 5.88 -1.02 7.97
CA GLN A 48 5.75 -1.18 9.44
C GLN A 48 5.41 -2.65 9.77
N GLU A 49 4.59 -3.29 8.93
CA GLU A 49 4.22 -4.70 9.09
C GLU A 49 5.42 -5.60 8.79
N SER A 50 5.97 -5.40 7.60
CA SER A 50 7.07 -6.22 7.04
C SER A 50 8.45 -5.82 7.58
N LYS A 51 8.50 -4.67 8.29
CA LYS A 51 9.72 -4.13 8.94
C LYS A 51 10.84 -3.82 7.92
N VAL A 52 10.44 -3.54 6.66
CA VAL A 52 11.37 -3.27 5.54
C VAL A 52 11.30 -1.79 5.13
N SER A 53 12.22 -1.37 4.25
CA SER A 53 12.13 -0.10 3.51
C SER A 53 11.84 -0.36 2.02
N ILE A 54 11.22 0.63 1.34
CA ILE A 54 10.94 0.58 -0.11
C ILE A 54 11.38 1.91 -0.77
N GLY A 55 11.77 1.86 -2.06
CA GLY A 55 12.12 3.05 -2.84
C GLY A 55 10.92 3.62 -3.60
N MET A 56 10.93 4.95 -3.84
CA MET A 56 9.79 5.72 -4.47
C MET A 56 9.42 5.19 -5.87
N GLN A 57 10.40 4.55 -6.54
CA GLN A 57 10.22 3.96 -7.88
C GLN A 57 9.29 2.73 -7.81
N GLU A 58 9.45 1.93 -6.74
CA GLU A 58 8.65 0.72 -6.49
C GLU A 58 7.32 1.09 -5.80
N ILE A 59 7.29 2.29 -5.19
CA ILE A 59 6.05 2.85 -4.63
C ILE A 59 5.20 3.42 -5.77
N HIS A 60 4.33 2.60 -6.34
CA HIS A 60 3.33 3.06 -7.31
C HIS A 60 2.00 2.31 -7.09
N PRO A 61 0.83 2.99 -7.30
CA PRO A 61 -0.51 2.34 -7.22
C PRO A 61 -0.71 1.24 -8.28
N ALA A 62 0.17 1.22 -9.31
CA ALA A 62 0.25 0.13 -10.30
C ALA A 62 0.51 -1.23 -9.60
N ASN A 63 1.31 -1.18 -8.50
CA ASN A 63 1.63 -2.34 -7.65
C ASN A 63 0.61 -2.47 -6.51
N PHE A 64 0.00 -1.34 -6.11
CA PHE A 64 -1.05 -1.29 -5.05
C PHE A 64 -2.46 -1.28 -5.70
N ALA A 65 -2.58 -1.83 -6.92
CA ALA A 65 -3.85 -1.91 -7.68
C ALA A 65 -4.91 -2.72 -6.91
N THR A 66 -4.43 -3.70 -6.14
CA THR A 66 -5.23 -4.52 -5.21
C THR A 66 -4.31 -4.94 -4.04
N VAL A 67 -4.90 -5.48 -2.97
CA VAL A 67 -4.12 -6.01 -1.83
C VAL A 67 -3.38 -7.30 -2.20
N GLN A 68 -3.94 -8.10 -3.13
CA GLN A 68 -3.25 -9.30 -3.65
C GLN A 68 -1.96 -8.89 -4.43
N SER A 69 -2.04 -7.74 -5.14
CA SER A 69 -0.90 -7.19 -5.90
C SER A 69 0.17 -6.59 -4.95
N MET A 70 -0.29 -5.80 -3.95
CA MET A 70 0.59 -5.04 -3.05
C MET A 70 1.30 -5.99 -2.06
N VAL A 71 0.62 -7.10 -1.69
CA VAL A 71 1.16 -8.14 -0.77
C VAL A 71 2.35 -8.84 -1.43
N ALA A 72 2.22 -9.00 -2.75
CA ALA A 72 3.13 -9.77 -3.59
C ALA A 72 4.33 -8.92 -4.00
N LEU A 73 4.12 -7.59 -4.07
CA LEU A 73 5.17 -6.60 -4.27
C LEU A 73 6.15 -6.67 -3.08
N VAL A 74 5.57 -6.80 -1.86
CA VAL A 74 6.35 -6.94 -0.62
C VAL A 74 7.24 -8.19 -0.70
N GLN A 75 6.63 -9.30 -1.15
CA GLN A 75 7.31 -10.61 -1.28
C GLN A 75 8.48 -10.56 -2.30
N ARG A 76 8.35 -9.65 -3.30
CA ARG A 76 9.39 -9.44 -4.34
C ARG A 76 10.58 -8.65 -3.76
N LEU A 77 10.31 -7.54 -3.03
CA LEU A 77 11.38 -6.71 -2.43
C LEU A 77 11.99 -7.37 -1.18
N LYS A 78 11.34 -8.42 -0.66
CA LYS A 78 11.94 -9.30 0.35
C LYS A 78 13.11 -10.07 -0.28
N ALA A 79 12.92 -10.45 -1.55
CA ALA A 79 13.89 -11.26 -2.32
C ALA A 79 14.83 -10.36 -3.17
N HIS A 80 14.76 -9.02 -2.94
CA HIS A 80 15.47 -7.99 -3.75
C HIS A 80 17.00 -8.27 -3.93
N PRO A 81 17.51 -8.40 -5.19
CA PRO A 81 18.97 -8.50 -5.44
C PRO A 81 19.69 -7.17 -5.09
N GLU A 82 18.98 -6.04 -5.30
CA GLU A 82 19.45 -4.69 -4.98
C GLU A 82 18.31 -3.68 -5.19
N GLN A 83 17.62 -3.32 -4.09
CA GLN A 83 16.53 -2.31 -4.10
C GLN A 83 16.32 -1.73 -2.70
N GLY A 84 16.66 -0.46 -2.52
CA GLY A 84 16.40 0.27 -1.28
C GLY A 84 15.83 1.65 -1.55
N GLY A 85 16.46 2.34 -2.53
CA GLY A 85 16.10 3.70 -2.89
C GLY A 85 16.36 4.68 -1.76
N ALA A 86 15.49 5.69 -1.65
CA ALA A 86 15.50 6.68 -0.57
C ALA A 86 14.17 7.43 -0.60
N ALA A 87 13.35 7.24 0.44
CA ALA A 87 12.07 7.94 0.61
C ALA A 87 12.15 8.79 1.88
N LEU A 88 12.30 10.12 1.71
CA LEU A 88 12.36 11.05 2.85
C LEU A 88 10.94 11.24 3.41
N GLU A 89 10.77 10.82 4.67
CA GLU A 89 9.50 10.88 5.39
C GLU A 89 9.79 11.54 6.76
P24 PNS B . 1.96 8.45 -8.29
O25 PNS B . 1.65 7.03 -8.62
O26 PNS B . 2.44 9.29 -9.41
O27 PNS B . 3.02 8.48 -7.10
C28 PNS B . 2.86 7.65 -5.97
C29 PNS B . 3.55 8.24 -4.73
C30 PNS B . 3.22 7.34 -3.53
C31 PNS B . 2.99 9.64 -4.42
C32 PNS B . 5.07 8.33 -4.88
O33 PNS B . 5.62 7.01 -4.98
C34 PNS B . 5.63 9.18 -6.05
O35 PNS B . 5.07 10.21 -6.48
N36 PNS B . 6.80 8.73 -6.52
C37 PNS B . 7.60 9.32 -7.63
C38 PNS B . 7.88 10.82 -7.46
C39 PNS B . 8.61 11.15 -6.15
O40 PNS B . 9.83 11.00 -6.06
N41 PNS B . 7.85 11.60 -5.14
C42 PNS B . 8.34 11.97 -3.79
C43 PNS B . 7.22 11.96 -2.75
S44 PNS B . 5.91 13.10 -3.21
H282 PNS B . 3.30 6.68 -6.20
H281 PNS B . 1.80 7.52 -5.77
H303 PNS B . 3.69 7.74 -2.63
H302 PNS B . 2.14 7.31 -3.36
H301 PNS B . 3.59 6.34 -3.71
H313 PNS B . 1.92 9.59 -4.27
H312 PNS B . 3.18 10.29 -5.28
H311 PNS B . 3.47 10.06 -3.54
H32 PNS B . 5.48 8.76 -3.96
H33 PNS B . 5.26 6.58 -5.77
H36 PNS B . 7.18 7.94 -6.09
H372 PNS B . 8.55 8.78 -7.68
H371 PNS B . 7.07 9.16 -8.55
H382 PNS B . 8.49 11.17 -8.29
H381 PNS B . 6.93 11.35 -7.47
H41 PNS B . 6.88 11.67 -5.29
H422 PNS B . 8.76 12.97 -3.85
H421 PNS B . 9.12 11.28 -3.50
H431 PNS B . 6.81 10.95 -2.68
H432 PNS B . 7.62 12.26 -1.79
H44 PNS B . 6.42 14.31 -3.29
N MET A 1 -6.77 -7.40 12.95
CA MET A 1 -7.37 -6.13 12.48
C MET A 1 -6.43 -5.40 11.49
N LEU A 2 -5.44 -6.13 10.96
CA LEU A 2 -4.33 -5.58 10.16
C LEU A 2 -4.82 -4.75 8.95
N GLU A 3 -5.69 -5.36 8.13
CA GLU A 3 -6.28 -4.71 6.95
C GLU A 3 -7.17 -3.51 7.38
N SER A 4 -7.93 -3.72 8.47
CA SER A 4 -8.84 -2.70 9.03
C SER A 4 -8.07 -1.40 9.40
N LYS A 5 -6.79 -1.55 9.80
CA LYS A 5 -5.94 -0.43 10.23
C LYS A 5 -5.53 0.45 9.03
N LEU A 6 -4.97 -0.19 7.95
CA LEU A 6 -4.45 0.53 6.76
C LEU A 6 -5.61 1.22 6.01
N ILE A 7 -6.79 0.56 6.00
CA ILE A 7 -8.01 1.09 5.38
C ILE A 7 -8.49 2.31 6.18
N ASN A 8 -8.78 2.10 7.50
CA ASN A 8 -9.35 3.14 8.40
C ASN A 8 -8.54 4.45 8.32
N HIS A 9 -7.21 4.31 8.14
CA HIS A 9 -6.26 5.45 8.12
C HIS A 9 -6.68 6.53 7.10
N ILE A 10 -6.61 6.18 5.80
CA ILE A 10 -6.97 7.10 4.72
C ILE A 10 -8.48 7.12 4.46
N ALA A 11 -9.21 6.03 4.81
CA ALA A 11 -10.70 5.97 4.74
C ALA A 11 -11.35 7.12 5.52
N THR A 12 -10.61 7.71 6.48
CA THR A 12 -11.05 8.88 7.24
C THR A 12 -11.26 10.09 6.29
N GLN A 13 -10.27 10.31 5.40
CA GLN A 13 -10.26 11.44 4.46
C GLN A 13 -10.82 11.03 3.08
N PHE A 14 -10.85 9.73 2.79
CA PHE A 14 -11.23 9.19 1.46
C PHE A 14 -12.71 8.80 1.44
N LEU A 15 -13.22 8.28 2.57
CA LEU A 15 -14.60 7.73 2.66
C LEU A 15 -15.36 8.37 3.85
N ASP A 16 -14.85 9.50 4.38
CA ASP A 16 -15.48 10.27 5.50
C ASP A 16 -15.44 9.49 6.85
N GLY A 17 -14.52 8.53 6.95
CA GLY A 17 -14.38 7.68 8.14
C GLY A 17 -15.10 6.33 8.00
N GLU A 18 -15.77 6.13 6.87
CA GLU A 18 -16.55 4.92 6.58
C GLU A 18 -15.64 3.91 5.86
N LYS A 19 -15.91 2.61 6.03
CA LYS A 19 -15.26 1.53 5.23
C LYS A 19 -16.27 0.99 4.22
N ASP A 20 -16.11 1.39 2.95
CA ASP A 20 -17.02 1.02 1.86
C ASP A 20 -16.39 1.33 0.51
N GLY A 21 -16.33 0.32 -0.37
CA GLY A 21 -15.69 0.45 -1.69
C GLY A 21 -14.18 0.26 -1.63
N LEU A 22 -13.64 0.24 -0.39
CA LEU A 22 -12.21 0.14 -0.12
C LEU A 22 -12.00 -0.97 0.91
N ASP A 23 -11.48 -2.09 0.43
CA ASP A 23 -11.07 -3.25 1.25
C ASP A 23 -9.77 -3.83 0.69
N SER A 24 -9.28 -4.86 1.38
CA SER A 24 -8.05 -5.54 1.03
C SER A 24 -8.12 -6.23 -0.35
N GLN A 25 -9.22 -6.91 -0.57
CA GLN A 25 -9.43 -7.76 -1.75
C GLN A 25 -10.14 -6.99 -2.89
N THR A 26 -10.70 -5.82 -2.55
CA THR A 26 -11.44 -4.95 -3.47
C THR A 26 -10.50 -4.33 -4.54
N PRO A 27 -10.93 -4.30 -5.86
CA PRO A 27 -10.15 -3.65 -6.93
C PRO A 27 -10.13 -2.11 -6.77
N LEU A 28 -8.99 -1.58 -6.31
CA LEU A 28 -8.84 -0.15 -6.03
C LEU A 28 -8.72 0.62 -7.35
N PHE A 29 -8.19 -0.07 -8.37
CA PHE A 29 -7.97 0.49 -9.71
C PHE A 29 -9.27 0.55 -10.51
N GLU A 30 -10.04 -0.57 -10.47
CA GLU A 30 -11.29 -0.70 -11.22
C GLU A 30 -12.33 0.29 -10.70
N LEU A 31 -12.36 0.46 -9.37
CA LEU A 31 -13.33 1.34 -8.69
C LEU A 31 -12.77 2.77 -8.51
N ASN A 32 -11.47 2.93 -8.84
CA ASN A 32 -10.77 4.25 -8.88
C ASN A 32 -10.69 4.90 -7.49
N ILE A 33 -10.81 4.09 -6.43
CA ILE A 33 -10.98 4.57 -5.04
C ILE A 33 -9.77 5.39 -4.57
N VAL A 34 -8.58 4.77 -4.67
CA VAL A 34 -7.36 5.30 -4.05
C VAL A 34 -6.56 6.16 -5.06
N ASP A 35 -5.97 7.25 -4.55
CA ASP A 35 -5.09 8.13 -5.32
C ASP A 35 -3.64 7.74 -5.14
N SER A 36 -2.79 8.25 -6.04
CA SER A 36 -1.35 7.97 -6.05
C SER A 36 -0.64 8.55 -4.79
N ALA A 37 -1.25 9.61 -4.24
CA ALA A 37 -0.77 10.31 -3.04
C ALA A 37 -1.01 9.47 -1.76
N ALA A 38 -2.10 8.68 -1.77
CA ALA A 38 -2.44 7.78 -0.66
C ALA A 38 -1.63 6.47 -0.75
N ILE A 39 -1.08 6.18 -1.96
CA ILE A 39 -0.19 5.02 -2.17
C ILE A 39 1.05 5.14 -1.26
N PHE A 40 1.63 6.37 -1.21
CA PHE A 40 2.82 6.66 -0.37
C PHE A 40 2.50 6.46 1.13
N ASP A 41 1.22 6.61 1.51
CA ASP A 41 0.77 6.34 2.89
C ASP A 41 0.70 4.82 3.12
N LEU A 42 0.15 4.09 2.12
CA LEU A 42 -0.04 2.62 2.18
C LEU A 42 1.30 1.88 2.27
N VAL A 43 2.35 2.44 1.61
CA VAL A 43 3.69 1.83 1.60
C VAL A 43 4.28 1.78 3.01
N ASP A 44 4.05 2.85 3.80
CA ASP A 44 4.61 3.03 5.15
C ASP A 44 4.10 1.93 6.07
N PHE A 45 2.82 1.58 5.88
CA PHE A 45 2.16 0.56 6.68
C PHE A 45 2.76 -0.82 6.38
N LEU A 46 2.99 -1.11 5.08
CA LEU A 46 3.60 -2.38 4.61
C LEU A 46 5.06 -2.50 5.09
N ARG A 47 5.76 -1.36 5.16
CA ARG A 47 7.14 -1.27 5.65
C ARG A 47 7.21 -1.58 7.15
N GLN A 48 6.16 -1.14 7.85
CA GLN A 48 6.03 -1.25 9.31
C GLN A 48 5.87 -2.72 9.71
N GLU A 49 4.98 -3.41 9.00
CA GLU A 49 4.61 -4.80 9.30
C GLU A 49 5.65 -5.78 8.74
N SER A 50 5.92 -5.67 7.43
CA SER A 50 6.78 -6.62 6.69
C SER A 50 8.29 -6.32 6.85
N LYS A 51 8.63 -5.32 7.71
CA LYS A 51 10.00 -5.09 8.21
C LYS A 51 11.00 -4.74 7.08
N VAL A 52 10.53 -3.95 6.10
CA VAL A 52 11.30 -3.65 4.87
C VAL A 52 11.17 -2.16 4.52
N SER A 53 12.14 -1.65 3.75
CA SER A 53 12.12 -0.30 3.17
C SER A 53 11.74 -0.40 1.69
N ILE A 54 11.01 0.60 1.18
CA ILE A 54 10.65 0.71 -0.25
C ILE A 54 11.05 2.10 -0.75
N GLY A 55 11.46 2.18 -2.02
CA GLY A 55 11.79 3.43 -2.66
C GLY A 55 10.64 3.94 -3.54
N MET A 56 10.64 5.25 -3.85
CA MET A 56 9.53 5.91 -4.58
C MET A 56 9.43 5.44 -6.06
N GLN A 57 10.41 4.65 -6.53
CA GLN A 57 10.39 4.04 -7.87
C GLN A 57 9.45 2.81 -7.89
N GLU A 58 9.42 2.05 -6.78
CA GLU A 58 8.52 0.89 -6.63
C GLU A 58 7.14 1.36 -6.13
N ILE A 59 7.13 2.53 -5.43
CA ILE A 59 5.88 3.20 -5.01
C ILE A 59 5.18 3.73 -6.27
N HIS A 60 4.32 2.91 -6.88
CA HIS A 60 3.39 3.36 -7.92
C HIS A 60 2.09 2.55 -7.80
N PRO A 61 0.89 3.15 -8.13
CA PRO A 61 -0.44 2.54 -7.87
C PRO A 61 -0.70 1.24 -8.68
N ALA A 62 0.07 1.00 -9.77
CA ALA A 62 -0.06 -0.22 -10.61
C ALA A 62 0.16 -1.51 -9.77
N ASN A 63 1.11 -1.41 -8.81
CA ASN A 63 1.45 -2.52 -7.90
C ASN A 63 0.50 -2.56 -6.70
N PHE A 64 -0.05 -1.39 -6.36
CA PHE A 64 -0.98 -1.20 -5.24
C PHE A 64 -2.44 -1.18 -5.75
N ALA A 65 -2.66 -1.81 -6.93
CA ALA A 65 -3.97 -1.93 -7.60
C ALA A 65 -5.04 -2.58 -6.70
N THR A 66 -4.58 -3.49 -5.81
CA THR A 66 -5.35 -4.04 -4.69
C THR A 66 -4.38 -4.19 -3.50
N VAL A 67 -4.91 -4.41 -2.29
CA VAL A 67 -4.07 -4.72 -1.12
C VAL A 67 -3.50 -6.16 -1.23
N GLN A 68 -4.22 -7.02 -1.96
CA GLN A 68 -3.72 -8.37 -2.31
C GLN A 68 -2.46 -8.25 -3.20
N SER A 69 -2.52 -7.34 -4.19
CA SER A 69 -1.41 -7.09 -5.13
C SER A 69 -0.21 -6.45 -4.41
N MET A 70 -0.51 -5.48 -3.50
CA MET A 70 0.51 -4.68 -2.83
C MET A 70 1.22 -5.49 -1.75
N VAL A 71 0.47 -6.41 -1.06
CA VAL A 71 1.01 -7.28 0.00
C VAL A 71 2.00 -8.27 -0.63
N ALA A 72 1.63 -8.72 -1.83
CA ALA A 72 2.34 -9.75 -2.59
C ALA A 72 3.56 -9.15 -3.27
N LEU A 73 3.44 -7.85 -3.67
CA LEU A 73 4.54 -7.04 -4.20
C LEU A 73 5.65 -6.97 -3.15
N VAL A 74 5.25 -6.69 -1.90
CA VAL A 74 6.17 -6.59 -0.78
C VAL A 74 6.96 -7.89 -0.65
N GLN A 75 6.27 -9.04 -0.67
CA GLN A 75 6.90 -10.37 -0.53
C GLN A 75 7.93 -10.64 -1.66
N ARG A 76 7.69 -10.00 -2.83
CA ARG A 76 8.63 -10.07 -3.99
C ARG A 76 9.90 -9.24 -3.70
N LEU A 77 9.72 -7.94 -3.32
CA LEU A 77 10.86 -7.02 -3.04
C LEU A 77 11.57 -7.39 -1.72
N LYS A 78 10.93 -8.22 -0.87
CA LYS A 78 11.53 -8.75 0.37
C LYS A 78 12.78 -9.59 0.06
N ALA A 79 12.76 -10.22 -1.12
CA ALA A 79 13.83 -11.11 -1.61
C ALA A 79 14.84 -10.34 -2.49
N HIS A 80 14.79 -8.97 -2.50
CA HIS A 80 15.73 -8.13 -3.29
C HIS A 80 17.21 -8.48 -2.97
N PRO A 81 18.11 -8.52 -3.99
CA PRO A 81 19.57 -8.74 -3.77
C PRO A 81 20.20 -7.61 -2.94
N GLU A 82 19.76 -6.39 -3.24
CA GLU A 82 20.29 -5.15 -2.68
C GLU A 82 19.20 -4.06 -2.75
N GLN A 83 19.53 -2.87 -2.24
CA GLN A 83 18.71 -1.65 -2.36
C GLN A 83 19.61 -0.42 -2.18
N GLY A 84 18.98 0.76 -2.29
CA GLY A 84 19.68 2.04 -2.08
C GLY A 84 18.94 2.88 -1.06
N GLY A 85 18.38 4.02 -1.48
CA GLY A 85 17.63 4.92 -0.60
C GLY A 85 18.55 5.88 0.15
N ALA A 86 19.39 5.32 1.02
CA ALA A 86 20.40 6.07 1.79
C ALA A 86 21.71 6.20 0.98
N ALA A 87 22.60 7.10 1.42
CA ALA A 87 23.90 7.35 0.77
C ALA A 87 24.96 7.54 1.86
N LEU A 88 25.63 6.42 2.23
CA LEU A 88 26.72 6.40 3.24
C LEU A 88 27.81 7.43 2.89
N GLU A 89 28.17 8.26 3.87
CA GLU A 89 29.10 9.38 3.68
C GLU A 89 30.56 8.97 3.97
P24 PNS B . 0.72 10.56 -8.19
O25 PNS B . 0.52 10.05 -9.57
O26 PNS B . 0.65 12.02 -8.02
O27 PNS B . 2.12 10.02 -7.62
C28 PNS B . 2.58 8.74 -8.06
C29 PNS B . 4.03 8.42 -7.68
C30 PNS B . 4.35 7.02 -8.21
C31 PNS B . 4.13 8.39 -6.14
C32 PNS B . 5.03 9.41 -8.29
O33 PNS B . 4.84 9.48 -9.72
C34 PNS B . 4.90 10.83 -7.72
O35 PNS B . 4.27 11.72 -8.30
N36 PNS B . 5.58 10.99 -6.59
C37 PNS B . 5.65 12.17 -5.75
C38 PNS B . 4.65 11.93 -4.60
C39 PNS B . 4.61 12.99 -3.53
O40 PNS B . 4.56 14.19 -3.82
N41 PNS B . 4.61 12.50 -2.30
C42 PNS B . 4.57 13.24 -1.06
C43 PNS B . 5.08 12.36 0.06
S44 PNS B . 6.76 11.82 -0.29
H282 PNS B . 2.45 8.68 -9.13
H281 PNS B . 1.92 8.00 -7.60
H303 PNS B . 3.67 6.29 -7.76
H302 PNS B . 4.23 6.98 -9.29
H301 PNS B . 5.37 6.76 -7.95
H313 PNS B . 5.14 8.15 -5.84
H312 PNS B . 3.47 7.63 -5.73
H311 PNS B . 3.85 9.36 -5.72
H32 PNS B . 6.04 9.07 -8.12
H33 PNS B . 3.99 9.90 -9.90
H36 PNS B . 6.13 10.24 -6.30
H372 PNS B . 6.65 12.26 -5.36
H371 PNS B . 5.39 13.05 -6.32
H382 PNS B . 3.66 11.85 -5.02
H381 PNS B . 4.91 10.98 -4.14
H41 PNS B . 4.63 11.52 -2.21
H422 PNS B . 3.56 13.54 -0.87
H421 PNS B . 5.20 14.12 -1.16
H431 PNS B . 5.06 12.89 1.00
H432 PNS B . 4.46 11.45 0.12
H44 PNS B . 7.52 12.90 -0.37
#